data_3OBU
# 
_entry.id   3OBU 
# 
_audit_conform.dict_name       mmcif_pdbx.dic 
_audit_conform.dict_version    5.379 
_audit_conform.dict_location   http://mmcif.pdb.org/dictionaries/ascii/mmcif_pdbx.dic 
# 
loop_
_database_2.database_id 
_database_2.database_code 
_database_2.pdbx_database_accession 
_database_2.pdbx_DOI 
PDB   3OBU         pdb_00003obu 10.2210/pdb3obu/pdb 
RCSB  RCSB060918   ?            ?                   
WWPDB D_1000060918 ?            ?                   
# 
loop_
_pdbx_database_related.db_name 
_pdbx_database_related.db_id 
_pdbx_database_related.details 
_pdbx_database_related.content_type 
PDB 1M4Q 'NMR structure of the same protein complex'                                           unspecified 
PDB 3OBQ 'Crystal structure of the Tsg101 UEV domain in complex with a human HRS PSAP peptide' unspecified 
PDB 3OBS .                                                                                     unspecified 
PDB 3OBX .                                                                                     unspecified 
# 
_pdbx_database_status.status_code                     REL 
_pdbx_database_status.entry_id                        3OBU 
_pdbx_database_status.recvd_initial_deposition_date   2010-08-09 
_pdbx_database_status.deposit_site                    RCSB 
_pdbx_database_status.process_site                    RCSB 
_pdbx_database_status.status_code_sf                  REL 
_pdbx_database_status.status_code_mr                  ? 
_pdbx_database_status.SG_entry                        ? 
_pdbx_database_status.pdb_format_compatible           Y 
_pdbx_database_status.status_code_cs                  ? 
_pdbx_database_status.status_code_nmr_data            ? 
_pdbx_database_status.methods_development_category    ? 
# 
loop_
_audit_author.name 
_audit_author.pdbx_ordinal 
'Im, Y.J.'     1 
'Hurley, J.H.' 2 
# 
_citation.id                        primary 
_citation.title                     'Crystallographic and Functional Analysis of the ESCRT-I /HIV-1 Gag PTAP Interaction.' 
_citation.journal_abbrev            Structure 
_citation.journal_volume            18 
_citation.page_first                1536 
_citation.page_last                 1547 
_citation.year                      2010 
_citation.journal_id_ASTM           STRUE6 
_citation.country                   UK 
_citation.journal_id_ISSN           0969-2126 
_citation.journal_id_CSD            2005 
_citation.book_publisher            ? 
_citation.pdbx_database_id_PubMed   21070952 
_citation.pdbx_database_id_DOI      10.1016/j.str.2010.08.010 
# 
loop_
_citation_author.citation_id 
_citation_author.name 
_citation_author.ordinal 
_citation_author.identifier_ORCID 
primary 'Im, Y.J.'         1  ? 
primary 'Kuo, L.'          2  ? 
primary 'Ren, X.'          3  ? 
primary 'Burgos, P.V.'     4  ? 
primary 'Zhao, X.Z.'       5  ? 
primary 'Liu, F.'          6  ? 
primary 'Burke, T.R.'      7  ? 
primary 'Bonifacino, J.S.' 8  ? 
primary 'Freed, E.O.'      9  ? 
primary 'Hurley, J.H.'     10 ? 
# 
_cell.entry_id           3OBU 
_cell.length_a           33.526 
_cell.length_b           45.769 
_cell.length_c           85.446 
_cell.angle_alpha        90.00 
_cell.angle_beta         90.00 
_cell.angle_gamma        90.00 
_cell.Z_PDB              4 
_cell.pdbx_unique_axis   ? 
_cell.length_a_esd       ? 
_cell.length_b_esd       ? 
_cell.length_c_esd       ? 
_cell.angle_alpha_esd    ? 
_cell.angle_beta_esd     ? 
_cell.angle_gamma_esd    ? 
# 
_symmetry.entry_id                         3OBU 
_symmetry.space_group_name_H-M             'P 21 21 21' 
_symmetry.pdbx_full_space_group_name_H-M   ? 
_symmetry.cell_setting                     ? 
_symmetry.Int_Tables_number                19 
_symmetry.space_group_name_Hall            ? 
# 
loop_
_entity.id 
_entity.type 
_entity.src_method 
_entity.pdbx_description 
_entity.formula_weight 
_entity.pdbx_number_of_molecules 
_entity.pdbx_ec 
_entity.pdbx_mutation 
_entity.pdbx_fragment 
_entity.details 
1 polymer man 'Tumor susceptibility gene 101 protein' 16501.195 1   ? '43VFNDGS48 -> GTG' 
'N-terminal UEV domain (UNP residues 2 to 145)' ? 
2 polymer syn 'Gag polyprotein'                       965.997   1   ? ?                   'HIV-1 Gag PTAP motif (5-13)' ? 
3 water   nat water                                   18.015    156 ? ?                   ? ? 
# 
_entity_name_com.entity_id   1 
_entity_name_com.name        'ESCRT-I complex subunit TSG101' 
# 
loop_
_entity_poly.entity_id 
_entity_poly.type 
_entity_poly.nstd_linkage 
_entity_poly.nstd_monomer 
_entity_poly.pdbx_seq_one_letter_code 
_entity_poly.pdbx_seq_one_letter_code_can 
_entity_poly.pdbx_strand_id 
_entity_poly.pdbx_target_identifier 
1 'polypeptide(L)' no no 
;GAMGSAVSESQLKKMVSKYKYRDLTVRETVNVITLYKDLKPVLDSYGTGSRELMNLTGTIPVPYRGNTYNIPICLWLLDT
YPYNPPICFVKPTSSMTIKTGKHVDANGKIYLPYLHEWKHPQSDLLGLIQVMIVVFGDEPPVFSRP
;
;GAMGSAVSESQLKKMVSKYKYRDLTVRETVNVITLYKDLKPVLDSYGTGSRELMNLTGTIPVPYRGNTYNIPICLWLLDT
YPYNPPICFVKPTSSMTIKTGKHVDANGKIYLPYLHEWKHPQSDLLGLIQVMIVVFGDEPPVFSRP
;
A ? 
2 'polypeptide(L)' no no PEPTAPPEE PEPTAPPEE B ? 
# 
loop_
_entity_poly_seq.entity_id 
_entity_poly_seq.num 
_entity_poly_seq.mon_id 
_entity_poly_seq.hetero 
1 1   GLY n 
1 2   ALA n 
1 3   MET n 
1 4   GLY n 
1 5   SER n 
1 6   ALA n 
1 7   VAL n 
1 8   SER n 
1 9   GLU n 
1 10  SER n 
1 11  GLN n 
1 12  LEU n 
1 13  LYS n 
1 14  LYS n 
1 15  MET n 
1 16  VAL n 
1 17  SER n 
1 18  LYS n 
1 19  TYR n 
1 20  LYS n 
1 21  TYR n 
1 22  ARG n 
1 23  ASP n 
1 24  LEU n 
1 25  THR n 
1 26  VAL n 
1 27  ARG n 
1 28  GLU n 
1 29  THR n 
1 30  VAL n 
1 31  ASN n 
1 32  VAL n 
1 33  ILE n 
1 34  THR n 
1 35  LEU n 
1 36  TYR n 
1 37  LYS n 
1 38  ASP n 
1 39  LEU n 
1 40  LYS n 
1 41  PRO n 
1 42  VAL n 
1 43  LEU n 
1 44  ASP n 
1 45  SER n 
1 46  TYR n 
1 47  GLY n 
1 48  THR n 
1 49  GLY n 
1 50  SER n 
1 51  ARG n 
1 52  GLU n 
1 53  LEU n 
1 54  MET n 
1 55  ASN n 
1 56  LEU n 
1 57  THR n 
1 58  GLY n 
1 59  THR n 
1 60  ILE n 
1 61  PRO n 
1 62  VAL n 
1 63  PRO n 
1 64  TYR n 
1 65  ARG n 
1 66  GLY n 
1 67  ASN n 
1 68  THR n 
1 69  TYR n 
1 70  ASN n 
1 71  ILE n 
1 72  PRO n 
1 73  ILE n 
1 74  CYS n 
1 75  LEU n 
1 76  TRP n 
1 77  LEU n 
1 78  LEU n 
1 79  ASP n 
1 80  THR n 
1 81  TYR n 
1 82  PRO n 
1 83  TYR n 
1 84  ASN n 
1 85  PRO n 
1 86  PRO n 
1 87  ILE n 
1 88  CYS n 
1 89  PHE n 
1 90  VAL n 
1 91  LYS n 
1 92  PRO n 
1 93  THR n 
1 94  SER n 
1 95  SER n 
1 96  MET n 
1 97  THR n 
1 98  ILE n 
1 99  LYS n 
1 100 THR n 
1 101 GLY n 
1 102 LYS n 
1 103 HIS n 
1 104 VAL n 
1 105 ASP n 
1 106 ALA n 
1 107 ASN n 
1 108 GLY n 
1 109 LYS n 
1 110 ILE n 
1 111 TYR n 
1 112 LEU n 
1 113 PRO n 
1 114 TYR n 
1 115 LEU n 
1 116 HIS n 
1 117 GLU n 
1 118 TRP n 
1 119 LYS n 
1 120 HIS n 
1 121 PRO n 
1 122 GLN n 
1 123 SER n 
1 124 ASP n 
1 125 LEU n 
1 126 LEU n 
1 127 GLY n 
1 128 LEU n 
1 129 ILE n 
1 130 GLN n 
1 131 VAL n 
1 132 MET n 
1 133 ILE n 
1 134 VAL n 
1 135 VAL n 
1 136 PHE n 
1 137 GLY n 
1 138 ASP n 
1 139 GLU n 
1 140 PRO n 
1 141 PRO n 
1 142 VAL n 
1 143 PHE n 
1 144 SER n 
1 145 ARG n 
1 146 PRO n 
2 1   PRO n 
2 2   GLU n 
2 3   PRO n 
2 4   THR n 
2 5   ALA n 
2 6   PRO n 
2 7   PRO n 
2 8   GLU n 
2 9   GLU n 
# 
_entity_src_gen.entity_id                          1 
_entity_src_gen.pdbx_src_id                        1 
_entity_src_gen.pdbx_alt_source_flag               sample 
_entity_src_gen.pdbx_seq_type                      ? 
_entity_src_gen.pdbx_beg_seq_num                   ? 
_entity_src_gen.pdbx_end_seq_num                   ? 
_entity_src_gen.gene_src_common_name               human 
_entity_src_gen.gene_src_genus                     ? 
_entity_src_gen.pdbx_gene_src_gene                 TSG101 
_entity_src_gen.gene_src_species                   ? 
_entity_src_gen.gene_src_strain                    ? 
_entity_src_gen.gene_src_tissue                    ? 
_entity_src_gen.gene_src_tissue_fraction           ? 
_entity_src_gen.gene_src_details                   ? 
_entity_src_gen.pdbx_gene_src_fragment             ? 
_entity_src_gen.pdbx_gene_src_scientific_name      'Homo sapiens' 
_entity_src_gen.pdbx_gene_src_ncbi_taxonomy_id     9606 
_entity_src_gen.pdbx_gene_src_variant              ? 
_entity_src_gen.pdbx_gene_src_cell_line            ? 
_entity_src_gen.pdbx_gene_src_atcc                 ? 
_entity_src_gen.pdbx_gene_src_organ                ? 
_entity_src_gen.pdbx_gene_src_organelle            ? 
_entity_src_gen.pdbx_gene_src_cell                 ? 
_entity_src_gen.pdbx_gene_src_cellular_location    ? 
_entity_src_gen.host_org_common_name               ? 
_entity_src_gen.pdbx_host_org_scientific_name      'Escherichia coli' 
_entity_src_gen.pdbx_host_org_ncbi_taxonomy_id     562 
_entity_src_gen.host_org_genus                     ? 
_entity_src_gen.pdbx_host_org_gene                 ? 
_entity_src_gen.pdbx_host_org_organ                ? 
_entity_src_gen.host_org_species                   ? 
_entity_src_gen.pdbx_host_org_tissue               ? 
_entity_src_gen.pdbx_host_org_tissue_fraction      ? 
_entity_src_gen.pdbx_host_org_strain               'BL21(DE3) star' 
_entity_src_gen.pdbx_host_org_variant              ? 
_entity_src_gen.pdbx_host_org_cell_line            ? 
_entity_src_gen.pdbx_host_org_atcc                 ? 
_entity_src_gen.pdbx_host_org_culture_collection   ? 
_entity_src_gen.pdbx_host_org_cell                 ? 
_entity_src_gen.pdbx_host_org_organelle            ? 
_entity_src_gen.pdbx_host_org_cellular_location    ? 
_entity_src_gen.pdbx_host_org_vector_type          plasmid 
_entity_src_gen.pdbx_host_org_vector               ? 
_entity_src_gen.host_org_details                   ? 
_entity_src_gen.expression_system_id               ? 
_entity_src_gen.plasmid_name                       pGST2 
_entity_src_gen.plasmid_details                    ? 
_entity_src_gen.pdbx_description                   ? 
# 
_pdbx_entity_src_syn.entity_id              2 
_pdbx_entity_src_syn.pdbx_src_id            1 
_pdbx_entity_src_syn.pdbx_alt_source_flag   sample 
_pdbx_entity_src_syn.pdbx_beg_seq_num       ? 
_pdbx_entity_src_syn.pdbx_end_seq_num       ? 
_pdbx_entity_src_syn.organism_scientific    ? 
_pdbx_entity_src_syn.organism_common_name   ? 
_pdbx_entity_src_syn.ncbi_taxonomy_id       ? 
_pdbx_entity_src_syn.details                'This sequence occurs naturally in human immunodeficiency virus type 1.' 
# 
loop_
_struct_ref.id 
_struct_ref.db_name 
_struct_ref.db_code 
_struct_ref.pdbx_db_accession 
_struct_ref.entity_id 
_struct_ref.pdbx_seq_one_letter_code 
_struct_ref.pdbx_align_begin 
_struct_ref.pdbx_db_isoform 
1 UNP TS101_HUMAN  Q99816 1 
;AVSESQLKKMVSKYKYRDLTVRETVNVITLYKDLKPVLDSYVFNDGSSRELMNLTGTIPVPYRGNTYNIPICLWLLDTYP
YNPPICFVKPTSSMTIKTGKHVDANGKIYLPYLHEWKHPQSDLLGLIQVMIVVFGDEPPVFSRP
;
2   ? 
2 UNP Q72497_9HIV1 Q72497 2 PEPTAPPEE 453 ? 
# 
loop_
_struct_ref_seq.align_id 
_struct_ref_seq.ref_id 
_struct_ref_seq.pdbx_PDB_id_code 
_struct_ref_seq.pdbx_strand_id 
_struct_ref_seq.seq_align_beg 
_struct_ref_seq.pdbx_seq_align_beg_ins_code 
_struct_ref_seq.seq_align_end 
_struct_ref_seq.pdbx_seq_align_end_ins_code 
_struct_ref_seq.pdbx_db_accession 
_struct_ref_seq.db_align_beg 
_struct_ref_seq.pdbx_db_align_beg_ins_code 
_struct_ref_seq.db_align_end 
_struct_ref_seq.pdbx_db_align_end_ins_code 
_struct_ref_seq.pdbx_auth_seq_align_beg 
_struct_ref_seq.pdbx_auth_seq_align_end 
1 1 3OBU A 6 ? 146 ? Q99816 2   ? 145 ? 2 145 
2 2 3OBU B 1 ? 9   ? Q72497 453 ? 461 ? 5 13  
# 
loop_
_struct_ref_seq_dif.align_id 
_struct_ref_seq_dif.pdbx_pdb_id_code 
_struct_ref_seq_dif.mon_id 
_struct_ref_seq_dif.pdbx_pdb_strand_id 
_struct_ref_seq_dif.seq_num 
_struct_ref_seq_dif.pdbx_pdb_ins_code 
_struct_ref_seq_dif.pdbx_seq_db_name 
_struct_ref_seq_dif.pdbx_seq_db_accession_code 
_struct_ref_seq_dif.db_mon_id 
_struct_ref_seq_dif.pdbx_seq_db_seq_num 
_struct_ref_seq_dif.details 
_struct_ref_seq_dif.pdbx_auth_seq_num 
_struct_ref_seq_dif.pdbx_ordinal 
1 3OBU GLY A 1 ? UNP Q99816 ?   ?  'expression tag' -3 1  
1 3OBU ALA A 2 ? UNP Q99816 ?   ?  'expression tag' -2 2  
1 3OBU MET A 3 ? UNP Q99816 ?   ?  'expression tag' -1 3  
1 3OBU GLY A 4 ? UNP Q99816 ?   ?  'expression tag' 0  4  
1 3OBU SER A 5 ? UNP Q99816 ?   ?  'expression tag' 1  5  
1 3OBU ?   A ? ? UNP Q99816 VAL 43 'SEE REMARK 999' ?  6  
1 3OBU ?   A ? ? UNP Q99816 PHE 44 'SEE REMARK 999' ?  7  
1 3OBU ?   A ? ? UNP Q99816 ASN 45 'SEE REMARK 999' ?  8  
1 3OBU ?   A ? ? UNP Q99816 ASP 46 'SEE REMARK 999' ?  9  
1 3OBU ?   A ? ? UNP Q99816 GLY 47 'SEE REMARK 999' ?  10 
1 3OBU ?   A ? ? UNP Q99816 SER 48 'SEE REMARK 999' ?  11 
# 
loop_
_chem_comp.id 
_chem_comp.type 
_chem_comp.mon_nstd_flag 
_chem_comp.name 
_chem_comp.pdbx_synonyms 
_chem_comp.formula 
_chem_comp.formula_weight 
ALA 'L-peptide linking' y ALANINE         ? 'C3 H7 N O2'     89.093  
ARG 'L-peptide linking' y ARGININE        ? 'C6 H15 N4 O2 1' 175.209 
ASN 'L-peptide linking' y ASPARAGINE      ? 'C4 H8 N2 O3'    132.118 
ASP 'L-peptide linking' y 'ASPARTIC ACID' ? 'C4 H7 N O4'     133.103 
CYS 'L-peptide linking' y CYSTEINE        ? 'C3 H7 N O2 S'   121.158 
GLN 'L-peptide linking' y GLUTAMINE       ? 'C5 H10 N2 O3'   146.144 
GLU 'L-peptide linking' y 'GLUTAMIC ACID' ? 'C5 H9 N O4'     147.129 
GLY 'peptide linking'   y GLYCINE         ? 'C2 H5 N O2'     75.067  
HIS 'L-peptide linking' y HISTIDINE       ? 'C6 H10 N3 O2 1' 156.162 
HOH non-polymer         . WATER           ? 'H2 O'           18.015  
ILE 'L-peptide linking' y ISOLEUCINE      ? 'C6 H13 N O2'    131.173 
LEU 'L-peptide linking' y LEUCINE         ? 'C6 H13 N O2'    131.173 
LYS 'L-peptide linking' y LYSINE          ? 'C6 H15 N2 O2 1' 147.195 
MET 'L-peptide linking' y METHIONINE      ? 'C5 H11 N O2 S'  149.211 
PHE 'L-peptide linking' y PHENYLALANINE   ? 'C9 H11 N O2'    165.189 
PRO 'L-peptide linking' y PROLINE         ? 'C5 H9 N O2'     115.130 
SER 'L-peptide linking' y SERINE          ? 'C3 H7 N O3'     105.093 
THR 'L-peptide linking' y THREONINE       ? 'C4 H9 N O3'     119.119 
TRP 'L-peptide linking' y TRYPTOPHAN      ? 'C11 H12 N2 O2'  204.225 
TYR 'L-peptide linking' y TYROSINE        ? 'C9 H11 N O3'    181.189 
VAL 'L-peptide linking' y VALINE          ? 'C5 H11 N O2'    117.146 
# 
_exptl.entry_id          3OBU 
_exptl.method            'X-RAY DIFFRACTION' 
_exptl.crystals_number   1 
# 
_exptl_crystal.id                    1 
_exptl_crystal.density_meas          ? 
_exptl_crystal.density_Matthews      1.88 
_exptl_crystal.density_percent_sol   34.45 
_exptl_crystal.description           ? 
_exptl_crystal.F_000                 ? 
_exptl_crystal.preparation           ? 
# 
_exptl_crystal_grow.crystal_id      1 
_exptl_crystal_grow.method          'VAPOR DIFFUSION, HANGING DROP' 
_exptl_crystal_grow.temp            298 
_exptl_crystal_grow.temp_details    ? 
_exptl_crystal_grow.pH              7.5 
_exptl_crystal_grow.pdbx_details    
'0.1M HEPES-NaOH (pH7.5), 25% PEG 3350, 0.2M Sodium Nitrate, VAPOR DIFFUSION, HANGING DROP, temperature 298K' 
_exptl_crystal_grow.pdbx_pH_range   ? 
# 
_diffrn.id                     1 
_diffrn.ambient_temp           100 
_diffrn.ambient_temp_details   ? 
_diffrn.crystal_id             1 
# 
_diffrn_detector.diffrn_id              1 
_diffrn_detector.detector               CCD 
_diffrn_detector.type                   'MARMOSAIC 300 mm CCD' 
_diffrn_detector.pdbx_collection_date   2010-08-07 
_diffrn_detector.details                mirrors 
# 
_diffrn_radiation.diffrn_id                        1 
_diffrn_radiation.wavelength_id                    1 
_diffrn_radiation.pdbx_monochromatic_or_laue_m_l   M 
_diffrn_radiation.monochromator                    'Si 111 CHANNEL' 
_diffrn_radiation.pdbx_diffrn_protocol             'SINGLE WAVELENGTH' 
_diffrn_radiation.pdbx_scattering_type             x-ray 
# 
_diffrn_radiation_wavelength.id           1 
_diffrn_radiation_wavelength.wavelength   1.0000 
_diffrn_radiation_wavelength.wt           1.0 
# 
_diffrn_source.diffrn_id                   1 
_diffrn_source.source                      SYNCHROTRON 
_diffrn_source.type                        'APS BEAMLINE 22-BM' 
_diffrn_source.pdbx_synchrotron_site       APS 
_diffrn_source.pdbx_synchrotron_beamline   22-BM 
_diffrn_source.pdbx_wavelength             ? 
_diffrn_source.pdbx_wavelength_list        1.0000 
# 
_reflns.entry_id                     3OBU 
_reflns.observed_criterion_sigma_I   3 
_reflns.observed_criterion_sigma_F   3 
_reflns.d_resolution_low             50 
_reflns.d_resolution_high            1.6 
_reflns.number_obs                   17689 
_reflns.number_all                   18250 
_reflns.percent_possible_obs         98.8 
_reflns.pdbx_Rmerge_I_obs            0.076 
_reflns.pdbx_netI_over_sigmaI        30.4 
_reflns.B_iso_Wilson_estimate        14.8 
_reflns.pdbx_redundancy              6.6 
_reflns.R_free_details               ? 
_reflns.limit_h_max                  ? 
_reflns.limit_h_min                  ? 
_reflns.limit_k_max                  ? 
_reflns.limit_k_min                  ? 
_reflns.limit_l_max                  ? 
_reflns.limit_l_min                  ? 
_reflns.observed_criterion_F_max     ? 
_reflns.observed_criterion_F_min     ? 
_reflns.pdbx_chi_squared             ? 
_reflns.pdbx_scaling_rejects         ? 
_reflns.pdbx_Rsym_value              ? 
_reflns.pdbx_diffrn_id               1 
_reflns.pdbx_ordinal                 1 
# 
_reflns_shell.d_res_high             1.60 
_reflns_shell.d_res_low              1.63 
_reflns_shell.percent_possible_all   93.5 
_reflns_shell.Rmerge_I_obs           0.328 
_reflns_shell.meanI_over_sigI_obs    4.1 
_reflns_shell.pdbx_redundancy        4.9 
_reflns_shell.percent_possible_obs   ? 
_reflns_shell.number_unique_all      799 
_reflns_shell.number_measured_all    ? 
_reflns_shell.number_measured_obs    ? 
_reflns_shell.number_unique_obs      ? 
_reflns_shell.pdbx_chi_squared       ? 
_reflns_shell.pdbx_Rsym_value        ? 
_reflns_shell.pdbx_diffrn_id         ? 
_reflns_shell.pdbx_ordinal           1 
# 
_refine.entry_id                                 3OBU 
_refine.ls_number_reflns_obs                     17646 
_refine.ls_number_reflns_all                     18540 
_refine.pdbx_ls_sigma_I                          ? 
_refine.pdbx_ls_sigma_F                          0.0 
_refine.pdbx_data_cutoff_high_absF               874513.60 
_refine.pdbx_data_cutoff_low_absF                0.000000 
_refine.pdbx_data_cutoff_high_rms_absF           ? 
_refine.ls_d_res_low                             42.72 
_refine.ls_d_res_high                            1.60 
_refine.ls_percent_reflns_obs                    98.1 
_refine.ls_R_factor_obs                          0.199 
_refine.ls_R_factor_all                          0.21 
_refine.ls_R_factor_R_work                       0.199 
_refine.ls_R_factor_R_free                       0.236 
_refine.ls_R_factor_R_free_error                 0.008 
_refine.ls_R_factor_R_free_error_details         ? 
_refine.ls_percent_reflns_R_free                 5.1 
_refine.ls_number_reflns_R_free                  894 
_refine.ls_number_parameters                     ? 
_refine.ls_number_restraints                     ? 
_refine.occupancy_min                            ? 
_refine.occupancy_max                            ? 
_refine.correlation_coeff_Fo_to_Fc               ? 
_refine.correlation_coeff_Fo_to_Fc_free          ? 
_refine.B_iso_mean                               17.8 
_refine.aniso_B[1][1]                            -0.58 
_refine.aniso_B[2][2]                            -4.41 
_refine.aniso_B[3][3]                            5.00 
_refine.aniso_B[1][2]                            0.00 
_refine.aniso_B[1][3]                            0.00 
_refine.aniso_B[2][3]                            0.00 
_refine.solvent_model_details                    'FLAT MODEL' 
_refine.solvent_model_param_ksol                 0.358431 
_refine.solvent_model_param_bsol                 39.613 
_refine.pdbx_solvent_vdw_probe_radii             ? 
_refine.pdbx_solvent_ion_probe_radii             ? 
_refine.pdbx_solvent_shrinkage_radii             ? 
_refine.pdbx_ls_cross_valid_method               THROUGHOUT 
_refine.details                                  ? 
_refine.pdbx_starting_model                      'PDB ENTRY 2F0R' 
_refine.pdbx_method_to_determine_struct          'MOLECULAR REPLACEMENT' 
_refine.pdbx_isotropic_thermal_model             RESTRAINED 
_refine.pdbx_stereochemistry_target_values       'Engh & Huber' 
_refine.pdbx_stereochem_target_val_spec_case     ? 
_refine.pdbx_R_Free_selection_details            RANDOM 
_refine.pdbx_overall_ESU_R_Free                  ? 
_refine.overall_SU_ML                            ? 
_refine.overall_SU_B                             ? 
_refine.overall_SU_R_Cruickshank_DPI             ? 
_refine.ls_redundancy_reflns_obs                 ? 
_refine.B_iso_min                                ? 
_refine.B_iso_max                                ? 
_refine.overall_SU_R_free                        ? 
_refine.ls_wR_factor_R_free                      ? 
_refine.ls_wR_factor_R_work                      ? 
_refine.overall_FOM_free_R_set                   ? 
_refine.overall_FOM_work_R_set                   ? 
_refine.pdbx_overall_phase_error                 ? 
_refine.pdbx_refine_id                           'X-RAY DIFFRACTION' 
_refine.pdbx_overall_ESU_R                       ? 
_refine.pdbx_diffrn_id                           1 
_refine.pdbx_TLS_residual_ADP_flag               ? 
_refine.pdbx_overall_SU_R_free_Cruickshank_DPI   ? 
_refine.pdbx_overall_SU_R_Blow_DPI               ? 
_refine.pdbx_overall_SU_R_free_Blow_DPI          ? 
# 
_refine_analyze.entry_id                        3OBU 
_refine_analyze.Luzzati_coordinate_error_obs    0.18 
_refine_analyze.Luzzati_sigma_a_obs             0.08 
_refine_analyze.Luzzati_d_res_low_obs           5.00 
_refine_analyze.Luzzati_coordinate_error_free   0.22 
_refine_analyze.Luzzati_sigma_a_free            0.11 
_refine_analyze.Luzzati_d_res_low_free          ? 
_refine_analyze.number_disordered_residues      ? 
_refine_analyze.occupancy_sum_hydrogen          ? 
_refine_analyze.occupancy_sum_non_hydrogen      ? 
_refine_analyze.pdbx_Luzzati_d_res_high_obs     ? 
_refine_analyze.pdbx_refine_id                  'X-RAY DIFFRACTION' 
# 
_refine_hist.pdbx_refine_id                   'X-RAY DIFFRACTION' 
_refine_hist.cycle_id                         LAST 
_refine_hist.pdbx_number_atoms_protein        1207 
_refine_hist.pdbx_number_atoms_nucleic_acid   0 
_refine_hist.pdbx_number_atoms_ligand         0 
_refine_hist.number_atoms_solvent             156 
_refine_hist.number_atoms_total               1363 
_refine_hist.d_res_high                       1.60 
_refine_hist.d_res_low                        42.72 
# 
loop_
_refine_ls_restr.type 
_refine_ls_restr.dev_ideal 
_refine_ls_restr.dev_ideal_target 
_refine_ls_restr.weight 
_refine_ls_restr.number 
_refine_ls_restr.pdbx_refine_id 
_refine_ls_restr.pdbx_restraint_function 
c_bond_d                0.005 ? ? ? 'X-RAY DIFFRACTION' ? 
c_bond_d_na             ?     ? ? ? 'X-RAY DIFFRACTION' ? 
c_bond_d_prot           ?     ? ? ? 'X-RAY DIFFRACTION' ? 
c_angle_d               ?     ? ? ? 'X-RAY DIFFRACTION' ? 
c_angle_d_na            ?     ? ? ? 'X-RAY DIFFRACTION' ? 
c_angle_d_prot          ?     ? ? ? 'X-RAY DIFFRACTION' ? 
c_angle_deg             1.3   ? ? ? 'X-RAY DIFFRACTION' ? 
c_angle_deg_na          ?     ? ? ? 'X-RAY DIFFRACTION' ? 
c_angle_deg_prot        ?     ? ? ? 'X-RAY DIFFRACTION' ? 
c_dihedral_angle_d      23.9  ? ? ? 'X-RAY DIFFRACTION' ? 
c_dihedral_angle_d_na   ?     ? ? ? 'X-RAY DIFFRACTION' ? 
c_dihedral_angle_d_prot ?     ? ? ? 'X-RAY DIFFRACTION' ? 
c_improper_angle_d      0.96  ? ? ? 'X-RAY DIFFRACTION' ? 
c_improper_angle_d_na   ?     ? ? ? 'X-RAY DIFFRACTION' ? 
c_improper_angle_d_prot ?     ? ? ? 'X-RAY DIFFRACTION' ? 
c_mcbond_it             ?     ? ? ? 'X-RAY DIFFRACTION' ? 
c_mcangle_it            ?     ? ? ? 'X-RAY DIFFRACTION' ? 
c_scbond_it             ?     ? ? ? 'X-RAY DIFFRACTION' ? 
c_scangle_it            ?     ? ? ? 'X-RAY DIFFRACTION' ? 
# 
_refine_ls_restr_ncs.pdbx_refine_id      'X-RAY DIFFRACTION' 
_refine_ls_restr_ncs.dom_id              1 
_refine_ls_restr_ncs.ncs_model_details   NONE 
_refine_ls_restr_ncs.rms_dev_position    ? 
_refine_ls_restr_ncs.weight_position     ? 
_refine_ls_restr_ncs.rms_dev_B_iso       ? 
_refine_ls_restr_ncs.weight_B_iso        ? 
_refine_ls_restr_ncs.pdbx_ordinal        1 
_refine_ls_restr_ncs.pdbx_type           . 
_refine_ls_restr_ncs.pdbx_auth_asym_id   . 
_refine_ls_restr_ncs.pdbx_ens_id         1 
_refine_ls_restr_ncs.pdbx_number         ? 
_refine_ls_restr_ncs.pdbx_asym_id        ? 
_refine_ls_restr_ncs.pdbx_rms            ? 
_refine_ls_restr_ncs.pdbx_weight         ? 
# 
_refine_ls_shell.pdbx_total_number_of_bins_used   6 
_refine_ls_shell.d_res_high                       1.60 
_refine_ls_shell.d_res_low                        1.70 
_refine_ls_shell.number_reflns_R_work             2549 
_refine_ls_shell.R_factor_R_work                  0.239 
_refine_ls_shell.percent_reflns_obs               91.5 
_refine_ls_shell.R_factor_R_free                  0.277 
_refine_ls_shell.R_factor_R_free_error            0.024 
_refine_ls_shell.percent_reflns_R_free            5.2 
_refine_ls_shell.number_reflns_R_free             139 
_refine_ls_shell.number_reflns_all                ? 
_refine_ls_shell.R_factor_all                     ? 
_refine_ls_shell.number_reflns_obs                ? 
_refine_ls_shell.redundancy_reflns_obs            ? 
_refine_ls_shell.pdbx_refine_id                   'X-RAY DIFFRACTION' 
# 
loop_
_pdbx_xplor_file.serial_no 
_pdbx_xplor_file.param_file 
_pdbx_xplor_file.topol_file 
_pdbx_xplor_file.pdbx_refine_id 
1 protein_rep.param protein.top   'X-RAY DIFFRACTION' 
2 water_rep.param   water_rep.top 'X-RAY DIFFRACTION' 
# 
_struct_ncs_dom.id            1 
_struct_ncs_dom.details       ? 
_struct_ncs_dom.pdbx_ens_id   1 
# 
_struct_ncs_ens.id        1 
_struct_ncs_ens.details   ? 
# 
_struct.entry_id                  3OBU 
_struct.title                     'Crystal structure of the Tsg101 UEV domain in complex with a HIV-1 PTAP peptide' 
_struct.pdbx_model_details        ? 
_struct.pdbx_CASP_flag            N 
_struct.pdbx_model_type_details   ? 
# 
_struct_keywords.entry_id        3OBU 
_struct_keywords.pdbx_keywords   'PROTEIN TRANSPORT' 
_struct_keywords.text            'Protein tranport, ubiquitin, HIV-1 Gag, PROTEIN TRANSPORT' 
# 
loop_
_struct_asym.id 
_struct_asym.pdbx_blank_PDB_chainid_flag 
_struct_asym.pdbx_modified 
_struct_asym.entity_id 
_struct_asym.details 
A N N 1 ? 
B N N 2 ? 
C N N 3 ? 
D N N 3 ? 
# 
_struct_biol.id        1 
_struct_biol.details   ? 
# 
loop_
_struct_conf.conf_type_id 
_struct_conf.id 
_struct_conf.pdbx_PDB_helix_id 
_struct_conf.beg_label_comp_id 
_struct_conf.beg_label_asym_id 
_struct_conf.beg_label_seq_id 
_struct_conf.pdbx_beg_PDB_ins_code 
_struct_conf.end_label_comp_id 
_struct_conf.end_label_asym_id 
_struct_conf.end_label_seq_id 
_struct_conf.pdbx_end_PDB_ins_code 
_struct_conf.beg_auth_comp_id 
_struct_conf.beg_auth_asym_id 
_struct_conf.beg_auth_seq_id 
_struct_conf.end_auth_comp_id 
_struct_conf.end_auth_asym_id 
_struct_conf.end_auth_seq_id 
_struct_conf.pdbx_PDB_helix_class 
_struct_conf.details 
_struct_conf.pdbx_PDB_helix_length 
HELX_P HELX_P1 1 SER A 8   ? VAL A 16  ? SER A 4   VAL A 12  1 ? 9  
HELX_P HELX_P2 2 TYR A 21  ? TYR A 36  ? TYR A 17  TYR A 32  1 ? 16 
HELX_P HELX_P3 3 LEU A 112 ? GLU A 117 ? LEU A 111 GLU A 116 1 ? 6  
HELX_P HELX_P4 4 ASP A 124 ? GLU A 139 ? ASP A 123 GLU A 138 1 ? 16 
# 
_struct_conf_type.id          HELX_P 
_struct_conf_type.criteria    ? 
_struct_conf_type.reference   ? 
# 
loop_
_struct_mon_prot_cis.pdbx_id 
_struct_mon_prot_cis.label_comp_id 
_struct_mon_prot_cis.label_seq_id 
_struct_mon_prot_cis.label_asym_id 
_struct_mon_prot_cis.label_alt_id 
_struct_mon_prot_cis.pdbx_PDB_ins_code 
_struct_mon_prot_cis.auth_comp_id 
_struct_mon_prot_cis.auth_seq_id 
_struct_mon_prot_cis.auth_asym_id 
_struct_mon_prot_cis.pdbx_label_comp_id_2 
_struct_mon_prot_cis.pdbx_label_seq_id_2 
_struct_mon_prot_cis.pdbx_label_asym_id_2 
_struct_mon_prot_cis.pdbx_PDB_ins_code_2 
_struct_mon_prot_cis.pdbx_auth_comp_id_2 
_struct_mon_prot_cis.pdbx_auth_seq_id_2 
_struct_mon_prot_cis.pdbx_auth_asym_id_2 
_struct_mon_prot_cis.pdbx_PDB_model_num 
_struct_mon_prot_cis.pdbx_omega_angle 
1 TYR 81  A . ? TYR 80  A PRO 82  A ? PRO 81  A 1 -0.04 
2 HIS 120 A . ? HIS 119 A PRO 121 A ? PRO 120 A 1 -0.10 
# 
loop_
_struct_sheet.id 
_struct_sheet.type 
_struct_sheet.number_strands 
_struct_sheet.details 
A ? 4 ? 
B ? 2 ? 
# 
loop_
_struct_sheet_order.sheet_id 
_struct_sheet_order.range_id_1 
_struct_sheet_order.range_id_2 
_struct_sheet_order.offset 
_struct_sheet_order.sense 
A 1 2 ? anti-parallel 
A 2 3 ? anti-parallel 
A 3 4 ? anti-parallel 
B 1 2 ? anti-parallel 
# 
loop_
_struct_sheet_range.sheet_id 
_struct_sheet_range.id 
_struct_sheet_range.beg_label_comp_id 
_struct_sheet_range.beg_label_asym_id 
_struct_sheet_range.beg_label_seq_id 
_struct_sheet_range.pdbx_beg_PDB_ins_code 
_struct_sheet_range.end_label_comp_id 
_struct_sheet_range.end_label_asym_id 
_struct_sheet_range.end_label_seq_id 
_struct_sheet_range.pdbx_end_PDB_ins_code 
_struct_sheet_range.beg_auth_comp_id 
_struct_sheet_range.beg_auth_asym_id 
_struct_sheet_range.beg_auth_seq_id 
_struct_sheet_range.end_auth_comp_id 
_struct_sheet_range.end_auth_asym_id 
_struct_sheet_range.end_auth_seq_id 
A 1 LEU A 39  ? SER A 45  ? LEU A 35  SER A 41  
A 2 GLU A 52  ? TYR A 64  ? GLU A 51  TYR A 63  
A 3 ASN A 67  ? LEU A 77  ? ASN A 66  LEU A 76  
A 4 ILE A 87  ? VAL A 90  ? ILE A 86  VAL A 89  
B 1 MET A 96  ? ILE A 98  ? MET A 95  ILE A 97  
B 2 VAL A 142 ? SER A 144 ? VAL A 141 SER A 143 
# 
loop_
_pdbx_struct_sheet_hbond.sheet_id 
_pdbx_struct_sheet_hbond.range_id_1 
_pdbx_struct_sheet_hbond.range_id_2 
_pdbx_struct_sheet_hbond.range_1_label_atom_id 
_pdbx_struct_sheet_hbond.range_1_label_comp_id 
_pdbx_struct_sheet_hbond.range_1_label_asym_id 
_pdbx_struct_sheet_hbond.range_1_label_seq_id 
_pdbx_struct_sheet_hbond.range_1_PDB_ins_code 
_pdbx_struct_sheet_hbond.range_1_auth_atom_id 
_pdbx_struct_sheet_hbond.range_1_auth_comp_id 
_pdbx_struct_sheet_hbond.range_1_auth_asym_id 
_pdbx_struct_sheet_hbond.range_1_auth_seq_id 
_pdbx_struct_sheet_hbond.range_2_label_atom_id 
_pdbx_struct_sheet_hbond.range_2_label_comp_id 
_pdbx_struct_sheet_hbond.range_2_label_asym_id 
_pdbx_struct_sheet_hbond.range_2_label_seq_id 
_pdbx_struct_sheet_hbond.range_2_PDB_ins_code 
_pdbx_struct_sheet_hbond.range_2_auth_atom_id 
_pdbx_struct_sheet_hbond.range_2_auth_comp_id 
_pdbx_struct_sheet_hbond.range_2_auth_asym_id 
_pdbx_struct_sheet_hbond.range_2_auth_seq_id 
A 1 2 N LYS A 40 ? N LYS A 36 O THR A 57  ? O THR A 56  
A 2 3 N TYR A 64 ? N TYR A 63 O ASN A 67  ? O ASN A 66  
A 3 4 N TRP A 76 ? N TRP A 75 O ILE A 87  ? O ILE A 86  
B 1 2 N THR A 97 ? N THR A 96 O PHE A 143 ? O PHE A 142 
# 
_atom_sites.entry_id                    3OBU 
_atom_sites.fract_transf_matrix[1][1]   0.02592892 
_atom_sites.fract_transf_matrix[1][2]   -0.01374231 
_atom_sites.fract_transf_matrix[1][3]   0.00534318 
_atom_sites.fract_transf_matrix[2][1]   0.00243336 
_atom_sites.fract_transf_matrix[2][2]   -0.00372584 
_atom_sites.fract_transf_matrix[2][3]   -0.02139102 
_atom_sites.fract_transf_matrix[3][1]   0.00563626 
_atom_sites.fract_transf_matrix[3][2]   0.01019343 
_atom_sites.fract_transf_matrix[3][3]   -0.00113431 
_atom_sites.fract_transf_vector[1]      -0.207226 
_atom_sites.fract_transf_vector[2]      0.073593 
_atom_sites.fract_transf_vector[3]      -0.131985 
# 
loop_
_atom_type.symbol 
C 
N 
O 
S 
# 
loop_
_atom_site.group_PDB 
_atom_site.id 
_atom_site.type_symbol 
_atom_site.label_atom_id 
_atom_site.label_alt_id 
_atom_site.label_comp_id 
_atom_site.label_asym_id 
_atom_site.label_entity_id 
_atom_site.label_seq_id 
_atom_site.pdbx_PDB_ins_code 
_atom_site.Cartn_x 
_atom_site.Cartn_y 
_atom_site.Cartn_z 
_atom_site.occupancy 
_atom_site.B_iso_or_equiv 
_atom_site.pdbx_formal_charge 
_atom_site.auth_seq_id 
_atom_site.auth_comp_id 
_atom_site.auth_asym_id 
_atom_site.auth_atom_id 
_atom_site.pdbx_PDB_model_num 
ATOM   1    N N   . SER A 1 5   ? 6.415   17.998  -10.013 1.00 56.93 ? 1   SER A N   1 
ATOM   2    C CA  . SER A 1 5   ? 6.626   16.581  -9.603  1.00 58.58 ? 1   SER A CA  1 
ATOM   3    C C   . SER A 1 5   ? 5.294   15.870  -9.385  1.00 57.45 ? 1   SER A C   1 
ATOM   4    O O   . SER A 1 5   ? 4.733   15.897  -8.289  1.00 58.18 ? 1   SER A O   1 
ATOM   5    C CB  . SER A 1 5   ? 7.456   16.523  -8.318  1.00 60.01 ? 1   SER A CB  1 
ATOM   6    O OG  . SER A 1 5   ? 6.807   17.202  -7.257  1.00 63.63 ? 1   SER A OG  1 
ATOM   7    N N   . ALA A 1 6   ? 4.796   15.233  -10.441 1.00 54.91 ? 2   ALA A N   1 
ATOM   8    C CA  . ALA A 1 6   ? 3.534   14.505  -10.388 1.00 51.34 ? 2   ALA A CA  1 
ATOM   9    C C   . ALA A 1 6   ? 3.467   13.522  -11.553 1.00 50.07 ? 2   ALA A C   1 
ATOM   10   O O   . ALA A 1 6   ? 4.104   13.728  -12.585 1.00 49.52 ? 2   ALA A O   1 
ATOM   11   C CB  . ALA A 1 6   ? 2.365   15.480  -10.455 1.00 50.63 ? 2   ALA A CB  1 
ATOM   12   N N   . VAL A 1 7   ? 2.693   12.454  -11.383 1.00 47.31 ? 3   VAL A N   1 
ATOM   13   C CA  . VAL A 1 7   ? 2.553   11.440  -12.423 1.00 44.86 ? 3   VAL A CA  1 
ATOM   14   C C   . VAL A 1 7   ? 1.260   11.624  -13.212 1.00 44.97 ? 3   VAL A C   1 
ATOM   15   O O   . VAL A 1 7   ? 0.166   11.611  -12.644 1.00 45.94 ? 3   VAL A O   1 
ATOM   16   C CB  . VAL A 1 7   ? 2.566   10.018  -11.819 1.00 43.65 ? 3   VAL A CB  1 
ATOM   17   C CG1 . VAL A 1 7   ? 2.492   8.980   -12.926 1.00 40.77 ? 3   VAL A CG1 1 
ATOM   18   C CG2 . VAL A 1 7   ? 3.824   9.818   -10.987 1.00 42.29 ? 3   VAL A CG2 1 
ATOM   19   N N   . SER A 1 8   ? 1.393   11.794  -14.524 1.00 42.71 ? 4   SER A N   1 
ATOM   20   C CA  . SER A 1 8   ? 0.241   11.979  -15.399 1.00 43.28 ? 4   SER A CA  1 
ATOM   21   C C   . SER A 1 8   ? -0.396  10.636  -15.737 1.00 41.68 ? 4   SER A C   1 
ATOM   22   O O   . SER A 1 8   ? 0.247   9.593   -15.625 1.00 40.63 ? 4   SER A O   1 
ATOM   23   C CB  . SER A 1 8   ? 0.671   12.674  -16.692 1.00 44.14 ? 4   SER A CB  1 
ATOM   24   O OG  . SER A 1 8   ? 1.622   11.890  -17.393 1.00 43.96 ? 4   SER A OG  1 
ATOM   25   N N   . GLU A 1 9   ? -1.659  10.670  -16.150 1.00 43.04 ? 5   GLU A N   1 
ATOM   26   C CA  . GLU A 1 9   ? -2.374  9.451   -16.509 1.00 44.60 ? 5   GLU A CA  1 
ATOM   27   C C   . GLU A 1 9   ? -1.685  8.720   -17.654 1.00 42.72 ? 5   GLU A C   1 
ATOM   28   O O   . GLU A 1 9   ? -1.734  7.495   -17.735 1.00 42.51 ? 5   GLU A O   1 
ATOM   29   C CB  . GLU A 1 9   ? -3.818  9.776   -16.897 1.00 47.02 ? 5   GLU A CB  1 
ATOM   30   C CG  . GLU A 1 9   ? -4.678  10.237  -15.735 1.00 51.07 ? 5   GLU A CG  1 
ATOM   31   C CD  . GLU A 1 9   ? -6.123  10.455  -16.131 1.00 53.40 ? 5   GLU A CD  1 
ATOM   32   O OE1 . GLU A 1 9   ? -6.735  9.517   -16.686 1.00 54.17 ? 5   GLU A OE1 1 
ATOM   33   O OE2 . GLU A 1 9   ? -6.648  11.560  -15.881 1.00 55.98 ? 5   GLU A OE2 1 
ATOM   34   N N   . SER A 1 10  ? -1.043  9.477   -18.540 1.00 39.79 ? 6   SER A N   1 
ATOM   35   C CA  . SER A 1 10  ? -0.337  8.890   -19.673 1.00 38.53 ? 6   SER A CA  1 
ATOM   36   C C   . SER A 1 10  ? 0.775   7.977   -19.171 1.00 36.84 ? 6   SER A C   1 
ATOM   37   O O   . SER A 1 10  ? 0.991   6.886   -19.702 1.00 34.66 ? 6   SER A O   1 
ATOM   38   C CB  . SER A 1 10  ? 0.260   9.990   -20.553 1.00 39.25 ? 6   SER A CB  1 
ATOM   39   O OG  . SER A 1 10  ? 1.022   9.434   -21.610 1.00 43.85 ? 6   SER A OG  1 
ATOM   40   N N   . GLN A 1 11  ? 1.482   8.432   -18.142 1.00 32.15 ? 7   GLN A N   1 
ATOM   41   C CA  . GLN A 1 11  ? 2.568   7.658   -17.560 1.00 28.93 ? 7   GLN A CA  1 
ATOM   42   C C   . GLN A 1 11  ? 1.996   6.434   -16.846 1.00 23.50 ? 7   GLN A C   1 
ATOM   43   O O   . GLN A 1 11  ? 2.623   5.375   -16.818 1.00 19.69 ? 7   GLN A O   1 
ATOM   44   C CB  . GLN A 1 11  ? 3.361   8.533   -16.584 1.00 33.68 ? 7   GLN A CB  1 
ATOM   45   C CG  . GLN A 1 11  ? 4.590   7.868   -15.986 1.00 40.62 ? 7   GLN A CG  1 
ATOM   46   C CD  . GLN A 1 11  ? 5.460   8.845   -15.212 1.00 44.26 ? 7   GLN A CD  1 
ATOM   47   O OE1 . GLN A 1 11  ? 6.410   8.447   -14.536 1.00 48.44 ? 7   GLN A OE1 1 
ATOM   48   N NE2 . GLN A 1 11  ? 5.144   10.133  -15.315 1.00 42.34 ? 7   GLN A NE2 1 
ATOM   49   N N   . LEU A 1 12  ? 0.800   6.585   -16.280 1.00 20.75 ? 8   LEU A N   1 
ATOM   50   C CA  . LEU A 1 12  ? 0.134   5.490   -15.573 1.00 22.46 ? 8   LEU A CA  1 
ATOM   51   C C   . LEU A 1 12  ? -0.383  4.434   -16.541 1.00 24.31 ? 8   LEU A C   1 
ATOM   52   O O   . LEU A 1 12  ? -0.189  3.238   -16.329 1.00 23.64 ? 8   LEU A O   1 
ATOM   53   C CB  . LEU A 1 12  ? -1.038  6.015   -14.740 1.00 21.70 ? 8   LEU A CB  1 
ATOM   54   C CG  . LEU A 1 12  ? -0.720  6.893   -13.530 1.00 21.30 ? 8   LEU A CG  1 
ATOM   55   C CD1 . LEU A 1 12  ? -2.018  7.300   -12.849 1.00 19.80 ? 8   LEU A CD1 1 
ATOM   56   C CD2 . LEU A 1 12  ? 0.170   6.135   -12.561 1.00 23.64 ? 8   LEU A CD2 1 
ATOM   57   N N   . LYS A 1 13  ? -1.054  4.881   -17.598 1.00 23.89 ? 9   LYS A N   1 
ATOM   58   C CA  . LYS A 1 13  ? -1.593  3.965   -18.598 1.00 23.37 ? 9   LYS A CA  1 
ATOM   59   C C   . LYS A 1 13  ? -0.472  3.127   -19.197 1.00 23.59 ? 9   LYS A C   1 
ATOM   60   O O   . LYS A 1 13  ? -0.667  1.959   -19.538 1.00 22.10 ? 9   LYS A O   1 
ATOM   61   C CB  . LYS A 1 13  ? -2.304  4.743   -19.706 1.00 27.16 ? 9   LYS A CB  1 
ATOM   62   C CG  . LYS A 1 13  ? -3.560  5.460   -19.245 1.00 30.65 ? 9   LYS A CG  1 
ATOM   63   C CD  . LYS A 1 13  ? -4.267  6.135   -20.409 1.00 37.96 ? 9   LYS A CD  1 
ATOM   64   C CE  . LYS A 1 13  ? -5.554  6.807   -19.959 1.00 40.46 ? 9   LYS A CE  1 
ATOM   65   N NZ  . LYS A 1 13  ? -6.280  7.426   -21.102 1.00 44.60 ? 9   LYS A NZ  1 
ATOM   66   N N   . LYS A 1 14  ? 0.704   3.730   -19.326 1.00 19.84 ? 10  LYS A N   1 
ATOM   67   C CA  . LYS A 1 14  ? 1.858   3.036   -19.872 1.00 18.67 ? 10  LYS A CA  1 
ATOM   68   C C   . LYS A 1 14  ? 2.314   1.944   -18.906 1.00 19.91 ? 10  LYS A C   1 
ATOM   69   O O   . LYS A 1 14  ? 2.641   0.833   -19.323 1.00 21.66 ? 10  LYS A O   1 
ATOM   70   C CB  . LYS A 1 14  ? 2.995   4.031   -20.123 1.00 21.38 ? 10  LYS A CB  1 
ATOM   71   C CG  . LYS A 1 14  ? 4.249   3.418   -20.711 1.00 23.96 ? 10  LYS A CG  1 
ATOM   72   C CD  . LYS A 1 14  ? 5.288   4.490   -20.999 1.00 30.18 ? 10  LYS A CD  1 
ATOM   73   C CE  . LYS A 1 14  ? 6.544   3.893   -21.604 1.00 36.60 ? 10  LYS A CE  1 
ATOM   74   N NZ  . LYS A 1 14  ? 7.562   4.940   -21.884 1.00 41.11 ? 10  LYS A NZ  1 
ATOM   75   N N   . MET A 1 15  ? 2.326   2.260   -17.613 1.00 17.81 ? 11  MET A N   1 
ATOM   76   C CA  . MET A 1 15  ? 2.745   1.296   -16.602 1.00 15.50 ? 11  MET A CA  1 
ATOM   77   C C   . MET A 1 15  ? 1.873   0.045   -16.599 1.00 13.66 ? 11  MET A C   1 
ATOM   78   O O   . MET A 1 15  ? 2.372   -1.064  -16.409 1.00 16.77 ? 11  MET A O   1 
ATOM   79   C CB  . MET A 1 15  ? 2.697   1.913   -15.201 1.00 14.72 ? 11  MET A CB  1 
ATOM   80   C CG  . MET A 1 15  ? 3.572   3.134   -14.995 1.00 16.97 ? 11  MET A CG  1 
ATOM   81   S SD  . MET A 1 15  ? 3.640   3.590   -13.241 1.00 17.22 ? 11  MET A SD  1 
ATOM   82   C CE  . MET A 1 15  ? 5.399   3.862   -13.028 1.00 23.99 ? 11  MET A CE  1 
ATOM   83   N N   . VAL A 1 16  ? 0.571   0.223   -16.805 1.00 13.61 ? 12  VAL A N   1 
ATOM   84   C CA  . VAL A 1 16  ? -0.355  -0.907  -16.784 1.00 10.19 ? 12  VAL A CA  1 
ATOM   85   C C   . VAL A 1 16  ? -0.726  -1.446  -18.164 1.00 10.69 ? 12  VAL A C   1 
ATOM   86   O O   . VAL A 1 16  ? -1.776  -2.068  -18.335 1.00 9.97  ? 12  VAL A O   1 
ATOM   87   C CB  . VAL A 1 16  ? -1.654  -0.534  -16.025 1.00 13.28 ? 12  VAL A CB  1 
ATOM   88   C CG1 . VAL A 1 16  ? -1.314  -0.082  -14.617 1.00 11.39 ? 12  VAL A CG1 1 
ATOM   89   C CG2 . VAL A 1 16  ? -2.407  0.562   -16.767 1.00 16.10 ? 12  VAL A CG2 1 
ATOM   90   N N   . SER A 1 17  ? 0.145   -1.218  -19.142 1.00 13.33 ? 13  SER A N   1 
ATOM   91   C CA  . SER A 1 17  ? -0.098  -1.674  -20.510 1.00 13.22 ? 13  SER A CA  1 
ATOM   92   C C   . SER A 1 17  ? -0.476  -3.149  -20.632 1.00 12.23 ? 13  SER A C   1 
ATOM   93   O O   . SER A 1 17  ? -1.289  -3.510  -21.482 1.00 14.57 ? 13  SER A O   1 
ATOM   94   C CB  . SER A 1 17  ? 1.133   -1.405  -21.386 1.00 14.44 ? 13  SER A CB  1 
ATOM   95   O OG  . SER A 1 17  ? 1.322   -0.017  -21.592 1.00 20.63 ? 13  SER A OG  1 
ATOM   96   N N   . LYS A 1 18  ? 0.113   -3.993  -19.789 1.00 11.11 ? 14  LYS A N   1 
ATOM   97   C CA  . LYS A 1 18  ? -0.147  -5.430  -19.836 1.00 11.73 ? 14  LYS A CA  1 
ATOM   98   C C   . LYS A 1 18  ? -1.261  -5.910  -18.915 1.00 11.92 ? 14  LYS A C   1 
ATOM   99   O O   . LYS A 1 18  ? -1.526  -7.112  -18.841 1.00 13.89 ? 14  LYS A O   1 
ATOM   100  C CB  . LYS A 1 18  ? 1.131   -6.205  -19.506 1.00 16.08 ? 14  LYS A CB  1 
ATOM   101  C CG  . LYS A 1 18  ? 2.337   -5.814  -20.340 1.00 24.60 ? 14  LYS A CG  1 
ATOM   102  C CD  . LYS A 1 18  ? 2.091   -6.036  -21.821 1.00 30.66 ? 14  LYS A CD  1 
ATOM   103  C CE  . LYS A 1 18  ? 3.337   -5.719  -22.624 1.00 35.19 ? 14  LYS A CE  1 
ATOM   104  N NZ  . LYS A 1 18  ? 4.491   -6.546  -22.179 1.00 39.20 ? 14  LYS A NZ  1 
ATOM   105  N N   . TYR A 1 19  ? -1.914  -4.985  -18.216 1.00 9.15  ? 15  TYR A N   1 
ATOM   106  C CA  . TYR A 1 19  ? -2.994  -5.353  -17.302 1.00 8.84  ? 15  TYR A CA  1 
ATOM   107  C C   . TYR A 1 19  ? -4.269  -5.757  -18.029 1.00 7.53  ? 15  TYR A C   1 
ATOM   108  O O   . TYR A 1 19  ? -4.530  -5.320  -19.150 1.00 9.65  ? 15  TYR A O   1 
ATOM   109  C CB  . TYR A 1 19  ? -3.297  -4.203  -16.336 1.00 7.08  ? 15  TYR A CB  1 
ATOM   110  C CG  . TYR A 1 19  ? -2.323  -4.096  -15.179 1.00 6.99  ? 15  TYR A CG  1 
ATOM   111  C CD1 . TYR A 1 19  ? -0.943  -4.155  -15.395 1.00 8.63  ? 15  TYR A CD1 1 
ATOM   112  C CD2 . TYR A 1 19  ? -2.780  -3.938  -13.869 1.00 6.15  ? 15  TYR A CD2 1 
ATOM   113  C CE1 . TYR A 1 19  ? -0.044  -4.062  -14.335 1.00 9.65  ? 15  TYR A CE1 1 
ATOM   114  C CE2 . TYR A 1 19  ? -1.889  -3.846  -12.804 1.00 6.15  ? 15  TYR A CE2 1 
ATOM   115  C CZ  . TYR A 1 19  ? -0.525  -3.909  -13.045 1.00 8.09  ? 15  TYR A CZ  1 
ATOM   116  O OH  . TYR A 1 19  ? 0.354   -3.823  -11.993 1.00 8.91  ? 15  TYR A OH  1 
ATOM   117  N N   . LYS A 1 20  ? -5.068  -6.591  -17.371 1.00 7.53  ? 16  LYS A N   1 
ATOM   118  C CA  . LYS A 1 20  ? -6.312  -7.084  -17.946 1.00 7.52  ? 16  LYS A CA  1 
ATOM   119  C C   . LYS A 1 20  ? -7.444  -6.059  -17.858 1.00 9.99  ? 16  LYS A C   1 
ATOM   120  O O   . LYS A 1 20  ? -8.302  -6.000  -18.737 1.00 8.94  ? 16  LYS A O   1 
ATOM   121  C CB  . LYS A 1 20  ? -6.711  -8.381  -17.233 1.00 10.95 ? 16  LYS A CB  1 
ATOM   122  C CG  . LYS A 1 20  ? -7.825  -9.159  -17.901 1.00 22.81 ? 16  LYS A CG  1 
ATOM   123  C CD  . LYS A 1 20  ? -7.990  -10.520 -17.244 1.00 30.83 ? 16  LYS A CD  1 
ATOM   124  C CE  . LYS A 1 20  ? -9.016  -11.366 -17.982 1.00 36.34 ? 16  LYS A CE  1 
ATOM   125  N NZ  . LYS A 1 20  ? -9.143  -12.725 -17.390 1.00 43.60 ? 16  LYS A NZ  1 
ATOM   126  N N   . TYR A 1 21  ? -7.432  -5.247  -16.803 1.00 8.03  ? 17  TYR A N   1 
ATOM   127  C CA  . TYR A 1 21  ? -8.462  -4.234  -16.580 1.00 6.21  ? 17  TYR A CA  1 
ATOM   128  C C   . TYR A 1 21  ? -7.724  -2.911  -16.368 1.00 8.34  ? 17  TYR A C   1 
ATOM   129  O O   . TYR A 1 21  ? -7.531  -2.457  -15.242 1.00 7.04  ? 17  TYR A O   1 
ATOM   130  C CB  . TYR A 1 21  ? -9.275  -4.619  -15.339 1.00 10.46 ? 17  TYR A CB  1 
ATOM   131  C CG  . TYR A 1 21  ? -9.681  -6.085  -15.311 1.00 8.30  ? 17  TYR A CG  1 
ATOM   132  C CD1 . TYR A 1 21  ? -10.708 -6.567  -16.123 1.00 7.01  ? 17  TYR A CD1 1 
ATOM   133  C CD2 . TYR A 1 21  ? -9.016  -6.998  -14.486 1.00 5.47  ? 17  TYR A CD2 1 
ATOM   134  C CE1 . TYR A 1 21  ? -11.064 -7.919  -16.114 1.00 9.26  ? 17  TYR A CE1 1 
ATOM   135  C CE2 . TYR A 1 21  ? -9.364  -8.345  -14.471 1.00 8.29  ? 17  TYR A CE2 1 
ATOM   136  C CZ  . TYR A 1 21  ? -10.388 -8.801  -15.284 1.00 8.57  ? 17  TYR A CZ  1 
ATOM   137  O OH  . TYR A 1 21  ? -10.730 -10.139 -15.255 1.00 11.30 ? 17  TYR A OH  1 
ATOM   138  N N   . ARG A 1 22  ? -7.311  -2.305  -17.474 1.00 5.53  ? 18  ARG A N   1 
ATOM   139  C CA  . ARG A 1 22  ? -6.536  -1.073  -17.451 1.00 7.45  ? 18  ARG A CA  1 
ATOM   140  C C   . ARG A 1 22  ? -7.244  0.191   -16.975 1.00 7.79  ? 18  ARG A C   1 
ATOM   141  O O   . ARG A 1 22  ? -6.812  0.807   -15.999 1.00 10.22 ? 18  ARG A O   1 
ATOM   142  C CB  . ARG A 1 22  ? -5.913  -0.872  -18.831 1.00 10.48 ? 18  ARG A CB  1 
ATOM   143  C CG  . ARG A 1 22  ? -5.016  -2.051  -19.212 1.00 10.10 ? 18  ARG A CG  1 
ATOM   144  C CD  . ARG A 1 22  ? -4.568  -1.998  -20.667 1.00 12.30 ? 18  ARG A CD  1 
ATOM   145  N NE  . ARG A 1 22  ? -5.688  -2.071  -21.605 1.00 11.35 ? 18  ARG A NE  1 
ATOM   146  C CZ  . ARG A 1 22  ? -6.395  -3.168  -21.865 1.00 9.89  ? 18  ARG A CZ  1 
ATOM   147  N NH1 . ARG A 1 22  ? -6.112  -4.316  -21.259 1.00 12.87 ? 18  ARG A NH1 1 
ATOM   148  N NH2 . ARG A 1 22  ? -7.387  -3.121  -22.745 1.00 13.96 ? 18  ARG A NH2 1 
ATOM   149  N N   . ASP A 1 23  ? -8.318  0.592   -17.645 1.00 7.38  ? 19  ASP A N   1 
ATOM   150  C CA  . ASP A 1 23  ? -9.026  1.796   -17.217 1.00 8.51  ? 19  ASP A CA  1 
ATOM   151  C C   . ASP A 1 23  ? -9.442  1.738   -15.745 1.00 9.13  ? 19  ASP A C   1 
ATOM   152  O O   . ASP A 1 23  ? -9.373  2.746   -15.038 1.00 9.86  ? 19  ASP A O   1 
ATOM   153  C CB  . ASP A 1 23  ? -10.265 2.040   -18.083 1.00 11.15 ? 19  ASP A CB  1 
ATOM   154  C CG  . ASP A 1 23  ? -9.925  2.596   -19.451 1.00 14.33 ? 19  ASP A CG  1 
ATOM   155  O OD1 . ASP A 1 23  ? -8.819  3.158   -19.610 1.00 17.17 ? 19  ASP A OD1 1 
ATOM   156  O OD2 . ASP A 1 23  ? -10.771 2.488   -20.362 1.00 14.29 ? 19  ASP A OD2 1 
ATOM   157  N N   . LEU A 1 24  ? -9.869  0.567   -15.276 1.00 7.31  ? 20  LEU A N   1 
ATOM   158  C CA  . LEU A 1 24  ? -10.286 0.433   -13.880 1.00 7.26  ? 20  LEU A CA  1 
ATOM   159  C C   . LEU A 1 24  ? -9.121  0.635   -12.920 1.00 6.66  ? 20  LEU A C   1 
ATOM   160  O O   . LEU A 1 24  ? -9.254  1.296   -11.886 1.00 9.46  ? 20  LEU A O   1 
ATOM   161  C CB  . LEU A 1 24  ? -10.925 -0.940  -13.639 1.00 8.36  ? 20  LEU A CB  1 
ATOM   162  C CG  . LEU A 1 24  ? -12.371 -1.115  -14.126 1.00 12.68 ? 20  LEU A CG  1 
ATOM   163  C CD1 . LEU A 1 24  ? -12.777 -2.583  -14.088 1.00 9.51  ? 20  LEU A CD1 1 
ATOM   164  C CD2 . LEU A 1 24  ? -13.298 -0.285  -13.247 1.00 8.25  ? 20  LEU A CD2 1 
ATOM   165  N N   . THR A 1 25  ? -7.972  0.070   -13.262 1.00 8.45  ? 21  THR A N   1 
ATOM   166  C CA  . THR A 1 25  ? -6.802  0.195   -12.413 1.00 6.20  ? 21  THR A CA  1 
ATOM   167  C C   . THR A 1 25  ? -6.307  1.632   -12.389 1.00 9.07  ? 21  THR A C   1 
ATOM   168  O O   . THR A 1 25  ? -5.969  2.163   -11.331 1.00 9.51  ? 21  THR A O   1 
ATOM   169  C CB  . THR A 1 25  ? -5.686  -0.746  -12.895 1.00 6.97  ? 21  THR A CB  1 
ATOM   170  O OG1 . THR A 1 25  ? -6.147  -2.101  -12.803 1.00 7.38  ? 21  THR A OG1 1 
ATOM   171  C CG2 . THR A 1 25  ? -4.438  -0.583  -12.047 1.00 9.72  ? 21  THR A CG2 1 
ATOM   172  N N   . VAL A 1 26  ? -6.281  2.272   -13.554 1.00 8.33  ? 22  VAL A N   1 
ATOM   173  C CA  . VAL A 1 26  ? -5.832  3.653   -13.632 1.00 8.71  ? 22  VAL A CA  1 
ATOM   174  C C   . VAL A 1 26  ? -6.747  4.576   -12.838 1.00 10.42 ? 22  VAL A C   1 
ATOM   175  O O   . VAL A 1 26  ? -6.274  5.423   -12.089 1.00 11.19 ? 22  VAL A O   1 
ATOM   176  C CB  . VAL A 1 26  ? -5.765  4.136   -15.098 1.00 10.01 ? 22  VAL A CB  1 
ATOM   177  C CG1 . VAL A 1 26  ? -5.515  5.643   -15.150 1.00 12.59 ? 22  VAL A CG1 1 
ATOM   178  C CG2 . VAL A 1 26  ? -4.651  3.389   -15.824 1.00 8.85  ? 22  VAL A CG2 1 
ATOM   179  N N   . ARG A 1 27  ? -8.056  4.403   -12.993 1.00 8.10  ? 23  ARG A N   1 
ATOM   180  C CA  . ARG A 1 27  ? -9.011  5.245   -12.290 1.00 11.16 ? 23  ARG A CA  1 
ATOM   181  C C   . ARG A 1 27  ? -8.809  5.205   -10.780 1.00 10.81 ? 23  ARG A C   1 
ATOM   182  O O   . ARG A 1 27  ? -8.742  6.246   -10.132 1.00 12.25 ? 23  ARG A O   1 
ATOM   183  C CB  . ARG A 1 27  ? -10.442 4.819   -12.632 1.00 13.25 ? 23  ARG A CB  1 
ATOM   184  C CG  . ARG A 1 27  ? -11.511 5.590   -11.882 1.00 23.54 ? 23  ARG A CG  1 
ATOM   185  C CD  . ARG A 1 27  ? -12.895 5.029   -12.172 1.00 29.78 ? 23  ARG A CD  1 
ATOM   186  N NE  . ARG A 1 27  ? -13.914 5.602   -11.296 1.00 40.31 ? 23  ARG A NE  1 
ATOM   187  C CZ  . ARG A 1 27  ? -14.274 6.881   -11.297 1.00 44.24 ? 23  ARG A CZ  1 
ATOM   188  N NH1 . ARG A 1 27  ? -13.699 7.738   -12.130 1.00 47.26 ? 23  ARG A NH1 1 
ATOM   189  N NH2 . ARG A 1 27  ? -15.209 7.307   -10.457 1.00 46.80 ? 23  ARG A NH2 1 
ATOM   190  N N   . GLU A 1 28  ? -8.711  4.004   -10.219 1.00 10.00 ? 24  GLU A N   1 
ATOM   191  C CA  . GLU A 1 28  ? -8.523  3.876   -8.782  1.00 9.55  ? 24  GLU A CA  1 
ATOM   192  C C   . GLU A 1 28  ? -7.159  4.401   -8.342  1.00 10.22 ? 24  GLU A C   1 
ATOM   193  O O   . GLU A 1 28  ? -7.037  4.992   -7.272  1.00 9.51  ? 24  GLU A O   1 
ATOM   194  C CB  . GLU A 1 28  ? -8.684  2.419   -8.346  1.00 12.05 ? 24  GLU A CB  1 
ATOM   195  C CG  . GLU A 1 28  ? -8.651  2.238   -6.835  1.00 13.72 ? 24  GLU A CG  1 
ATOM   196  C CD  . GLU A 1 28  ? -9.796  2.946   -6.127  1.00 18.42 ? 24  GLU A CD  1 
ATOM   197  O OE1 . GLU A 1 28  ? -10.560 3.683   -6.787  1.00 20.56 ? 24  GLU A OE1 1 
ATOM   198  O OE2 . GLU A 1 28  ? -9.929  2.771   -4.900  1.00 15.50 ? 24  GLU A OE2 1 
ATOM   199  N N   . THR A 1 29  ? -6.136  4.188   -9.163  1.00 8.71  ? 25  THR A N   1 
ATOM   200  C CA  . THR A 1 29  ? -4.803  4.667   -8.821  1.00 8.63  ? 25  THR A CA  1 
ATOM   201  C C   . THR A 1 29  ? -4.822  6.191   -8.714  1.00 12.01 ? 25  THR A C   1 
ATOM   202  O O   . THR A 1 29  ? -4.288  6.754   -7.759  1.00 11.16 ? 25  THR A O   1 
ATOM   203  C CB  . THR A 1 29  ? -3.762  4.233   -9.872  1.00 10.66 ? 25  THR A CB  1 
ATOM   204  O OG1 . THR A 1 29  ? -3.679  2.804   -9.890  1.00 10.28 ? 25  THR A OG1 1 
ATOM   205  C CG2 . THR A 1 29  ? -2.384  4.813   -9.543  1.00 8.38  ? 25  THR A CG2 1 
ATOM   206  N N   . VAL A 1 30  ? -5.436  6.855   -9.690  1.00 10.41 ? 26  VAL A N   1 
ATOM   207  C CA  . VAL A 1 30  ? -5.527  8.314   -9.663  1.00 9.37  ? 26  VAL A CA  1 
ATOM   208  C C   . VAL A 1 30  ? -6.258  8.760   -8.400  1.00 11.06 ? 26  VAL A C   1 
ATOM   209  O O   . VAL A 1 30  ? -5.842  9.713   -7.733  1.00 11.85 ? 26  VAL A O   1 
ATOM   210  C CB  . VAL A 1 30  ? -6.277  8.865   -10.900 1.00 12.18 ? 26  VAL A CB  1 
ATOM   211  C CG1 . VAL A 1 30  ? -6.552  10.356  -10.724 1.00 13.74 ? 26  VAL A CG1 1 
ATOM   212  C CG2 . VAL A 1 30  ? -5.454  8.640   -12.148 1.00 12.52 ? 26  VAL A CG2 1 
ATOM   213  N N   . ASN A 1 31  ? -7.347  8.072   -8.067  1.00 11.21 ? 27  ASN A N   1 
ATOM   214  C CA  . ASN A 1 31  ? -8.112  8.416   -6.872  1.00 11.81 ? 27  ASN A CA  1 
ATOM   215  C C   . ASN A 1 31  ? -7.238  8.312   -5.630  1.00 13.13 ? 27  ASN A C   1 
ATOM   216  O O   . ASN A 1 31  ? -7.273  9.183   -4.764  1.00 15.26 ? 27  ASN A O   1 
ATOM   217  C CB  . ASN A 1 31  ? -9.328  7.496   -6.707  1.00 12.19 ? 27  ASN A CB  1 
ATOM   218  C CG  . ASN A 1 31  ? -10.342 7.655   -7.823  1.00 18.77 ? 27  ASN A CG  1 
ATOM   219  O OD1 . ASN A 1 31  ? -10.571 8.757   -8.317  1.00 22.59 ? 27  ASN A OD1 1 
ATOM   220  N ND2 . ASN A 1 31  ? -10.970 6.550   -8.212  1.00 24.74 ? 27  ASN A ND2 1 
ATOM   221  N N   . VAL A 1 32  ? -6.448  7.247   -5.547  1.00 11.83 ? 28  VAL A N   1 
ATOM   222  C CA  . VAL A 1 32  ? -5.584  7.042   -4.391  1.00 8.64  ? 28  VAL A CA  1 
ATOM   223  C C   . VAL A 1 32  ? -4.470  8.068   -4.244  1.00 12.62 ? 28  VAL A C   1 
ATOM   224  O O   . VAL A 1 32  ? -4.290  8.634   -3.167  1.00 15.21 ? 28  VAL A O   1 
ATOM   225  C CB  . VAL A 1 32  ? -4.949  5.630   -4.411  1.00 10.94 ? 28  VAL A CB  1 
ATOM   226  C CG1 . VAL A 1 32  ? -3.894  5.511   -3.315  1.00 12.48 ? 28  VAL A CG1 1 
ATOM   227  C CG2 . VAL A 1 32  ? -6.028  4.581   -4.216  1.00 14.03 ? 28  VAL A CG2 1 
ATOM   228  N N   . ILE A 1 33  ? -3.722  8.312   -5.316  1.00 11.97 ? 29  ILE A N   1 
ATOM   229  C CA  . ILE A 1 33  ? -2.611  9.252   -5.245  1.00 14.52 ? 29  ILE A CA  1 
ATOM   230  C C   . ILE A 1 33  ? -3.032  10.713  -5.122  1.00 16.33 ? 29  ILE A C   1 
ATOM   231  O O   . ILE A 1 33  ? -2.220  11.566  -4.762  1.00 18.68 ? 29  ILE A O   1 
ATOM   232  C CB  . ILE A 1 33  ? -1.653  9.080   -6.449  1.00 15.06 ? 29  ILE A CB  1 
ATOM   233  C CG1 . ILE A 1 33  ? -2.373  9.396   -7.759  1.00 17.51 ? 29  ILE A CG1 1 
ATOM   234  C CG2 . ILE A 1 33  ? -1.125  7.654   -6.476  1.00 16.03 ? 29  ILE A CG2 1 
ATOM   235  C CD1 . ILE A 1 33  ? -1.519  9.162   -8.992  1.00 20.68 ? 29  ILE A CD1 1 
ATOM   236  N N   . THR A 1 34  ? -4.296  11.006  -5.408  1.00 13.90 ? 30  THR A N   1 
ATOM   237  C CA  . THR A 1 34  ? -4.780  12.375  -5.283  1.00 17.12 ? 30  THR A CA  1 
ATOM   238  C C   . THR A 1 34  ? -5.142  12.631  -3.823  1.00 19.17 ? 30  THR A C   1 
ATOM   239  O O   . THR A 1 34  ? -4.926  13.726  -3.301  1.00 20.20 ? 30  THR A O   1 
ATOM   240  C CB  . THR A 1 34  ? -6.028  12.625  -6.155  1.00 16.28 ? 30  THR A CB  1 
ATOM   241  O OG1 . THR A 1 34  ? -5.698  12.420  -7.532  1.00 17.00 ? 30  THR A OG1 1 
ATOM   242  C CG2 . THR A 1 34  ? -6.524  14.056  -5.973  1.00 21.70 ? 30  THR A CG2 1 
ATOM   243  N N   . LEU A 1 35  ? -5.682  11.608  -3.167  1.00 15.73 ? 31  LEU A N   1 
ATOM   244  C CA  . LEU A 1 35  ? -6.080  11.715  -1.769  1.00 16.99 ? 31  LEU A CA  1 
ATOM   245  C C   . LEU A 1 35  ? -4.899  11.496  -0.830  1.00 17.68 ? 31  LEU A C   1 
ATOM   246  O O   . LEU A 1 35  ? -4.769  12.182  0.185   1.00 18.26 ? 31  LEU A O   1 
ATOM   247  C CB  . LEU A 1 35  ? -7.180  10.697  -1.457  1.00 19.19 ? 31  LEU A CB  1 
ATOM   248  C CG  . LEU A 1 35  ? -7.661  10.648  -0.006  1.00 20.75 ? 31  LEU A CG  1 
ATOM   249  C CD1 . LEU A 1 35  ? -8.223  12.006  0.393   1.00 23.26 ? 31  LEU A CD1 1 
ATOM   250  C CD2 . LEU A 1 35  ? -8.720  9.568   0.147   1.00 22.94 ? 31  LEU A CD2 1 
ATOM   251  N N   . TYR A 1 36  ? -4.049  10.531  -1.172  1.00 16.72 ? 32  TYR A N   1 
ATOM   252  C CA  . TYR A 1 36  ? -2.869  10.209  -0.376  1.00 12.86 ? 32  TYR A CA  1 
ATOM   253  C C   . TYR A 1 36  ? -1.635  10.655  -1.155  1.00 16.82 ? 32  TYR A C   1 
ATOM   254  O O   . TYR A 1 36  ? -1.003  9.872   -1.870  1.00 16.89 ? 32  TYR A O   1 
ATOM   255  C CB  . TYR A 1 36  ? -2.842  8.706   -0.084  1.00 15.72 ? 32  TYR A CB  1 
ATOM   256  C CG  . TYR A 1 36  ? -4.022  8.271   0.761   1.00 12.50 ? 32  TYR A CG  1 
ATOM   257  C CD1 . TYR A 1 36  ? -4.097  8.613   2.110   1.00 11.16 ? 32  TYR A CD1 1 
ATOM   258  C CD2 . TYR A 1 36  ? -5.098  7.582   0.197   1.00 11.73 ? 32  TYR A CD2 1 
ATOM   259  C CE1 . TYR A 1 36  ? -5.211  8.287   2.876   1.00 10.12 ? 32  TYR A CE1 1 
ATOM   260  C CE2 . TYR A 1 36  ? -6.217  7.255   0.956   1.00 13.22 ? 32  TYR A CE2 1 
ATOM   261  C CZ  . TYR A 1 36  ? -6.268  7.610   2.294   1.00 12.78 ? 32  TYR A CZ  1 
ATOM   262  O OH  . TYR A 1 36  ? -7.371  7.289   3.049   1.00 18.36 ? 32  TYR A OH  1 
ATOM   263  N N   . LYS A 1 37  ? -1.308  11.934  -0.995  1.00 16.53 ? 33  LYS A N   1 
ATOM   264  C CA  . LYS A 1 37  ? -0.196  12.581  -1.681  1.00 21.06 ? 33  LYS A CA  1 
ATOM   265  C C   . LYS A 1 37  ? 1.175   11.927  -1.547  1.00 20.63 ? 33  LYS A C   1 
ATOM   266  O O   . LYS A 1 37  ? 2.044   12.140  -2.395  1.00 21.32 ? 33  LYS A O   1 
ATOM   267  C CB  . LYS A 1 37  ? -0.091  14.040  -1.224  1.00 27.82 ? 33  LYS A CB  1 
ATOM   268  C CG  . LYS A 1 37  ? -1.371  14.855  -1.377  1.00 37.13 ? 33  LYS A CG  1 
ATOM   269  C CD  . LYS A 1 37  ? -1.760  15.057  -2.834  1.00 40.35 ? 33  LYS A CD  1 
ATOM   270  C CE  . LYS A 1 37  ? -2.980  15.962  -2.950  1.00 41.80 ? 33  LYS A CE  1 
ATOM   271  N NZ  . LYS A 1 37  ? -3.415  16.152  -4.363  1.00 40.33 ? 33  LYS A NZ  1 
ATOM   272  N N   . ASP A 1 38  ? 1.381   11.146  -0.493  1.00 16.62 ? 34  ASP A N   1 
ATOM   273  C CA  . ASP A 1 38  ? 2.674   10.506  -0.292  1.00 15.50 ? 34  ASP A CA  1 
ATOM   274  C C   . ASP A 1 38  ? 2.798   9.095   -0.857  1.00 16.95 ? 34  ASP A C   1 
ATOM   275  O O   . ASP A 1 38  ? 3.763   8.391   -0.568  1.00 17.91 ? 34  ASP A O   1 
ATOM   276  C CB  . ASP A 1 38  ? 3.049   10.517  1.192   1.00 18.21 ? 34  ASP A CB  1 
ATOM   277  C CG  . ASP A 1 38  ? 3.404   11.907  1.689   1.00 31.70 ? 34  ASP A CG  1 
ATOM   278  O OD1 . ASP A 1 38  ? 4.330   12.522  1.117   1.00 35.90 ? 34  ASP A OD1 1 
ATOM   279  O OD2 . ASP A 1 38  ? 2.764   12.386  2.649   1.00 34.41 ? 34  ASP A OD2 1 
ATOM   280  N N   . LEU A 1 39  ? 1.814   8.678   -1.649  1.00 10.97 ? 35  LEU A N   1 
ATOM   281  C CA  . LEU A 1 39  ? 1.865   7.372   -2.297  1.00 10.98 ? 35  LEU A CA  1 
ATOM   282  C C   . LEU A 1 39  ? 2.167   7.659   -3.761  1.00 15.03 ? 35  LEU A C   1 
ATOM   283  O O   . LEU A 1 39  ? 1.554   8.539   -4.369  1.00 16.78 ? 35  LEU A O   1 
ATOM   284  C CB  . LEU A 1 39  ? 0.535   6.624   -2.165  1.00 9.42  ? 35  LEU A CB  1 
ATOM   285  C CG  . LEU A 1 39  ? 0.230   6.036   -0.786  1.00 10.80 ? 35  LEU A CG  1 
ATOM   286  C CD1 . LEU A 1 39  ? -1.128  5.345   -0.812  1.00 10.60 ? 35  LEU A CD1 1 
ATOM   287  C CD2 . LEU A 1 39  ? 1.321   5.049   -0.397  1.00 13.82 ? 35  LEU A CD2 1 
ATOM   288  N N   . LYS A 1 40  ? 3.115   6.920   -4.323  1.00 10.37 ? 36  LYS A N   1 
ATOM   289  C CA  . LYS A 1 40  ? 3.528   7.128   -5.702  1.00 13.06 ? 36  LYS A CA  1 
ATOM   290  C C   . LYS A 1 40  ? 3.514   5.843   -6.522  1.00 10.24 ? 36  LYS A C   1 
ATOM   291  O O   . LYS A 1 40  ? 3.903   4.783   -6.036  1.00 12.61 ? 36  LYS A O   1 
ATOM   292  C CB  . LYS A 1 40  ? 4.940   7.721   -5.714  1.00 15.61 ? 36  LYS A CB  1 
ATOM   293  C CG  . LYS A 1 40  ? 5.563   7.874   -7.092  1.00 25.64 ? 36  LYS A CG  1 
ATOM   294  C CD  . LYS A 1 40  ? 7.028   8.269   -6.986  1.00 27.81 ? 36  LYS A CD  1 
ATOM   295  C CE  . LYS A 1 40  ? 7.670   8.401   -8.356  1.00 35.48 ? 36  LYS A CE  1 
ATOM   296  N NZ  . LYS A 1 40  ? 9.117   8.739   -8.257  1.00 36.69 ? 36  LYS A NZ  1 
ATOM   297  N N   . PRO A 1 41  ? 3.049   5.921   -7.779  1.00 9.57  ? 37  PRO A N   1 
ATOM   298  C CA  . PRO A 1 41  ? 3.017   4.729   -8.631  1.00 8.85  ? 37  PRO A CA  1 
ATOM   299  C C   . PRO A 1 41  ? 4.412   4.434   -9.169  1.00 12.84 ? 37  PRO A C   1 
ATOM   300  O O   . PRO A 1 41  ? 5.097   5.329   -9.673  1.00 12.82 ? 37  PRO A O   1 
ATOM   301  C CB  . PRO A 1 41  ? 2.037   5.119   -9.733  1.00 12.91 ? 37  PRO A CB  1 
ATOM   302  C CG  . PRO A 1 41  ? 2.264   6.594   -9.861  1.00 18.64 ? 37  PRO A CG  1 
ATOM   303  C CD  . PRO A 1 41  ? 2.352   7.049   -8.422  1.00 14.09 ? 37  PRO A CD  1 
ATOM   304  N N   . VAL A 1 42  ? 4.829   3.179   -9.047  1.00 10.65 ? 38  VAL A N   1 
ATOM   305  C CA  . VAL A 1 42  ? 6.141   2.751   -9.506  1.00 13.85 ? 38  VAL A CA  1 
ATOM   306  C C   . VAL A 1 42  ? 6.009   1.440   -10.272 1.00 15.07 ? 38  VAL A C   1 
ATOM   307  O O   . VAL A 1 42  ? 5.261   0.552   -9.867  1.00 14.06 ? 38  VAL A O   1 
ATOM   308  C CB  . VAL A 1 42  ? 7.098   2.515   -8.314  1.00 15.12 ? 38  VAL A CB  1 
ATOM   309  C CG1 . VAL A 1 42  ? 8.464   2.093   -8.820  1.00 21.61 ? 38  VAL A CG1 1 
ATOM   310  C CG2 . VAL A 1 42  ? 7.204   3.777   -7.468  1.00 15.81 ? 38  VAL A CG2 1 
ATOM   311  N N   . LEU A 1 43  ? 6.726   1.327   -11.385 1.00 14.61 ? 39  LEU A N   1 
ATOM   312  C CA  . LEU A 1 43  ? 6.702   0.106   -12.181 1.00 16.18 ? 39  LEU A CA  1 
ATOM   313  C C   . LEU A 1 43  ? 8.004   -0.618  -11.877 1.00 16.51 ? 39  LEU A C   1 
ATOM   314  O O   . LEU A 1 43  ? 9.088   -0.097  -12.148 1.00 20.76 ? 39  LEU A O   1 
ATOM   315  C CB  . LEU A 1 43  ? 6.622   0.432   -13.671 1.00 14.61 ? 39  LEU A CB  1 
ATOM   316  C CG  . LEU A 1 43  ? 6.649   -0.768  -14.622 1.00 19.36 ? 39  LEU A CG  1 
ATOM   317  C CD1 . LEU A 1 43  ? 5.409   -1.624  -14.414 1.00 19.11 ? 39  LEU A CD1 1 
ATOM   318  C CD2 . LEU A 1 43  ? 6.717   -0.276  -16.058 1.00 21.83 ? 39  LEU A CD2 1 
ATOM   319  N N   . ASP A 1 44  ? 7.904   -1.810  -11.303 1.00 11.83 ? 40  ASP A N   1 
ATOM   320  C CA  . ASP A 1 44  ? 9.098   -2.564  -10.953 1.00 15.08 ? 40  ASP A CA  1 
ATOM   321  C C   . ASP A 1 44  ? 8.892   -4.070  -11.103 1.00 15.65 ? 40  ASP A C   1 
ATOM   322  O O   . ASP A 1 44  ? 7.760   -4.542  -11.197 1.00 15.59 ? 40  ASP A O   1 
ATOM   323  C CB  . ASP A 1 44  ? 9.510   -2.219  -9.517  1.00 20.35 ? 40  ASP A CB  1 
ATOM   324  C CG  . ASP A 1 44  ? 10.874  -2.763  -9.152  1.00 26.53 ? 40  ASP A CG  1 
ATOM   325  O OD1 . ASP A 1 44  ? 11.805  -2.632  -9.972  1.00 28.73 ? 40  ASP A OD1 1 
ATOM   326  O OD2 . ASP A 1 44  ? 11.016  -3.312  -8.040  1.00 34.90 ? 40  ASP A OD2 1 
ATOM   327  N N   . SER A 1 45  ? 9.992   -4.816  -11.140 1.00 16.19 ? 41  SER A N   1 
ATOM   328  C CA  . SER A 1 45  ? 9.926   -6.265  -11.289 1.00 17.86 ? 41  SER A CA  1 
ATOM   329  C C   . SER A 1 45  ? 9.493   -6.907  -9.979  1.00 17.40 ? 41  SER A C   1 
ATOM   330  O O   . SER A 1 45  ? 9.871   -6.454  -8.900  1.00 16.40 ? 41  SER A O   1 
ATOM   331  C CB  . SER A 1 45  ? 11.290  -6.821  -11.718 1.00 19.66 ? 41  SER A CB  1 
ATOM   332  O OG  . SER A 1 45  ? 12.294  -6.510  -10.768 1.00 28.85 ? 41  SER A OG  1 
ATOM   333  N N   . TYR A 1 46  ? 8.691   -7.961  -10.078 1.00 14.21 ? 42  TYR A N   1 
ATOM   334  C CA  . TYR A 1 46  ? 8.207   -8.654  -8.893  1.00 14.76 ? 42  TYR A CA  1 
ATOM   335  C C   . TYR A 1 46  ? 8.496   -10.152 -8.977  1.00 14.84 ? 42  TYR A C   1 
ATOM   336  O O   . TYR A 1 46  ? 7.791   -10.886 -9.668  1.00 18.14 ? 42  TYR A O   1 
ATOM   337  C CB  . TYR A 1 46  ? 6.700   -8.425  -8.743  1.00 12.74 ? 42  TYR A CB  1 
ATOM   338  C CG  . TYR A 1 46  ? 6.134   -8.863  -7.412  1.00 17.70 ? 42  TYR A CG  1 
ATOM   339  C CD1 . TYR A 1 46  ? 5.069   -9.759  -7.345  1.00 21.21 ? 42  TYR A CD1 1 
ATOM   340  C CD2 . TYR A 1 46  ? 6.649   -8.363  -6.217  1.00 21.90 ? 42  TYR A CD2 1 
ATOM   341  C CE1 . TYR A 1 46  ? 4.528   -10.146 -6.120  1.00 21.33 ? 42  TYR A CE1 1 
ATOM   342  C CE2 . TYR A 1 46  ? 6.117   -8.741  -4.987  1.00 24.91 ? 42  TYR A CE2 1 
ATOM   343  C CZ  . TYR A 1 46  ? 5.058   -9.632  -4.946  1.00 23.63 ? 42  TYR A CZ  1 
ATOM   344  O OH  . TYR A 1 46  ? 4.531   -10.009 -3.732  1.00 25.73 ? 42  TYR A OH  1 
ATOM   345  N N   . GLY A 1 47  ? 9.536   -10.595 -8.273  1.00 17.94 ? 43  GLY A N   1 
ATOM   346  C CA  . GLY A 1 47  ? 9.891   -12.007 -8.269  1.00 17.32 ? 43  GLY A CA  1 
ATOM   347  C C   . GLY A 1 47  ? 10.755  -12.464 -9.431  1.00 20.42 ? 43  GLY A C   1 
ATOM   348  O O   . GLY A 1 47  ? 11.651  -13.292 -9.260  1.00 21.80 ? 43  GLY A O   1 
ATOM   349  N N   . THR A 1 48  ? 10.480  -11.927 -10.615 1.00 17.62 ? 44  THR A N   1 
ATOM   350  C CA  . THR A 1 48  ? 11.224  -12.269 -11.822 1.00 18.03 ? 44  THR A CA  1 
ATOM   351  C C   . THR A 1 48  ? 11.415  -10.990 -12.634 1.00 19.04 ? 44  THR A C   1 
ATOM   352  O O   . THR A 1 48  ? 10.533  -10.138 -12.669 1.00 15.90 ? 44  THR A O   1 
ATOM   353  C CB  . THR A 1 48  ? 10.450  -13.292 -12.685 1.00 16.99 ? 44  THR A CB  1 
ATOM   354  O OG1 . THR A 1 48  ? 10.040  -14.398 -11.869 1.00 15.41 ? 44  THR A OG1 1 
ATOM   355  C CG2 . THR A 1 48  ? 11.330  -13.812 -13.817 1.00 20.32 ? 44  THR A CG2 1 
ATOM   356  N N   . GLY A 1 49  ? 12.567  -10.859 -13.285 1.00 18.76 ? 48  GLY A N   1 
ATOM   357  C CA  . GLY A 1 49  ? 12.832  -9.669  -14.074 1.00 19.74 ? 48  GLY A CA  1 
ATOM   358  C C   . GLY A 1 49  ? 11.802  -9.405  -15.153 1.00 19.83 ? 48  GLY A C   1 
ATOM   359  O O   . GLY A 1 49  ? 11.562  -8.255  -15.533 1.00 21.21 ? 48  GLY A O   1 
ATOM   360  N N   . SER A 1 50  ? 11.182  -10.470 -15.650 1.00 17.37 ? 49  SER A N   1 
ATOM   361  C CA  . SER A 1 50  ? 10.184  -10.346 -16.701 1.00 19.35 ? 49  SER A CA  1 
ATOM   362  C C   . SER A 1 50  ? 8.796   -10.010 -16.166 1.00 19.45 ? 49  SER A C   1 
ATOM   363  O O   . SER A 1 50  ? 7.916   -9.606  -16.927 1.00 21.81 ? 49  SER A O   1 
ATOM   364  C CB  . SER A 1 50  ? 10.117  -11.646 -17.505 1.00 19.00 ? 49  SER A CB  1 
ATOM   365  O OG  . SER A 1 50  ? 9.856   -12.746 -16.653 1.00 23.40 ? 49  SER A OG  1 
ATOM   366  N N   . ARG A 1 51  ? 8.605   -10.172 -14.861 1.00 16.56 ? 50  ARG A N   1 
ATOM   367  C CA  . ARG A 1 51  ? 7.311   -9.901  -14.243 1.00 15.78 ? 50  ARG A CA  1 
ATOM   368  C C   . ARG A 1 51  ? 7.222   -8.487  -13.687 1.00 15.32 ? 50  ARG A C   1 
ATOM   369  O O   . ARG A 1 51  ? 7.418   -8.270  -12.490 1.00 15.98 ? 50  ARG A O   1 
ATOM   370  C CB  . ARG A 1 51  ? 7.046   -10.899 -13.112 1.00 13.48 ? 50  ARG A CB  1 
ATOM   371  C CG  . ARG A 1 51  ? 5.635   -10.828 -12.513 1.00 11.74 ? 50  ARG A CG  1 
ATOM   372  C CD  . ARG A 1 51  ? 4.709   -11.857 -13.153 1.00 10.29 ? 50  ARG A CD  1 
ATOM   373  N NE  . ARG A 1 51  ? 3.437   -11.987 -12.440 1.00 9.40  ? 50  ARG A NE  1 
ATOM   374  C CZ  . ARG A 1 51  ? 2.309   -11.368 -12.779 1.00 10.62 ? 50  ARG A CZ  1 
ATOM   375  N NH1 . ARG A 1 51  ? 1.210   -11.556 -12.062 1.00 10.98 ? 50  ARG A NH1 1 
ATOM   376  N NH2 . ARG A 1 51  ? 2.271   -10.577 -13.843 1.00 10.95 ? 50  ARG A NH2 1 
ATOM   377  N N   . GLU A 1 52  ? 6.922   -7.524  -14.550 1.00 13.58 ? 51  GLU A N   1 
ATOM   378  C CA  . GLU A 1 52  ? 6.796   -6.143  -14.104 1.00 12.75 ? 51  GLU A CA  1 
ATOM   379  C C   . GLU A 1 52  ? 5.355   -5.840  -13.718 1.00 9.53  ? 51  GLU A C   1 
ATOM   380  O O   . GLU A 1 52  ? 4.419   -6.220  -14.419 1.00 12.55 ? 51  GLU A O   1 
ATOM   381  C CB  . GLU A 1 52  ? 7.257   -5.176  -15.199 1.00 17.46 ? 51  GLU A CB  1 
ATOM   382  C CG  . GLU A 1 52  ? 8.761   -5.179  -15.416 1.00 23.46 ? 51  GLU A CG  1 
ATOM   383  C CD  . GLU A 1 52  ? 9.226   -4.086  -16.362 1.00 27.11 ? 51  GLU A CD  1 
ATOM   384  O OE1 . GLU A 1 52  ? 10.453  -3.930  -16.529 1.00 33.66 ? 51  GLU A OE1 1 
ATOM   385  O OE2 . GLU A 1 52  ? 8.369   -3.385  -16.938 1.00 28.34 ? 51  GLU A OE2 1 
ATOM   386  N N   . LEU A 1 53  ? 5.191   -5.171  -12.583 1.00 10.92 ? 52  LEU A N   1 
ATOM   387  C CA  . LEU A 1 53  ? 3.874   -4.793  -12.081 1.00 9.49  ? 52  LEU A CA  1 
ATOM   388  C C   . LEU A 1 53  ? 3.971   -3.399  -11.492 1.00 9.66  ? 52  LEU A C   1 
ATOM   389  O O   . LEU A 1 53  ? 5.049   -2.962  -11.091 1.00 11.35 ? 52  LEU A O   1 
ATOM   390  C CB  . LEU A 1 53  ? 3.417   -5.751  -10.979 1.00 10.37 ? 52  LEU A CB  1 
ATOM   391  C CG  . LEU A 1 53  ? 3.084   -7.194  -11.349 1.00 13.82 ? 52  LEU A CG  1 
ATOM   392  C CD1 . LEU A 1 53  ? 2.782   -7.980  -10.086 1.00 13.13 ? 52  LEU A CD1 1 
ATOM   393  C CD2 . LEU A 1 53  ? 1.891   -7.223  -12.293 1.00 12.15 ? 52  LEU A CD2 1 
ATOM   394  N N   . MET A 1 54  ? 2.845   -2.699  -11.444 1.00 7.45  ? 53  MET A N   1 
ATOM   395  C CA  . MET A 1 54  ? 2.835   -1.369  -10.861 1.00 7.67  ? 53  MET A CA  1 
ATOM   396  C C   . MET A 1 54  ? 2.429   -1.497  -9.404  1.00 9.09  ? 53  MET A C   1 
ATOM   397  O O   . MET A 1 54  ? 1.554   -2.288  -9.052  1.00 8.32  ? 53  MET A O   1 
ATOM   398  C CB  . MET A 1 54  ? 1.840   -0.457  -11.585 1.00 11.53 ? 53  MET A CB  1 
ATOM   399  C CG  . MET A 1 54  ? 1.766   0.946   -10.988 1.00 11.51 ? 53  MET A CG  1 
ATOM   400  S SD  . MET A 1 54  ? 0.595   2.039   -11.813 1.00 13.20 ? 53  MET A SD  1 
ATOM   401  C CE  . MET A 1 54  ? -0.957  1.366   -11.222 1.00 13.64 ? 53  MET A CE  1 
ATOM   402  N N   . ASN A 1 55  ? 3.086   -0.729  -8.548  1.00 9.68  ? 54  ASN A N   1 
ATOM   403  C CA  . ASN A 1 55  ? 2.749   -0.744  -7.139  1.00 9.98  ? 54  ASN A CA  1 
ATOM   404  C C   . ASN A 1 55  ? 2.641   0.694   -6.676  1.00 8.99  ? 54  ASN A C   1 
ATOM   405  O O   . ASN A 1 55  ? 3.086   1.614   -7.367  1.00 10.09 ? 54  ASN A O   1 
ATOM   406  C CB  . ASN A 1 55  ? 3.818   -1.482  -6.325  1.00 10.06 ? 54  ASN A CB  1 
ATOM   407  C CG  . ASN A 1 55  ? 5.156   -0.773  -6.329  1.00 14.31 ? 54  ASN A CG  1 
ATOM   408  O OD1 . ASN A 1 55  ? 5.262   0.387   -5.926  1.00 16.28 ? 54  ASN A OD1 1 
ATOM   409  N ND2 . ASN A 1 55  ? 6.193   -1.472  -6.777  1.00 16.02 ? 54  ASN A ND2 1 
ATOM   410  N N   . LEU A 1 56  ? 2.008   0.891   -5.529  1.00 7.75  ? 55  LEU A N   1 
ATOM   411  C CA  . LEU A 1 56  ? 1.899   2.220   -4.958  1.00 8.08  ? 55  LEU A CA  1 
ATOM   412  C C   . LEU A 1 56  ? 2.815   2.183   -3.743  1.00 8.59  ? 55  LEU A C   1 
ATOM   413  O O   . LEU A 1 56  ? 2.574   1.437   -2.793  1.00 11.90 ? 55  LEU A O   1 
ATOM   414  C CB  . LEU A 1 56  ? 0.453   2.517   -4.564  1.00 10.56 ? 55  LEU A CB  1 
ATOM   415  C CG  . LEU A 1 56  ? -0.515  2.381   -5.744  1.00 10.43 ? 55  LEU A CG  1 
ATOM   416  C CD1 . LEU A 1 56  ? -1.909  2.790   -5.308  1.00 15.22 ? 55  LEU A CD1 1 
ATOM   417  C CD2 . LEU A 1 56  ? -0.048  3.249   -6.906  1.00 18.34 ? 55  LEU A CD2 1 
ATOM   418  N N   . THR A 1 57  ? 3.883   2.973   -3.797  1.00 11.37 ? 56  THR A N   1 
ATOM   419  C CA  . THR A 1 57  ? 4.870   3.019   -2.722  1.00 10.35 ? 56  THR A CA  1 
ATOM   420  C C   . THR A 1 57  ? 4.924   4.378   -2.047  1.00 12.72 ? 56  THR A C   1 
ATOM   421  O O   . THR A 1 57  ? 4.882   5.413   -2.706  1.00 12.53 ? 56  THR A O   1 
ATOM   422  C CB  . THR A 1 57  ? 6.282   2.702   -3.250  1.00 15.35 ? 56  THR A CB  1 
ATOM   423  O OG1 . THR A 1 57  ? 6.328   1.355   -3.729  1.00 21.54 ? 56  THR A OG1 1 
ATOM   424  C CG2 . THR A 1 57  ? 7.315   2.879   -2.144  1.00 17.06 ? 56  THR A CG2 1 
ATOM   425  N N   . GLY A 1 58  ? 5.035   4.362   -0.724  1.00 10.48 ? 57  GLY A N   1 
ATOM   426  C CA  . GLY A 1 58  ? 5.099   5.604   0.022   1.00 11.61 ? 57  GLY A CA  1 
ATOM   427  C C   . GLY A 1 58  ? 4.585   5.414   1.430   1.00 10.86 ? 57  GLY A C   1 
ATOM   428  O O   . GLY A 1 58  ? 4.713   4.333   1.998   1.00 13.48 ? 57  GLY A O   1 
ATOM   429  N N   . THR A 1 59  ? 3.997   6.460   1.994   1.00 11.32 ? 58  THR A N   1 
ATOM   430  C CA  . THR A 1 59  ? 3.470   6.377   3.349   1.00 8.87  ? 58  THR A CA  1 
ATOM   431  C C   . THR A 1 59  ? 2.018   6.816   3.418   1.00 9.06  ? 58  THR A C   1 
ATOM   432  O O   . THR A 1 59  ? 1.519   7.517   2.535   1.00 12.37 ? 58  THR A O   1 
ATOM   433  C CB  . THR A 1 59  ? 4.256   7.284   4.325   1.00 11.54 ? 58  THR A CB  1 
ATOM   434  O OG1 . THR A 1 59  ? 4.131   8.650   3.908   1.00 14.43 ? 58  THR A OG1 1 
ATOM   435  C CG2 . THR A 1 59  ? 5.726   6.897   4.361   1.00 10.35 ? 58  THR A CG2 1 
ATOM   436  N N   . ILE A 1 60  ? 1.344   6.380   4.476   1.00 9.53  ? 59  ILE A N   1 
ATOM   437  C CA  . ILE A 1 60  ? -0.031  6.772   4.733   1.00 11.34 ? 59  ILE A CA  1 
ATOM   438  C C   . ILE A 1 60  ? -0.022  7.268   6.170   1.00 10.49 ? 59  ILE A C   1 
ATOM   439  O O   . ILE A 1 60  ? 0.690   6.725   7.016   1.00 10.18 ? 59  ILE A O   1 
ATOM   440  C CB  . ILE A 1 60  ? -1.031  5.601   4.580   1.00 12.30 ? 59  ILE A CB  1 
ATOM   441  C CG1 . ILE A 1 60  ? -0.524  4.361   5.315   1.00 10.51 ? 59  ILE A CG1 1 
ATOM   442  C CG2 . ILE A 1 60  ? -1.261  5.319   3.105   1.00 12.36 ? 59  ILE A CG2 1 
ATOM   443  C CD1 . ILE A 1 60  ? -1.544  3.241   5.391   1.00 11.73 ? 59  ILE A CD1 1 
ATOM   444  N N   . PRO A 1 61  ? -0.788  8.328   6.456   1.00 14.62 ? 60  PRO A N   1 
ATOM   445  C CA  . PRO A 1 61  ? -0.860  8.903   7.802   1.00 12.87 ? 60  PRO A CA  1 
ATOM   446  C C   . PRO A 1 61  ? -1.698  8.078   8.769   1.00 11.23 ? 60  PRO A C   1 
ATOM   447  O O   . PRO A 1 61  ? -2.895  7.887   8.567   1.00 14.07 ? 60  PRO A O   1 
ATOM   448  C CB  . PRO A 1 61  ? -1.445  10.289  7.546   1.00 16.61 ? 60  PRO A CB  1 
ATOM   449  C CG  . PRO A 1 61  ? -2.357  10.053  6.391   1.00 13.48 ? 60  PRO A CG  1 
ATOM   450  C CD  . PRO A 1 61  ? -1.542  9.148   5.490   1.00 14.74 ? 60  PRO A CD  1 
ATOM   451  N N   . VAL A 1 62  ? -1.056  7.599   9.828   1.00 10.25 ? 61  VAL A N   1 
ATOM   452  C CA  . VAL A 1 62  ? -1.738  6.791   10.824  1.00 10.70 ? 61  VAL A CA  1 
ATOM   453  C C   . VAL A 1 62  ? -1.618  7.371   12.227  1.00 9.16  ? 61  VAL A C   1 
ATOM   454  O O   . VAL A 1 62  ? -0.524  7.500   12.761  1.00 9.76  ? 61  VAL A O   1 
ATOM   455  C CB  . VAL A 1 62  ? -1.171  5.359   10.843  1.00 10.72 ? 61  VAL A CB  1 
ATOM   456  C CG1 . VAL A 1 62  ? -1.944  4.505   11.846  1.00 9.93  ? 61  VAL A CG1 1 
ATOM   457  C CG2 . VAL A 1 62  ? -1.250  4.755   9.449   1.00 10.80 ? 61  VAL A CG2 1 
ATOM   458  N N   . PRO A 1 63  ? -2.753  7.740   12.837  1.00 14.08 ? 62  PRO A N   1 
ATOM   459  C CA  . PRO A 1 63  ? -2.722  8.299   14.189  1.00 15.70 ? 62  PRO A CA  1 
ATOM   460  C C   . PRO A 1 63  ? -2.560  7.177   15.211  1.00 13.64 ? 62  PRO A C   1 
ATOM   461  O O   . PRO A 1 63  ? -3.241  6.151   15.135  1.00 17.92 ? 62  PRO A O   1 
ATOM   462  C CB  . PRO A 1 63  ? -4.073  8.991   14.299  1.00 16.02 ? 62  PRO A CB  1 
ATOM   463  C CG  . PRO A 1 63  ? -4.956  8.091   13.501  1.00 20.06 ? 62  PRO A CG  1 
ATOM   464  C CD  . PRO A 1 63  ? -4.112  7.808   12.273  1.00 17.48 ? 62  PRO A CD  1 
ATOM   465  N N   . TYR A 1 64  ? -1.658  7.375   16.165  1.00 13.45 ? 63  TYR A N   1 
ATOM   466  C CA  . TYR A 1 64  ? -1.401  6.381   17.199  1.00 12.61 ? 63  TYR A CA  1 
ATOM   467  C C   . TYR A 1 64  ? -0.949  7.063   18.485  1.00 15.12 ? 63  TYR A C   1 
ATOM   468  O O   . TYR A 1 64  ? 0.056   7.767   18.503  1.00 12.45 ? 63  TYR A O   1 
ATOM   469  C CB  . TYR A 1 64  ? -0.326  5.399   16.726  1.00 12.59 ? 63  TYR A CB  1 
ATOM   470  C CG  . TYR A 1 64  ? 0.076   4.369   17.763  1.00 12.55 ? 63  TYR A CG  1 
ATOM   471  C CD1 . TYR A 1 64  ? -0.789  3.339   18.128  1.00 13.94 ? 63  TYR A CD1 1 
ATOM   472  C CD2 . TYR A 1 64  ? 1.330   4.420   18.372  1.00 12.78 ? 63  TYR A CD2 1 
ATOM   473  C CE1 . TYR A 1 64  ? -0.414  2.381   19.074  1.00 14.12 ? 63  TYR A CE1 1 
ATOM   474  C CE2 . TYR A 1 64  ? 1.714   3.467   19.318  1.00 13.94 ? 63  TYR A CE2 1 
ATOM   475  C CZ  . TYR A 1 64  ? 0.838   2.451   19.662  1.00 15.91 ? 63  TYR A CZ  1 
ATOM   476  O OH  . TYR A 1 64  ? 1.219   1.501   20.583  1.00 18.47 ? 63  TYR A OH  1 
ATOM   477  N N   . ARG A 1 65  ? -1.703  6.846   19.556  1.00 16.21 ? 64  ARG A N   1 
ATOM   478  C CA  . ARG A 1 65  ? -1.397  7.433   20.856  1.00 16.77 ? 64  ARG A CA  1 
ATOM   479  C C   . ARG A 1 65  ? -1.177  8.940   20.845  1.00 18.60 ? 64  ARG A C   1 
ATOM   480  O O   . ARG A 1 65  ? -0.281  9.442   21.522  1.00 19.90 ? 64  ARG A O   1 
ATOM   481  C CB  . ARG A 1 65  ? -0.172  6.764   21.483  1.00 25.27 ? 64  ARG A CB  1 
ATOM   482  C CG  . ARG A 1 65  ? -0.445  5.417   22.125  1.00 30.81 ? 64  ARG A CG  1 
ATOM   483  C CD  . ARG A 1 65  ? 0.545   5.179   23.255  1.00 35.46 ? 64  ARG A CD  1 
ATOM   484  N NE  . ARG A 1 65  ? 0.296   3.933   23.971  1.00 40.82 ? 64  ARG A NE  1 
ATOM   485  C CZ  . ARG A 1 65  ? 0.875   3.611   25.123  1.00 41.95 ? 64  ARG A CZ  1 
ATOM   486  N NH1 . ARG A 1 65  ? 1.735   4.448   25.689  1.00 39.70 ? 64  ARG A NH1 1 
ATOM   487  N NH2 . ARG A 1 65  ? 0.601   2.453   25.708  1.00 45.56 ? 64  ARG A NH2 1 
ATOM   488  N N   . GLY A 1 66  ? -1.985  9.655   20.069  1.00 16.69 ? 65  GLY A N   1 
ATOM   489  C CA  . GLY A 1 66  ? -1.878  11.103  20.031  1.00 17.71 ? 65  GLY A CA  1 
ATOM   490  C C   . GLY A 1 66  ? -0.965  11.723  18.993  1.00 20.26 ? 65  GLY A C   1 
ATOM   491  O O   . GLY A 1 66  ? -0.922  12.947  18.869  1.00 20.71 ? 65  GLY A O   1 
ATOM   492  N N   . ASN A 1 67  ? -0.233  10.900  18.252  1.00 15.05 ? 66  ASN A N   1 
ATOM   493  C CA  . ASN A 1 67  ? 0.666   11.412  17.227  1.00 11.72 ? 66  ASN A CA  1 
ATOM   494  C C   . ASN A 1 67  ? 0.375   10.732  15.899  1.00 14.01 ? 66  ASN A C   1 
ATOM   495  O O   . ASN A 1 67  ? -0.143  9.615   15.868  1.00 16.10 ? 66  ASN A O   1 
ATOM   496  C CB  . ASN A 1 67  ? 2.123   11.167  17.621  1.00 13.18 ? 66  ASN A CB  1 
ATOM   497  C CG  . ASN A 1 67  ? 2.511   11.893  18.895  1.00 18.86 ? 66  ASN A CG  1 
ATOM   498  O OD1 . ASN A 1 67  ? 2.665   11.283  19.953  1.00 22.19 ? 66  ASN A OD1 1 
ATOM   499  N ND2 . ASN A 1 67  ? 2.661   13.208  18.799  1.00 16.82 ? 66  ASN A ND2 1 
ATOM   500  N N   . THR A 1 68  ? 0.706   11.406  14.801  1.00 13.51 ? 67  THR A N   1 
ATOM   501  C CA  . THR A 1 68  ? 0.470   10.843  13.478  1.00 12.84 ? 67  THR A CA  1 
ATOM   502  C C   . THR A 1 68  ? 1.775   10.381  12.853  1.00 14.53 ? 67  THR A C   1 
ATOM   503  O O   . THR A 1 68  ? 2.739   11.142  12.771  1.00 16.09 ? 67  THR A O   1 
ATOM   504  C CB  . THR A 1 68  ? -0.198  11.865  12.539  1.00 16.01 ? 67  THR A CB  1 
ATOM   505  O OG1 . THR A 1 68  ? -1.503  12.187  13.034  1.00 17.65 ? 67  THR A OG1 1 
ATOM   506  C CG2 . THR A 1 68  ? -0.328  11.291  11.131  1.00 16.12 ? 67  THR A CG2 1 
ATOM   507  N N   . TYR A 1 69  ? 1.797   9.128   12.413  1.00 12.52 ? 68  TYR A N   1 
ATOM   508  C CA  . TYR A 1 69  ? 2.989   8.562   11.805  1.00 10.10 ? 68  TYR A CA  1 
ATOM   509  C C   . TYR A 1 69  ? 2.787   8.284   10.328  1.00 12.57 ? 68  TYR A C   1 
ATOM   510  O O   . TYR A 1 69  ? 1.680   7.996   9.885   1.00 12.15 ? 68  TYR A O   1 
ATOM   511  C CB  . TYR A 1 69  ? 3.388   7.274   12.529  1.00 11.66 ? 68  TYR A CB  1 
ATOM   512  C CG  . TYR A 1 69  ? 3.676   7.504   13.989  1.00 11.34 ? 68  TYR A CG  1 
ATOM   513  C CD1 . TYR A 1 69  ? 2.653   7.480   14.935  1.00 10.85 ? 68  TYR A CD1 1 
ATOM   514  C CD2 . TYR A 1 69  ? 4.962   7.831   14.414  1.00 12.85 ? 68  TYR A CD2 1 
ATOM   515  C CE1 . TYR A 1 69  ? 2.903   7.782   16.270  1.00 10.22 ? 68  TYR A CE1 1 
ATOM   516  C CE2 . TYR A 1 69  ? 5.223   8.136   15.743  1.00 12.32 ? 68  TYR A CE2 1 
ATOM   517  C CZ  . TYR A 1 69  ? 4.190   8.110   16.664  1.00 12.79 ? 68  TYR A CZ  1 
ATOM   518  O OH  . TYR A 1 69  ? 4.450   8.433   17.976  1.00 14.83 ? 68  TYR A OH  1 
ATOM   519  N N   . ASN A 1 70  ? 3.871   8.393   9.569   1.00 9.87  ? 69  ASN A N   1 
ATOM   520  C CA  . ASN A 1 70  ? 3.826   8.134   8.137   1.00 12.32 ? 69  ASN A CA  1 
ATOM   521  C C   . ASN A 1 70  ? 4.331   6.712   7.938   1.00 12.82 ? 69  ASN A C   1 
ATOM   522  O O   . ASN A 1 70  ? 5.527   6.479   7.750   1.00 12.14 ? 69  ASN A O   1 
ATOM   523  C CB  . ASN A 1 70  ? 4.711   9.140   7.402   1.00 12.48 ? 69  ASN A CB  1 
ATOM   524  C CG  . ASN A 1 70  ? 4.300   10.571  7.682   1.00 16.91 ? 69  ASN A CG  1 
ATOM   525  O OD1 . ASN A 1 70  ? 3.142   10.946  7.480   1.00 15.25 ? 69  ASN A OD1 1 
ATOM   526  N ND2 . ASN A 1 70  ? 5.242   11.379  8.157   1.00 17.13 ? 69  ASN A ND2 1 
ATOM   527  N N   . ILE A 1 71  ? 3.395   5.767   8.005   1.00 10.00 ? 70  ILE A N   1 
ATOM   528  C CA  . ILE A 1 71  ? 3.694   4.346   7.877   1.00 10.70 ? 70  ILE A CA  1 
ATOM   529  C C   . ILE A 1 71  ? 4.041   3.967   6.439   1.00 9.23  ? 70  ILE A C   1 
ATOM   530  O O   . ILE A 1 71  ? 3.235   4.148   5.529   1.00 8.95  ? 70  ILE A O   1 
ATOM   531  C CB  . ILE A 1 71  ? 2.491   3.502   8.355   1.00 9.38  ? 70  ILE A CB  1 
ATOM   532  C CG1 . ILE A 1 71  ? 2.141   3.861   9.806   1.00 9.24  ? 70  ILE A CG1 1 
ATOM   533  C CG2 . ILE A 1 71  ? 2.803   2.019   8.206   1.00 10.10 ? 70  ILE A CG2 1 
ATOM   534  C CD1 . ILE A 1 71  ? 3.246   3.579   10.807  1.00 13.24 ? 70  ILE A CD1 1 
ATOM   535  N N   . PRO A 1 72  ? 5.252   3.429   6.223   1.00 9.04  ? 71  PRO A N   1 
ATOM   536  C CA  . PRO A 1 72  ? 5.722   3.022   4.895   1.00 10.50 ? 71  PRO A CA  1 
ATOM   537  C C   . PRO A 1 72  ? 5.107   1.718   4.400   1.00 8.79  ? 71  PRO A C   1 
ATOM   538  O O   . PRO A 1 72  ? 5.216   0.678   5.049   1.00 11.08 ? 71  PRO A O   1 
ATOM   539  C CB  . PRO A 1 72  ? 7.228   2.919   5.090   1.00 10.99 ? 71  PRO A CB  1 
ATOM   540  C CG  . PRO A 1 72  ? 7.329   2.388   6.486   1.00 12.09 ? 71  PRO A CG  1 
ATOM   541  C CD  . PRO A 1 72  ? 6.310   3.229   7.234   1.00 9.32  ? 71  PRO A CD  1 
ATOM   542  N N   . ILE A 1 73  ? 4.461   1.782   3.240   1.00 11.33 ? 72  ILE A N   1 
ATOM   543  C CA  . ILE A 1 73  ? 3.828   0.606   2.663   1.00 9.30  ? 72  ILE A CA  1 
ATOM   544  C C   . ILE A 1 73  ? 4.085   0.507   1.171   1.00 9.86  ? 72  ILE A C   1 
ATOM   545  O O   . ILE A 1 73  ? 4.571   1.448   0.547   1.00 9.04  ? 72  ILE A O   1 
ATOM   546  C CB  . ILE A 1 73  ? 2.292   0.627   2.868   1.00 9.14  ? 72  ILE A CB  1 
ATOM   547  C CG1 . ILE A 1 73  ? 1.689   1.850   2.173   1.00 10.35 ? 72  ILE A CG1 1 
ATOM   548  C CG2 . ILE A 1 73  ? 1.958   0.629   4.360   1.00 9.92  ? 72  ILE A CG2 1 
ATOM   549  C CD1 . ILE A 1 73  ? 0.167   1.887   2.200   1.00 11.70 ? 72  ILE A CD1 1 
ATOM   550  N N   . CYS A 1 74  ? 3.760   -0.652  0.613   1.00 9.93  ? 73  CYS A N   1 
ATOM   551  C CA  . CYS A 1 74  ? 3.898   -0.898  -0.815  1.00 9.70  ? 73  CYS A CA  1 
ATOM   552  C C   . CYS A 1 74  ? 2.709   -1.766  -1.200  1.00 8.50  ? 73  CYS A C   1 
ATOM   553  O O   . CYS A 1 74  ? 2.544   -2.870  -0.685  1.00 11.91 ? 73  CYS A O   1 
ATOM   554  C CB  . CYS A 1 74  ? 5.203   -1.634  -1.125  1.00 11.03 ? 73  CYS A CB  1 
ATOM   555  S SG  . CYS A 1 74  ? 5.455   -1.941  -2.897  1.00 15.40 ? 73  CYS A SG  1 
ATOM   556  N N   . LEU A 1 75  ? 1.866   -1.255  -2.090  1.00 8.77  ? 74  LEU A N   1 
ATOM   557  C CA  . LEU A 1 75  ? 0.697   -2.003  -2.533  1.00 7.67  ? 74  LEU A CA  1 
ATOM   558  C C   . LEU A 1 75  ? 0.898   -2.460  -3.975  1.00 5.91  ? 74  LEU A C   1 
ATOM   559  O O   . LEU A 1 75  ? 0.824   -1.652  -4.903  1.00 8.75  ? 74  LEU A O   1 
ATOM   560  C CB  . LEU A 1 75  ? -0.557  -1.129  -2.440  1.00 8.17  ? 74  LEU A CB  1 
ATOM   561  C CG  . LEU A 1 75  ? -0.815  -0.402  -1.118  1.00 8.13  ? 74  LEU A CG  1 
ATOM   562  C CD1 . LEU A 1 75  ? -2.068  0.456   -1.252  1.00 13.88 ? 74  LEU A CD1 1 
ATOM   563  C CD2 . LEU A 1 75  ? -0.968  -1.408  0.015   1.00 9.42  ? 74  LEU A CD2 1 
ATOM   564  N N   . TRP A 1 76  ? 1.162   -3.750  -4.164  1.00 7.71  ? 75  TRP A N   1 
ATOM   565  C CA  . TRP A 1 76  ? 1.359   -4.283  -5.510  1.00 6.29  ? 75  TRP A CA  1 
ATOM   566  C C   . TRP A 1 76  ? 0.016   -4.590  -6.147  1.00 8.00  ? 75  TRP A C   1 
ATOM   567  O O   . TRP A 1 76  ? -0.760  -5.378  -5.612  1.00 9.50  ? 75  TRP A O   1 
ATOM   568  C CB  . TRP A 1 76  ? 2.174   -5.578  -5.490  1.00 8.86  ? 75  TRP A CB  1 
ATOM   569  C CG  . TRP A 1 76  ? 3.604   -5.425  -5.080  1.00 9.98  ? 75  TRP A CG  1 
ATOM   570  C CD1 . TRP A 1 76  ? 4.109   -5.518  -3.815  1.00 14.86 ? 75  TRP A CD1 1 
ATOM   571  C CD2 . TRP A 1 76  ? 4.721   -5.174  -5.942  1.00 12.81 ? 75  TRP A CD2 1 
ATOM   572  N NE1 . TRP A 1 76  ? 5.472   -5.342  -3.835  1.00 13.84 ? 75  TRP A NE1 1 
ATOM   573  C CE2 . TRP A 1 76  ? 5.874   -5.126  -5.127  1.00 14.09 ? 75  TRP A CE2 1 
ATOM   574  C CE3 . TRP A 1 76  ? 4.859   -4.979  -7.323  1.00 13.11 ? 75  TRP A CE3 1 
ATOM   575  C CZ2 . TRP A 1 76  ? 7.153   -4.896  -5.649  1.00 13.21 ? 75  TRP A CZ2 1 
ATOM   576  C CZ3 . TRP A 1 76  ? 6.134   -4.750  -7.842  1.00 12.02 ? 75  TRP A CZ3 1 
ATOM   577  C CH2 . TRP A 1 76  ? 7.260   -4.710  -7.004  1.00 11.75 ? 75  TRP A CH2 1 
ATOM   578  N N   . LEU A 1 77  ? -0.257  -3.969  -7.289  1.00 8.20  ? 76  LEU A N   1 
ATOM   579  C CA  . LEU A 1 77  ? -1.505  -4.221  -7.994  1.00 7.14  ? 76  LEU A CA  1 
ATOM   580  C C   . LEU A 1 77  ? -1.231  -5.306  -9.030  1.00 8.20  ? 76  LEU A C   1 
ATOM   581  O O   . LEU A 1 77  ? -0.431  -5.113  -9.947  1.00 9.13  ? 76  LEU A O   1 
ATOM   582  C CB  . LEU A 1 77  ? -1.998  -2.945  -8.682  1.00 7.84  ? 76  LEU A CB  1 
ATOM   583  C CG  . LEU A 1 77  ? -2.091  -1.683  -7.820  1.00 8.29  ? 76  LEU A CG  1 
ATOM   584  C CD1 . LEU A 1 77  ? -2.844  -0.604  -8.592  1.00 8.22  ? 76  LEU A CD1 1 
ATOM   585  C CD2 . LEU A 1 77  ? -2.812  -1.980  -6.515  1.00 11.58 ? 76  LEU A CD2 1 
ATOM   586  N N   . LEU A 1 78  ? -1.875  -6.458  -8.870  1.00 7.36  ? 77  LEU A N   1 
ATOM   587  C CA  . LEU A 1 78  ? -1.692  -7.563  -9.805  1.00 7.18  ? 77  LEU A CA  1 
ATOM   588  C C   . LEU A 1 78  ? -2.310  -7.206  -11.146 1.00 7.42  ? 77  LEU A C   1 
ATOM   589  O O   . LEU A 1 78  ? -3.140  -6.298  -11.225 1.00 7.84  ? 77  LEU A O   1 
ATOM   590  C CB  . LEU A 1 78  ? -2.350  -8.833  -9.260  1.00 7.68  ? 77  LEU A CB  1 
ATOM   591  C CG  . LEU A 1 78  ? -1.769  -9.405  -7.966  1.00 9.45  ? 77  LEU A CG  1 
ATOM   592  C CD1 . LEU A 1 78  ? -2.667  -10.534 -7.473  1.00 11.82 ? 77  LEU A CD1 1 
ATOM   593  C CD2 . LEU A 1 78  ? -0.344  -9.906  -8.213  1.00 10.17 ? 77  LEU A CD2 1 
ATOM   594  N N   . ASP A 1 79  ? -1.916  -7.915  -12.202 1.00 6.09  ? 78  ASP A N   1 
ATOM   595  C CA  . ASP A 1 79  ? -2.464  -7.624  -13.518 1.00 7.58  ? 78  ASP A CA  1 
ATOM   596  C C   . ASP A 1 79  ? -3.947  -7.977  -13.642 1.00 10.22 ? 78  ASP A C   1 
ATOM   597  O O   . ASP A 1 79  ? -4.560  -7.776  -14.695 1.00 7.89  ? 78  ASP A O   1 
ATOM   598  C CB  . ASP A 1 79  ? -1.636  -8.294  -14.632 1.00 8.28  ? 78  ASP A CB  1 
ATOM   599  C CG  . ASP A 1 79  ? -1.334  -9.757  -14.372 1.00 17.67 ? 78  ASP A CG  1 
ATOM   600  O OD1 . ASP A 1 79  ? -1.373  -10.532 -15.349 1.00 23.15 ? 78  ASP A OD1 1 
ATOM   601  O OD2 . ASP A 1 79  ? -1.029  -10.137 -13.221 1.00 9.57  ? 78  ASP A OD2 1 
ATOM   602  N N   . THR A 1 80  ? -4.519  -8.489  -12.557 1.00 7.19  ? 79  THR A N   1 
ATOM   603  C CA  . THR A 1 80  ? -5.938  -8.818  -12.509 1.00 10.15 ? 79  THR A CA  1 
ATOM   604  C C   . THR A 1 80  ? -6.680  -7.808  -11.628 1.00 8.80  ? 79  THR A C   1 
ATOM   605  O O   . THR A 1 80  ? -7.872  -7.962  -11.376 1.00 7.31  ? 79  THR A O   1 
ATOM   606  C CB  . THR A 1 80  ? -6.189  -10.227 -11.940 1.00 8.44  ? 79  THR A CB  1 
ATOM   607  O OG1 . THR A 1 80  ? -5.457  -10.383 -10.722 1.00 7.60  ? 79  THR A OG1 1 
ATOM   608  C CG2 . THR A 1 80  ? -5.764  -11.299 -12.938 1.00 8.23  ? 79  THR A CG2 1 
ATOM   609  N N   . TYR A 1 81  ? -5.981  -6.782  -11.146 1.00 8.50  ? 80  TYR A N   1 
ATOM   610  C CA  . TYR A 1 81  ? -6.644  -5.770  -10.322 1.00 8.62  ? 80  TYR A CA  1 
ATOM   611  C C   . TYR A 1 81  ? -7.725  -5.118  -11.202 1.00 6.57  ? 80  TYR A C   1 
ATOM   612  O O   . TYR A 1 81  ? -7.497  -4.890  -12.388 1.00 7.02  ? 80  TYR A O   1 
ATOM   613  C CB  . TYR A 1 81  ? -5.645  -4.706  -9.849  1.00 6.40  ? 80  TYR A CB  1 
ATOM   614  C CG  . TYR A 1 81  ? -6.286  -3.713  -8.910  1.00 7.05  ? 80  TYR A CG  1 
ATOM   615  C CD1 . TYR A 1 81  ? -6.441  -4.014  -7.559  1.00 8.81  ? 80  TYR A CD1 1 
ATOM   616  C CD2 . TYR A 1 81  ? -6.871  -2.543  -9.397  1.00 8.35  ? 80  TYR A CD2 1 
ATOM   617  C CE1 . TYR A 1 81  ? -7.174  -3.185  -6.717  1.00 11.47 ? 80  TYR A CE1 1 
ATOM   618  C CE2 . TYR A 1 81  ? -7.612  -1.707  -8.560  1.00 10.29 ? 80  TYR A CE2 1 
ATOM   619  C CZ  . TYR A 1 81  ? -7.762  -2.040  -7.225  1.00 11.65 ? 80  TYR A CZ  1 
ATOM   620  O OH  . TYR A 1 81  ? -8.548  -1.264  -6.403  1.00 13.73 ? 80  TYR A OH  1 
ATOM   621  N N   . PRO A 1 82  ? -8.890  -4.751  -10.632 1.00 7.26  ? 81  PRO A N   1 
ATOM   622  C CA  . PRO A 1 82  ? -9.412  -4.833  -9.264  1.00 6.34  ? 81  PRO A CA  1 
ATOM   623  C C   . PRO A 1 82  ? -10.168 -6.101  -8.890  1.00 9.18  ? 81  PRO A C   1 
ATOM   624  O O   . PRO A 1 82  ? -10.794 -6.150  -7.828  1.00 9.16  ? 81  PRO A O   1 
ATOM   625  C CB  . PRO A 1 82  ? -10.332 -3.627  -9.200  1.00 8.81  ? 81  PRO A CB  1 
ATOM   626  C CG  . PRO A 1 82  ? -11.008 -3.717  -10.540 1.00 6.83  ? 81  PRO A CG  1 
ATOM   627  C CD  . PRO A 1 82  ? -9.836  -4.005  -11.488 1.00 8.14  ? 81  PRO A CD  1 
ATOM   628  N N   . TYR A 1 83  ? -10.129 -7.118  -9.740  1.00 8.83  ? 82  TYR A N   1 
ATOM   629  C CA  . TYR A 1 83  ? -10.868 -8.335  -9.440  1.00 8.56  ? 82  TYR A CA  1 
ATOM   630  C C   . TYR A 1 83  ? -10.209 -9.195  -8.372  1.00 10.89 ? 82  TYR A C   1 
ATOM   631  O O   . TYR A 1 83  ? -10.881 -9.962  -7.686  1.00 11.60 ? 82  TYR A O   1 
ATOM   632  C CB  . TYR A 1 83  ? -11.146 -9.096  -10.737 1.00 9.05  ? 82  TYR A CB  1 
ATOM   633  C CG  . TYR A 1 83  ? -12.198 -8.387  -11.573 1.00 9.90  ? 82  TYR A CG  1 
ATOM   634  C CD1 . TYR A 1 83  ? -13.553 -8.677  -11.415 1.00 12.90 ? 82  TYR A CD1 1 
ATOM   635  C CD2 . TYR A 1 83  ? -11.845 -7.371  -12.466 1.00 7.21  ? 82  TYR A CD2 1 
ATOM   636  C CE1 . TYR A 1 83  ? -14.532 -7.973  -12.121 1.00 12.13 ? 82  TYR A CE1 1 
ATOM   637  C CE2 . TYR A 1 83  ? -12.818 -6.658  -13.178 1.00 7.69  ? 82  TYR A CE2 1 
ATOM   638  C CZ  . TYR A 1 83  ? -14.158 -6.966  -12.997 1.00 10.47 ? 82  TYR A CZ  1 
ATOM   639  O OH  . TYR A 1 83  ? -15.123 -6.261  -13.679 1.00 12.26 ? 82  TYR A OH  1 
ATOM   640  N N   . ASN A 1 84  ? -8.894  -9.057  -8.228  1.00 8.38  ? 83  ASN A N   1 
ATOM   641  C CA  . ASN A 1 84  ? -8.159  -9.758  -7.180  1.00 7.77  ? 83  ASN A CA  1 
ATOM   642  C C   . ASN A 1 84  ? -7.548  -8.642  -6.351  1.00 8.05  ? 83  ASN A C   1 
ATOM   643  O O   . ASN A 1 84  ? -7.163  -7.606  -6.890  1.00 8.25  ? 83  ASN A O   1 
ATOM   644  C CB  . ASN A 1 84  ? -7.035  -10.627 -7.741  1.00 6.62  ? 83  ASN A CB  1 
ATOM   645  C CG  . ASN A 1 84  ? -7.538  -11.895 -8.376  1.00 14.90 ? 83  ASN A CG  1 
ATOM   646  O OD1 . ASN A 1 84  ? -8.373  -12.602 -7.809  1.00 21.63 ? 83  ASN A OD1 1 
ATOM   647  N ND2 . ASN A 1 84  ? -7.016  -12.208 -9.553  1.00 15.48 ? 83  ASN A ND2 1 
ATOM   648  N N   . PRO A 1 85  ? -7.446  -8.835  -5.029  1.00 8.33  ? 84  PRO A N   1 
ATOM   649  C CA  . PRO A 1 85  ? -6.870  -7.802  -4.166  1.00 7.53  ? 84  PRO A CA  1 
ATOM   650  C C   . PRO A 1 85  ? -5.369  -7.597  -4.352  1.00 8.17  ? 84  PRO A C   1 
ATOM   651  O O   . PRO A 1 85  ? -4.657  -8.467  -4.868  1.00 7.82  ? 84  PRO A O   1 
ATOM   652  C CB  . PRO A 1 85  ? -7.196  -8.310  -2.762  1.00 8.13  ? 84  PRO A CB  1 
ATOM   653  C CG  . PRO A 1 85  ? -7.101  -9.796  -2.933  1.00 7.30  ? 84  PRO A CG  1 
ATOM   654  C CD  . PRO A 1 85  ? -7.836  -10.020 -4.241  1.00 9.30  ? 84  PRO A CD  1 
ATOM   655  N N   . PRO A 1 86  ? -4.874  -6.422  -3.950  1.00 7.26  ? 85  PRO A N   1 
ATOM   656  C CA  . PRO A 1 86  ? -3.451  -6.122  -4.068  1.00 8.05  ? 85  PRO A CA  1 
ATOM   657  C C   . PRO A 1 86  ? -2.684  -6.945  -3.037  1.00 7.97  ? 85  PRO A C   1 
ATOM   658  O O   . PRO A 1 86  ? -3.265  -7.438  -2.068  1.00 8.04  ? 85  PRO A O   1 
ATOM   659  C CB  . PRO A 1 86  ? -3.389  -4.628  -3.762  1.00 8.26  ? 85  PRO A CB  1 
ATOM   660  C CG  . PRO A 1 86  ? -4.519  -4.443  -2.780  1.00 8.50  ? 85  PRO A CG  1 
ATOM   661  C CD  . PRO A 1 86  ? -5.618  -5.268  -3.414  1.00 7.07  ? 85  PRO A CD  1 
ATOM   662  N N   . ILE A 1 87  ? -1.387  -7.115  -3.261  1.00 8.03  ? 86  ILE A N   1 
ATOM   663  C CA  . ILE A 1 87  ? -0.549  -7.829  -2.305  1.00 6.61  ? 86  ILE A CA  1 
ATOM   664  C C   . ILE A 1 87  ? 0.133   -6.672  -1.593  1.00 8.02  ? 86  ILE A C   1 
ATOM   665  O O   . ILE A 1 87  ? 0.827   -5.868  -2.218  1.00 8.26  ? 86  ILE A O   1 
ATOM   666  C CB  . ILE A 1 87  ? 0.471   -8.738  -3.010  1.00 9.36  ? 86  ILE A CB  1 
ATOM   667  C CG1 . ILE A 1 87  ? -0.277  -9.736  -3.904  1.00 10.70 ? 86  ILE A CG1 1 
ATOM   668  C CG2 . ILE A 1 87  ? 1.305   -9.482  -1.970  1.00 7.82  ? 86  ILE A CG2 1 
ATOM   669  C CD1 . ILE A 1 87  ? 0.623   -10.697 -4.662  1.00 14.11 ? 86  ILE A CD1 1 
ATOM   670  N N   . CYS A 1 88  ? -0.069  -6.589  -0.282  1.00 7.12  ? 87  CYS A N   1 
ATOM   671  C CA  . CYS A 1 88  ? 0.428   -5.460  0.493   1.00 6.35  ? 87  CYS A CA  1 
ATOM   672  C C   . CYS A 1 88  ? 1.531   -5.753  1.489   1.00 6.40  ? 87  CYS A C   1 
ATOM   673  O O   . CYS A 1 88  ? 1.480   -6.741  2.209   1.00 8.95  ? 87  CYS A O   1 
ATOM   674  C CB  . CYS A 1 88  ? -0.753  -4.821  1.225   1.00 5.69  ? 87  CYS A CB  1 
ATOM   675  S SG  . CYS A 1 88  ? -2.207  -4.588  0.165   1.00 8.82  ? 87  CYS A SG  1 
ATOM   676  N N   . PHE A 1 89  ? 2.512   -4.857  1.544   1.00 8.63  ? 88  PHE A N   1 
ATOM   677  C CA  . PHE A 1 89  ? 3.642   -5.013  2.451   1.00 7.54  ? 88  PHE A CA  1 
ATOM   678  C C   . PHE A 1 89  ? 3.967   -3.740  3.226   1.00 9.18  ? 88  PHE A C   1 
ATOM   679  O O   . PHE A 1 89  ? 3.723   -2.625  2.762   1.00 9.06  ? 88  PHE A O   1 
ATOM   680  C CB  . PHE A 1 89  ? 4.903   -5.393  1.669   1.00 11.19 ? 88  PHE A CB  1 
ATOM   681  C CG  . PHE A 1 89  ? 4.828   -6.725  0.988   1.00 7.18  ? 88  PHE A CG  1 
ATOM   682  C CD1 . PHE A 1 89  ? 5.249   -7.877  1.641   1.00 8.93  ? 88  PHE A CD1 1 
ATOM   683  C CD2 . PHE A 1 89  ? 4.356   -6.824  -0.316  1.00 9.78  ? 88  PHE A CD2 1 
ATOM   684  C CE1 . PHE A 1 89  ? 5.201   -9.114  1.002   1.00 13.91 ? 88  PHE A CE1 1 
ATOM   685  C CE2 . PHE A 1 89  ? 4.303   -8.053  -0.962  1.00 12.05 ? 88  PHE A CE2 1 
ATOM   686  C CZ  . PHE A 1 89  ? 4.728   -9.200  -0.304  1.00 13.27 ? 88  PHE A CZ  1 
ATOM   687  N N   . VAL A 1 90  ? 4.527   -3.925  4.416   1.00 8.53  ? 89  VAL A N   1 
ATOM   688  C CA  . VAL A 1 90  ? 4.979   -2.806  5.222   1.00 9.80  ? 89  VAL A CA  1 
ATOM   689  C C   . VAL A 1 90  ? 6.440   -2.719  4.775   1.00 10.90 ? 89  VAL A C   1 
ATOM   690  O O   . VAL A 1 90  ? 7.093   -3.752  4.603   1.00 14.29 ? 89  VAL A O   1 
ATOM   691  C CB  . VAL A 1 90  ? 4.920   -3.127  6.727   1.00 18.52 ? 89  VAL A CB  1 
ATOM   692  C CG1 . VAL A 1 90  ? 5.358   -1.916  7.529   1.00 20.60 ? 89  VAL A CG1 1 
ATOM   693  C CG2 . VAL A 1 90  ? 3.509   -3.538  7.116   1.00 22.09 ? 89  VAL A CG2 1 
ATOM   694  N N   . LYS A 1 91  ? 6.950   -1.507  4.578   1.00 9.93  ? 90  LYS A N   1 
ATOM   695  C CA  . LYS A 1 91  ? 8.328   -1.321  4.122   1.00 13.54 ? 90  LYS A CA  1 
ATOM   696  C C   . LYS A 1 91  ? 9.150   -0.514  5.121   1.00 9.78  ? 90  LYS A C   1 
ATOM   697  O O   . LYS A 1 91  ? 9.384   0.678   4.931   1.00 10.72 ? 90  LYS A O   1 
ATOM   698  C CB  . LYS A 1 91  ? 8.337   -0.611  2.764   1.00 15.83 ? 90  LYS A CB  1 
ATOM   699  C CG  . LYS A 1 91  ? 7.523   -1.311  1.683   1.00 17.31 ? 90  LYS A CG  1 
ATOM   700  C CD  . LYS A 1 91  ? 8.067   -2.698  1.367   1.00 20.99 ? 90  LYS A CD  1 
ATOM   701  C CE  . LYS A 1 91  ? 9.429   -2.633  0.693   1.00 23.72 ? 90  LYS A CE  1 
ATOM   702  N NZ  . LYS A 1 91  ? 9.939   -3.987  0.342   1.00 29.09 ? 90  LYS A NZ  1 
ATOM   703  N N   . PRO A 1 92  ? 9.626   -1.164  6.191   1.00 12.87 ? 91  PRO A N   1 
ATOM   704  C CA  . PRO A 1 92  ? 10.422  -0.478  7.212   1.00 14.05 ? 91  PRO A CA  1 
ATOM   705  C C   . PRO A 1 92  ? 11.711  0.155   6.697   1.00 15.26 ? 91  PRO A C   1 
ATOM   706  O O   . PRO A 1 92  ? 12.377  -0.390  5.812   1.00 14.00 ? 91  PRO A O   1 
ATOM   707  C CB  . PRO A 1 92  ? 10.705  -1.587  8.218   1.00 13.22 ? 91  PRO A CB  1 
ATOM   708  C CG  . PRO A 1 92  ? 10.825  -2.788  7.339   1.00 17.46 ? 91  PRO A CG  1 
ATOM   709  C CD  . PRO A 1 92  ? 9.625   -2.617  6.427   1.00 15.23 ? 91  PRO A CD  1 
ATOM   710  N N   . THR A 1 93  ? 12.047  1.315   7.251   1.00 12.65 ? 92  THR A N   1 
ATOM   711  C CA  . THR A 1 93  ? 13.286  1.994   6.889   1.00 15.66 ? 92  THR A CA  1 
ATOM   712  C C   . THR A 1 93  ? 14.324  1.496   7.889   1.00 15.35 ? 92  THR A C   1 
ATOM   713  O O   . THR A 1 93  ? 14.005  0.706   8.778   1.00 16.76 ? 92  THR A O   1 
ATOM   714  C CB  . THR A 1 93  ? 13.172  3.530   7.021   1.00 14.95 ? 92  THR A CB  1 
ATOM   715  O OG1 . THR A 1 93  ? 12.967  3.882   8.394   1.00 14.97 ? 92  THR A OG1 1 
ATOM   716  C CG2 . THR A 1 93  ? 12.013  4.054   6.186   1.00 17.26 ? 92  THR A CG2 1 
ATOM   717  N N   . SER A 1 94  ? 15.560  1.963   7.755   1.00 17.27 ? 93  SER A N   1 
ATOM   718  C CA  . SER A 1 94  ? 16.628  1.541   8.652   1.00 15.20 ? 93  SER A CA  1 
ATOM   719  C C   . SER A 1 94  ? 16.401  1.945   10.106  1.00 16.78 ? 93  SER A C   1 
ATOM   720  O O   . SER A 1 94  ? 16.978  1.347   11.011  1.00 16.18 ? 93  SER A O   1 
ATOM   721  C CB  . SER A 1 94  ? 17.965  2.117   8.179   1.00 19.90 ? 93  SER A CB  1 
ATOM   722  O OG  . SER A 1 94  ? 17.940  3.534   8.207   1.00 18.52 ? 93  SER A OG  1 
ATOM   723  N N   . SER A 1 95  ? 15.564  2.953   10.331  1.00 17.39 ? 94  SER A N   1 
ATOM   724  C CA  . SER A 1 95  ? 15.304  3.437   11.686  1.00 17.86 ? 94  SER A CA  1 
ATOM   725  C C   . SER A 1 95  ? 14.162  2.725   12.399  1.00 16.95 ? 94  SER A C   1 
ATOM   726  O O   . SER A 1 95  ? 13.834  3.051   13.540  1.00 19.87 ? 94  SER A O   1 
ATOM   727  C CB  . SER A 1 95  ? 15.008  4.940   11.660  1.00 16.91 ? 94  SER A CB  1 
ATOM   728  O OG  . SER A 1 95  ? 13.790  5.209   10.982  1.00 20.13 ? 94  SER A OG  1 
ATOM   729  N N   . MET A 1 96  ? 13.556  1.750   11.734  1.00 18.14 ? 95  MET A N   1 
ATOM   730  C CA  . MET A 1 96  ? 12.440  1.034   12.336  1.00 17.64 ? 95  MET A CA  1 
ATOM   731  C C   . MET A 1 96  ? 12.520  -0.464  12.081  1.00 17.07 ? 95  MET A C   1 
ATOM   732  O O   . MET A 1 96  ? 13.341  -0.924  11.290  1.00 18.54 ? 95  MET A O   1 
ATOM   733  C CB  . MET A 1 96  ? 11.122  1.595   11.792  1.00 21.16 ? 95  MET A CB  1 
ATOM   734  C CG  . MET A 1 96  ? 11.138  1.867   10.295  1.00 19.69 ? 95  MET A CG  1 
ATOM   735  S SD  . MET A 1 96  ? 9.594   2.566   9.654   1.00 14.63 ? 95  MET A SD  1 
ATOM   736  C CE  . MET A 1 96  ? 9.861   4.306   9.866   1.00 15.76 ? 95  MET A CE  1 
ATOM   737  N N   . THR A 1 97  ? 11.675  -1.223  12.772  1.00 18.49 ? 96  THR A N   1 
ATOM   738  C CA  . THR A 1 97  ? 11.639  -2.669  12.600  1.00 17.94 ? 96  THR A CA  1 
ATOM   739  C C   . THR A 1 97  ? 10.190  -3.113  12.477  1.00 18.42 ? 96  THR A C   1 
ATOM   740  O O   . THR A 1 97  ? 9.308   -2.575  13.149  1.00 19.46 ? 96  THR A O   1 
ATOM   741  C CB  . THR A 1 97  ? 12.276  -3.409  13.795  1.00 24.01 ? 96  THR A CB  1 
ATOM   742  O OG1 . THR A 1 97  ? 11.484  -3.197  14.969  1.00 27.88 ? 96  THR A OG1 1 
ATOM   743  C CG2 . THR A 1 97  ? 13.689  -2.902  14.043  1.00 25.38 ? 96  THR A CG2 1 
ATOM   744  N N   . ILE A 1 98  ? 9.950   -4.089  11.611  1.00 17.60 ? 97  ILE A N   1 
ATOM   745  C CA  . ILE A 1 98  ? 8.606   -4.610  11.404  1.00 16.26 ? 97  ILE A CA  1 
ATOM   746  C C   . ILE A 1 98  ? 8.110   -5.300  12.663  1.00 15.66 ? 97  ILE A C   1 
ATOM   747  O O   . ILE A 1 98  ? 8.872   -5.982  13.354  1.00 15.98 ? 97  ILE A O   1 
ATOM   748  C CB  . ILE A 1 98  ? 8.569   -5.634  10.252  1.00 18.25 ? 97  ILE A CB  1 
ATOM   749  C CG1 . ILE A 1 98  ? 8.870   -4.937  8.925   1.00 22.80 ? 97  ILE A CG1 1 
ATOM   750  C CG2 . ILE A 1 98  ? 7.201   -6.312  10.194  1.00 20.24 ? 97  ILE A CG2 1 
ATOM   751  C CD1 . ILE A 1 98  ? 8.924   -5.875  7.737   1.00 25.33 ? 97  ILE A CD1 1 
ATOM   752  N N   . LYS A 1 99  ? 6.832   -5.109  12.959  1.00 13.47 ? 98  LYS A N   1 
ATOM   753  C CA  . LYS A 1 99  ? 6.216   -5.725  14.121  1.00 12.64 ? 98  LYS A CA  1 
ATOM   754  C C   . LYS A 1 99  ? 5.354   -6.889  13.649  1.00 11.81 ? 98  LYS A C   1 
ATOM   755  O O   . LYS A 1 99  ? 4.204   -6.698  13.251  1.00 13.43 ? 98  LYS A O   1 
ATOM   756  C CB  . LYS A 1 99  ? 5.339   -4.709  14.857  1.00 16.14 ? 98  LYS A CB  1 
ATOM   757  C CG  . LYS A 1 99  ? 4.617   -5.257  16.077  1.00 14.14 ? 98  LYS A CG  1 
ATOM   758  C CD  . LYS A 1 99  ? 5.591   -5.609  17.188  1.00 23.24 ? 98  LYS A CD  1 
ATOM   759  C CE  . LYS A 1 99  ? 4.850   -5.997  18.456  1.00 25.13 ? 98  LYS A CE  1 
ATOM   760  N NZ  . LYS A 1 99  ? 5.783   -6.222  19.594  1.00 30.68 ? 98  LYS A NZ  1 
ATOM   761  N N   . THR A 1 100 ? 5.913   -8.096  13.674  1.00 10.96 ? 99  THR A N   1 
ATOM   762  C CA  . THR A 1 100 ? 5.156   -9.266  13.260  1.00 10.42 ? 99  THR A CA  1 
ATOM   763  C C   . THR A 1 100 ? 4.010   -9.433  14.244  1.00 11.51 ? 99  THR A C   1 
ATOM   764  O O   . THR A 1 100 ? 4.202   -9.331  15.455  1.00 13.02 ? 99  THR A O   1 
ATOM   765  C CB  . THR A 1 100 ? 6.032   -10.529 13.276  1.00 12.71 ? 99  THR A CB  1 
ATOM   766  O OG1 . THR A 1 100 ? 7.118   -10.362 12.353  1.00 17.41 ? 99  THR A OG1 1 
ATOM   767  C CG2 . THR A 1 100 ? 5.217   -11.752 12.877  1.00 12.01 ? 99  THR A CG2 1 
ATOM   768  N N   . GLY A 1 101 ? 2.813   -9.677  13.724  1.00 8.48  ? 100 GLY A N   1 
ATOM   769  C CA  . GLY A 1 101 ? 1.673   -9.836  14.601  1.00 9.97  ? 100 GLY A CA  1 
ATOM   770  C C   . GLY A 1 101 ? 0.420   -10.299 13.891  1.00 10.57 ? 100 GLY A C   1 
ATOM   771  O O   . GLY A 1 101 ? 0.472   -10.967 12.863  1.00 11.88 ? 100 GLY A O   1 
ATOM   772  N N   . LYS A 1 102 ? -0.723  -9.926  14.448  1.00 12.18 ? 101 LYS A N   1 
ATOM   773  C CA  . LYS A 1 102 ? -1.998  -10.319 13.876  1.00 11.25 ? 101 LYS A CA  1 
ATOM   774  C C   . LYS A 1 102 ? -2.121  -9.988  12.388  1.00 10.54 ? 101 LYS A C   1 
ATOM   775  O O   . LYS A 1 102 ? -2.430  -10.861 11.583  1.00 9.48  ? 101 LYS A O   1 
ATOM   776  C CB  . LYS A 1 102 ? -3.137  -9.653  14.653  1.00 11.43 ? 101 LYS A CB  1 
ATOM   777  C CG  . LYS A 1 102 ? -4.526  -10.003 14.148  1.00 10.39 ? 101 LYS A CG  1 
ATOM   778  C CD  . LYS A 1 102 ? -5.611  -9.419  15.036  1.00 14.76 ? 101 LYS A CD  1 
ATOM   779  C CE  . LYS A 1 102 ? -5.681  -10.124 16.380  1.00 18.27 ? 101 LYS A CE  1 
ATOM   780  N NZ  . LYS A 1 102 ? -6.785  -9.577  17.229  1.00 20.14 ? 101 LYS A NZ  1 
ATOM   781  N N   . HIS A 1 103 ? -1.857  -8.738  12.017  1.00 11.41 ? 102 HIS A N   1 
ATOM   782  C CA  . HIS A 1 103 ? -2.013  -8.331  10.621  1.00 9.87  ? 102 HIS A CA  1 
ATOM   783  C C   . HIS A 1 103 ? -0.744  -8.214  9.779   1.00 9.98  ? 102 HIS A C   1 
ATOM   784  O O   . HIS A 1 103 ? -0.791  -7.719  8.654   1.00 9.07  ? 102 HIS A O   1 
ATOM   785  C CB  . HIS A 1 103 ? -2.789  -7.012  10.577  1.00 10.58 ? 102 HIS A CB  1 
ATOM   786  C CG  . HIS A 1 103 ? -4.108  -7.074  11.283  1.00 11.08 ? 102 HIS A CG  1 
ATOM   787  N ND1 . HIS A 1 103 ? -5.192  -7.759  10.779  1.00 13.69 ? 102 HIS A ND1 1 
ATOM   788  C CD2 . HIS A 1 103 ? -4.507  -6.560  12.471  1.00 11.65 ? 102 HIS A CD2 1 
ATOM   789  C CE1 . HIS A 1 103 ? -6.202  -7.665  11.626  1.00 11.70 ? 102 HIS A CE1 1 
ATOM   790  N NE2 . HIS A 1 103 ? -5.813  -6.943  12.661  1.00 12.94 ? 102 HIS A NE2 1 
ATOM   791  N N   . VAL A 1 104 ? 0.380   -8.681  10.310  1.00 9.28  ? 103 VAL A N   1 
ATOM   792  C CA  . VAL A 1 104 ? 1.646   -8.613  9.586   1.00 8.87  ? 103 VAL A CA  1 
ATOM   793  C C   . VAL A 1 104 ? 2.431   -9.897  9.816   1.00 10.09 ? 103 VAL A C   1 
ATOM   794  O O   . VAL A 1 104 ? 2.678   -10.272 10.964  1.00 9.14  ? 103 VAL A O   1 
ATOM   795  C CB  . VAL A 1 104 ? 2.496   -7.411  10.069  1.00 9.48  ? 103 VAL A CB  1 
ATOM   796  C CG1 . VAL A 1 104 ? 3.778   -7.320  9.259   1.00 11.43 ? 103 VAL A CG1 1 
ATOM   797  C CG2 . VAL A 1 104 ? 1.699   -6.125  9.939   1.00 11.34 ? 103 VAL A CG2 1 
ATOM   798  N N   . ASP A 1 105 ? 2.823   -10.582 8.742   1.00 10.10 ? 104 ASP A N   1 
ATOM   799  C CA  . ASP A 1 105 ? 3.578   -11.818 8.928   1.00 9.84  ? 104 ASP A CA  1 
ATOM   800  C C   . ASP A 1 105 ? 5.079   -11.591 8.943   1.00 11.31 ? 104 ASP A C   1 
ATOM   801  O O   . ASP A 1 105 ? 5.541   -10.449 8.932   1.00 12.82 ? 104 ASP A O   1 
ATOM   802  C CB  . ASP A 1 105 ? 3.197   -12.883 7.882   1.00 11.43 ? 104 ASP A CB  1 
ATOM   803  C CG  . ASP A 1 105 ? 3.721   -12.587 6.484   1.00 10.13 ? 104 ASP A CG  1 
ATOM   804  O OD1 . ASP A 1 105 ? 4.543   -11.667 6.308   1.00 10.68 ? 104 ASP A OD1 1 
ATOM   805  O OD2 . ASP A 1 105 ? 3.303   -13.307 5.551   1.00 12.14 ? 104 ASP A OD2 1 
ATOM   806  N N   . ALA A 1 106 ? 5.834   -12.687 8.978   1.00 12.99 ? 105 ALA A N   1 
ATOM   807  C CA  . ALA A 1 106 ? 7.288   -12.639 9.034   1.00 14.45 ? 105 ALA A CA  1 
ATOM   808  C C   . ALA A 1 106 ? 7.962   -11.930 7.863   1.00 16.49 ? 105 ALA A C   1 
ATOM   809  O O   . ALA A 1 106 ? 9.092   -11.466 7.990   1.00 20.73 ? 105 ALA A O   1 
ATOM   810  C CB  . ALA A 1 106 ? 7.842   -14.059 9.169   1.00 13.61 ? 105 ALA A CB  1 
ATOM   811  N N   . ASN A 1 107 ? 7.279   -11.854 6.725   1.00 16.01 ? 106 ASN A N   1 
ATOM   812  C CA  . ASN A 1 107 ? 7.844   -11.201 5.548   1.00 16.48 ? 106 ASN A CA  1 
ATOM   813  C C   . ASN A 1 107 ? 7.342   -9.774  5.373   1.00 14.90 ? 106 ASN A C   1 
ATOM   814  O O   . ASN A 1 107 ? 7.668   -9.108  4.389   1.00 15.03 ? 106 ASN A O   1 
ATOM   815  C CB  . ASN A 1 107 ? 7.529   -12.013 4.291   1.00 19.75 ? 106 ASN A CB  1 
ATOM   816  C CG  . ASN A 1 107 ? 8.214   -13.366 4.288   1.00 19.51 ? 106 ASN A CG  1 
ATOM   817  O OD1 . ASN A 1 107 ? 9.432   -13.457 4.454   1.00 25.27 ? 106 ASN A OD1 1 
ATOM   818  N ND2 . ASN A 1 107 ? 7.438   -14.423 4.097   1.00 22.36 ? 106 ASN A ND2 1 
ATOM   819  N N   . GLY A 1 108 ? 6.548   -9.310  6.332   1.00 13.19 ? 107 GLY A N   1 
ATOM   820  C CA  . GLY A 1 108 ? 6.019   -7.963  6.261   1.00 9.81  ? 107 GLY A CA  1 
ATOM   821  C C   . GLY A 1 108 ? 4.742   -7.874  5.446   1.00 8.13  ? 107 GLY A C   1 
ATOM   822  O O   . GLY A 1 108 ? 4.251   -6.777  5.183   1.00 7.93  ? 107 GLY A O   1 
ATOM   823  N N   . LYS A 1 109 ? 4.210   -9.021  5.038   1.00 8.30  ? 108 LYS A N   1 
ATOM   824  C CA  . LYS A 1 109 ? 2.973   -9.045  4.262   1.00 6.50  ? 108 LYS A CA  1 
ATOM   825  C C   . LYS A 1 109 ? 1.807   -8.725  5.184   1.00 7.81  ? 108 LYS A C   1 
ATOM   826  O O   . LYS A 1 109 ? 1.753   -9.196  6.322   1.00 10.78 ? 108 LYS A O   1 
ATOM   827  C CB  . LYS A 1 109 ? 2.760   -10.416 3.615   1.00 8.28  ? 108 LYS A CB  1 
ATOM   828  C CG  . LYS A 1 109 ? 1.490   -10.489 2.768   1.00 10.40 ? 108 LYS A CG  1 
ATOM   829  C CD  . LYS A 1 109 ? 1.339   -11.840 2.077   1.00 14.77 ? 108 LYS A CD  1 
ATOM   830  C CE  . LYS A 1 109 ? 2.447   -12.077 1.070   1.00 23.39 ? 108 LYS A CE  1 
ATOM   831  N NZ  . LYS A 1 109 ? 2.262   -13.361 0.337   1.00 33.28 ? 108 LYS A NZ  1 
ATOM   832  N N   . ILE A 1 110 ? 0.867   -7.933  4.679   1.00 8.73  ? 109 ILE A N   1 
ATOM   833  C CA  . ILE A 1 110 ? -0.297  -7.522  5.450   1.00 7.29  ? 109 ILE A CA  1 
ATOM   834  C C   . ILE A 1 110 ? -1.478  -8.466  5.245   1.00 6.57  ? 109 ILE A C   1 
ATOM   835  O O   . ILE A 1 110 ? -1.747  -8.894  4.123   1.00 9.62  ? 109 ILE A O   1 
ATOM   836  C CB  . ILE A 1 110 ? -0.708  -6.078  5.059   1.00 8.81  ? 109 ILE A CB  1 
ATOM   837  C CG1 . ILE A 1 110 ? 0.421   -5.110  5.427   1.00 8.27  ? 109 ILE A CG1 1 
ATOM   838  C CG2 . ILE A 1 110 ? -1.997  -5.679  5.768   1.00 8.17  ? 109 ILE A CG2 1 
ATOM   839  C CD1 . ILE A 1 110 ? 0.293   -3.734  4.792   1.00 9.87  ? 109 ILE A CD1 1 
ATOM   840  N N   . TYR A 1 111 ? -2.160  -8.793  6.345   1.00 7.44  ? 110 TYR A N   1 
ATOM   841  C CA  . TYR A 1 111 ? -3.338  -9.663  6.330   1.00 9.06  ? 110 TYR A CA  1 
ATOM   842  C C   . TYR A 1 111 ? -4.501  -8.895  6.955   1.00 10.08 ? 110 TYR A C   1 
ATOM   843  O O   . TYR A 1 111 ? -4.391  -8.418  8.081   1.00 10.86 ? 110 TYR A O   1 
ATOM   844  C CB  . TYR A 1 111 ? -3.105  -10.931 7.158   1.00 9.98  ? 110 TYR A CB  1 
ATOM   845  C CG  . TYR A 1 111 ? -2.039  -11.860 6.634   1.00 11.11 ? 110 TYR A CG  1 
ATOM   846  C CD1 . TYR A 1 111 ? -0.693  -11.495 6.660   1.00 13.55 ? 110 TYR A CD1 1 
ATOM   847  C CD2 . TYR A 1 111 ? -2.373  -13.121 6.141   1.00 15.60 ? 110 TYR A CD2 1 
ATOM   848  C CE1 . TYR A 1 111 ? 0.293   -12.366 6.213   1.00 19.38 ? 110 TYR A CE1 1 
ATOM   849  C CE2 . TYR A 1 111 ? -1.394  -13.998 5.689   1.00 16.90 ? 110 TYR A CE2 1 
ATOM   850  C CZ  . TYR A 1 111 ? -0.064  -13.614 5.731   1.00 19.64 ? 110 TYR A CZ  1 
ATOM   851  O OH  . TYR A 1 111 ? 0.909   -14.484 5.296   1.00 22.28 ? 110 TYR A OH  1 
ATOM   852  N N   . LEU A 1 112 ? -5.606  -8.777  6.225   1.00 6.64  ? 111 LEU A N   1 
ATOM   853  C CA  . LEU A 1 112 ? -6.780  -8.061  6.718   1.00 6.84  ? 111 LEU A CA  1 
ATOM   854  C C   . LEU A 1 112 ? -8.045  -8.716  6.190   1.00 6.91  ? 111 LEU A C   1 
ATOM   855  O O   . LEU A 1 112 ? -8.048  -9.264  5.088   1.00 8.81  ? 111 LEU A O   1 
ATOM   856  C CB  . LEU A 1 112 ? -6.765  -6.607  6.230   1.00 6.47  ? 111 LEU A CB  1 
ATOM   857  C CG  . LEU A 1 112 ? -5.621  -5.691  6.659   1.00 6.50  ? 111 LEU A CG  1 
ATOM   858  C CD1 . LEU A 1 112 ? -5.561  -4.490  5.730   1.00 9.50  ? 111 LEU A CD1 1 
ATOM   859  C CD2 . LEU A 1 112 ? -5.815  -5.258  8.096   1.00 7.38  ? 111 LEU A CD2 1 
ATOM   860  N N   . PRO A 1 113 ? -9.131  -8.689  6.977   1.00 6.82  ? 112 PRO A N   1 
ATOM   861  C CA  . PRO A 1 113 ? -10.374 -9.294  6.496   1.00 8.53  ? 112 PRO A CA  1 
ATOM   862  C C   . PRO A 1 113 ? -10.789 -8.649  5.165   1.00 8.82  ? 112 PRO A C   1 
ATOM   863  O O   . PRO A 1 113 ? -11.337 -9.314  4.291   1.00 7.96  ? 112 PRO A O   1 
ATOM   864  C CB  . PRO A 1 113 ? -11.358 -8.990  7.622   1.00 7.54  ? 112 PRO A CB  1 
ATOM   865  C CG  . PRO A 1 113 ? -10.485 -9.097  8.846   1.00 9.40  ? 112 PRO A CG  1 
ATOM   866  C CD  . PRO A 1 113 ? -9.230  -8.346  8.410   1.00 9.38  ? 112 PRO A CD  1 
ATOM   867  N N   . TYR A 1 114 ? -10.509 -7.356  5.013   1.00 8.19  ? 113 TYR A N   1 
ATOM   868  C CA  . TYR A 1 114 ? -10.859 -6.629  3.790   1.00 8.47  ? 113 TYR A CA  1 
ATOM   869  C C   . TYR A 1 114 ? -10.188 -7.249  2.564   1.00 6.69  ? 113 TYR A C   1 
ATOM   870  O O   . TYR A 1 114 ? -10.772 -7.290  1.481   1.00 7.25  ? 113 TYR A O   1 
ATOM   871  C CB  . TYR A 1 114 ? -10.437 -5.159  3.904   1.00 9.02  ? 113 TYR A CB  1 
ATOM   872  C CG  . TYR A 1 114 ? -11.108 -4.220  2.917   1.00 5.67  ? 113 TYR A CG  1 
ATOM   873  C CD1 . TYR A 1 114 ? -12.367 -3.675  3.184   1.00 9.20  ? 113 TYR A CD1 1 
ATOM   874  C CD2 . TYR A 1 114 ? -10.476 -3.856  1.728   1.00 6.71  ? 113 TYR A CD2 1 
ATOM   875  C CE1 . TYR A 1 114 ? -12.974 -2.785  2.293   1.00 8.31  ? 113 TYR A CE1 1 
ATOM   876  C CE2 . TYR A 1 114 ? -11.076 -2.966  0.829   1.00 8.48  ? 113 TYR A CE2 1 
ATOM   877  C CZ  . TYR A 1 114 ? -12.323 -2.435  1.121   1.00 7.96  ? 113 TYR A CZ  1 
ATOM   878  O OH  . TYR A 1 114 ? -12.911 -1.549  0.244   1.00 7.78  ? 113 TYR A OH  1 
ATOM   879  N N   . LEU A 1 115 ? -8.955  -7.716  2.735   1.00 7.29  ? 114 LEU A N   1 
ATOM   880  C CA  . LEU A 1 115 ? -8.225  -8.338  1.635   1.00 6.35  ? 114 LEU A CA  1 
ATOM   881  C C   . LEU A 1 115 ? -8.710  -9.768  1.422   1.00 9.60  ? 114 LEU A C   1 
ATOM   882  O O   . LEU A 1 115 ? -8.882  -10.220 0.288   1.00 8.82  ? 114 LEU A O   1 
ATOM   883  C CB  . LEU A 1 115 ? -6.724  -8.336  1.939   1.00 8.35  ? 114 LEU A CB  1 
ATOM   884  C CG  . LEU A 1 115 ? -6.013  -6.980  1.947   1.00 5.90  ? 114 LEU A CG  1 
ATOM   885  C CD1 . LEU A 1 115 ? -4.621  -7.144  2.536   1.00 8.37  ? 114 LEU A CD1 1 
ATOM   886  C CD2 . LEU A 1 115 ? -5.914  -6.432  0.537   1.00 8.20  ? 114 LEU A CD2 1 
ATOM   887  N N   . HIS A 1 116 ? -8.946  -10.471 2.523   1.00 6.22  ? 115 HIS A N   1 
ATOM   888  C CA  . HIS A 1 116 ? -9.390  -11.858 2.469   1.00 10.19 ? 115 HIS A CA  1 
ATOM   889  C C   . HIS A 1 116 ? -10.729 -12.062 1.757   1.00 10.23 ? 115 HIS A C   1 
ATOM   890  O O   . HIS A 1 116 ? -10.911 -13.063 1.059   1.00 10.73 ? 115 HIS A O   1 
ATOM   891  C CB  . HIS A 1 116 ? -9.453  -12.420 3.889   1.00 8.07  ? 115 HIS A CB  1 
ATOM   892  C CG  . HIS A 1 116 ? -9.775  -13.880 3.952   1.00 11.57 ? 115 HIS A CG  1 
ATOM   893  N ND1 . HIS A 1 116 ? -9.016  -14.838 3.315   1.00 14.26 ? 115 HIS A ND1 1 
ATOM   894  C CD2 . HIS A 1 116 ? -10.756 -14.547 4.604   1.00 14.77 ? 115 HIS A CD2 1 
ATOM   895  C CE1 . HIS A 1 116 ? -9.516  -16.034 3.574   1.00 15.92 ? 115 HIS A CE1 1 
ATOM   896  N NE2 . HIS A 1 116 ? -10.571 -15.886 4.353   1.00 16.21 ? 115 HIS A NE2 1 
ATOM   897  N N   . GLU A 1 117 ? -11.666 -11.130 1.925   1.00 8.36  ? 116 GLU A N   1 
ATOM   898  C CA  . GLU A 1 117 ? -12.966 -11.267 1.266   1.00 7.89  ? 116 GLU A CA  1 
ATOM   899  C C   . GLU A 1 117 ? -13.149 -10.280 0.119   1.00 7.99  ? 116 GLU A C   1 
ATOM   900  O O   . GLU A 1 117 ? -14.267 -10.057 -0.348  1.00 9.04  ? 116 GLU A O   1 
ATOM   901  C CB  . GLU A 1 117 ? -14.114 -11.104 2.275   1.00 7.82  ? 116 GLU A CB  1 
ATOM   902  C CG  . GLU A 1 117 ? -14.206 -9.726  2.931   1.00 8.79  ? 116 GLU A CG  1 
ATOM   903  C CD  . GLU A 1 117 ? -15.426 -9.590  3.825   1.00 7.78  ? 116 GLU A CD  1 
ATOM   904  O OE1 . GLU A 1 117 ? -16.002 -10.630 4.215   1.00 11.71 ? 116 GLU A OE1 1 
ATOM   905  O OE2 . GLU A 1 117 ? -15.806 -8.445  4.150   1.00 10.64 ? 116 GLU A OE2 1 
ATOM   906  N N   . TRP A 1 118 ? -12.040 -9.707  -0.340  1.00 8.21  ? 117 TRP A N   1 
ATOM   907  C CA  . TRP A 1 118 ? -12.047 -8.743  -1.435  1.00 7.44  ? 117 TRP A CA  1 
ATOM   908  C C   . TRP A 1 118 ? -12.950 -9.172  -2.583  1.00 8.39  ? 117 TRP A C   1 
ATOM   909  O O   . TRP A 1 118 ? -12.864 -10.305 -3.062  1.00 9.22  ? 117 TRP A O   1 
ATOM   910  C CB  . TRP A 1 118 ? -10.622 -8.548  -1.957  1.00 7.57  ? 117 TRP A CB  1 
ATOM   911  C CG  . TRP A 1 118 ? -10.492 -7.512  -3.038  1.00 7.84  ? 117 TRP A CG  1 
ATOM   912  C CD1 . TRP A 1 118 ? -10.855 -7.633  -4.349  1.00 9.15  ? 117 TRP A CD1 1 
ATOM   913  C CD2 . TRP A 1 118 ? -9.958  -6.192  -2.891  1.00 6.01  ? 117 TRP A CD2 1 
ATOM   914  N NE1 . TRP A 1 118 ? -10.580 -6.468  -5.027  1.00 8.07  ? 117 TRP A NE1 1 
ATOM   915  C CE2 . TRP A 1 118 ? -10.030 -5.568  -4.155  1.00 7.82  ? 117 TRP A CE2 1 
ATOM   916  C CE3 . TRP A 1 118 ? -9.428  -5.473  -1.809  1.00 6.98  ? 117 TRP A CE3 1 
ATOM   917  C CZ2 . TRP A 1 118 ? -9.588  -4.260  -4.371  1.00 6.95  ? 117 TRP A CZ2 1 
ATOM   918  C CZ3 . TRP A 1 118 ? -8.989  -4.172  -2.026  1.00 8.63  ? 117 TRP A CZ3 1 
ATOM   919  C CH2 . TRP A 1 118 ? -9.073  -3.581  -3.298  1.00 7.72  ? 117 TRP A CH2 1 
ATOM   920  N N   . LYS A 1 119 ? -13.804 -8.250  -3.025  1.00 9.58  ? 118 LYS A N   1 
ATOM   921  C CA  . LYS A 1 119 ? -14.722 -8.512  -4.126  1.00 10.30 ? 118 LYS A CA  1 
ATOM   922  C C   . LYS A 1 119 ? -15.048 -7.202  -4.848  1.00 8.23  ? 118 LYS A C   1 
ATOM   923  O O   . LYS A 1 119 ? -15.576 -6.266  -4.244  1.00 9.53  ? 118 LYS A O   1 
ATOM   924  C CB  . LYS A 1 119 ? -16.010 -9.147  -3.589  1.00 14.28 ? 118 LYS A CB  1 
ATOM   925  C CG  . LYS A 1 119 ? -16.958 -9.671  -4.658  1.00 26.83 ? 118 LYS A CG  1 
ATOM   926  C CD  . LYS A 1 119 ? -16.366 -10.870 -5.382  1.00 32.91 ? 118 LYS A CD  1 
ATOM   927  C CE  . LYS A 1 119 ? -17.413 -11.577 -6.233  1.00 37.76 ? 118 LYS A CE  1 
ATOM   928  N NZ  . LYS A 1 119 ? -18.021 -10.677 -7.248  1.00 40.98 ? 118 LYS A NZ  1 
ATOM   929  N N   . HIS A 1 120 ? -14.714 -7.131  -6.135  1.00 8.13  ? 119 HIS A N   1 
ATOM   930  C CA  . HIS A 1 120 ? -14.998 -5.952  -6.953  1.00 8.86  ? 119 HIS A CA  1 
ATOM   931  C C   . HIS A 1 120 ? -16.497 -5.971  -7.246  1.00 9.77  ? 119 HIS A C   1 
ATOM   932  O O   . HIS A 1 120 ? -17.080 -7.045  -7.413  1.00 10.37 ? 119 HIS A O   1 
ATOM   933  C CB  . HIS A 1 120 ? -14.212 -6.030  -8.269  1.00 9.25  ? 119 HIS A CB  1 
ATOM   934  C CG  . HIS A 1 120 ? -14.517 -4.925  -9.235  1.00 9.94  ? 119 HIS A CG  1 
ATOM   935  N ND1 . HIS A 1 120 ? -14.105 -3.624  -9.040  1.00 10.17 ? 119 HIS A ND1 1 
ATOM   936  C CD2 . HIS A 1 120 ? -15.193 -4.931  -10.410 1.00 9.95  ? 119 HIS A CD2 1 
ATOM   937  C CE1 . HIS A 1 120 ? -14.513 -2.877  -10.050 1.00 10.65 ? 119 HIS A CE1 1 
ATOM   938  N NE2 . HIS A 1 120 ? -15.177 -3.646  -10.895 1.00 11.76 ? 119 HIS A NE2 1 
ATOM   939  N N   . PRO A 1 121 ? -17.142 -4.793  -7.333  1.00 11.91 ? 120 PRO A N   1 
ATOM   940  C CA  . PRO A 1 121 ? -16.634 -3.424  -7.188  1.00 10.88 ? 120 PRO A CA  1 
ATOM   941  C C   . PRO A 1 121 ? -16.763 -2.802  -5.797  1.00 10.41 ? 120 PRO A C   1 
ATOM   942  O O   . PRO A 1 121 ? -16.323 -1.673  -5.583  1.00 12.53 ? 120 PRO A O   1 
ATOM   943  C CB  . PRO A 1 121 ? -17.465 -2.661  -8.202  1.00 13.29 ? 120 PRO A CB  1 
ATOM   944  C CG  . PRO A 1 121 ? -18.811 -3.276  -7.977  1.00 18.72 ? 120 PRO A CG  1 
ATOM   945  C CD  . PRO A 1 121 ? -18.498 -4.770  -7.916  1.00 16.85 ? 120 PRO A CD  1 
ATOM   946  N N   . GLN A 1 122 ? -17.367 -3.521  -4.857  1.00 8.81  ? 121 GLN A N   1 
ATOM   947  C CA  . GLN A 1 122 ? -17.542 -2.989  -3.508  1.00 13.20 ? 121 GLN A CA  1 
ATOM   948  C C   . GLN A 1 122 ? -16.190 -2.715  -2.850  1.00 13.71 ? 121 GLN A C   1 
ATOM   949  O O   . GLN A 1 122 ? -15.998 -1.676  -2.214  1.00 14.03 ? 121 GLN A O   1 
ATOM   950  C CB  . GLN A 1 122 ? -18.351 -3.968  -2.651  1.00 16.22 ? 121 GLN A CB  1 
ATOM   951  C CG  . GLN A 1 122 ? -18.752 -3.418  -1.290  1.00 26.87 ? 121 GLN A CG  1 
ATOM   952  C CD  . GLN A 1 122 ? -19.961 -2.500  -1.355  1.00 36.36 ? 121 GLN A CD  1 
ATOM   953  O OE1 . GLN A 1 122 ? -20.014 -1.574  -2.168  1.00 30.90 ? 121 GLN A OE1 1 
ATOM   954  N NE2 . GLN A 1 122 ? -20.938 -2.750  -0.489  1.00 37.08 ? 121 GLN A NE2 1 
ATOM   955  N N   . SER A 1 123 ? -15.256 -3.647  -3.010  1.00 6.54  ? 122 SER A N   1 
ATOM   956  C CA  . SER A 1 123 ? -13.923 -3.491  -2.433  1.00 10.15 ? 122 SER A CA  1 
ATOM   957  C C   . SER A 1 123 ? -13.040 -2.659  -3.362  1.00 8.11  ? 122 SER A C   1 
ATOM   958  O O   . SER A 1 123 ? -13.028 -2.879  -4.574  1.00 9.64  ? 122 SER A O   1 
ATOM   959  C CB  . SER A 1 123 ? -13.259 -4.861  -2.232  1.00 8.30  ? 122 SER A CB  1 
ATOM   960  O OG  . SER A 1 123 ? -14.038 -5.740  -1.434  1.00 9.23  ? 122 SER A OG  1 
ATOM   961  N N   . ASP A 1 124 ? -12.311 -1.698  -2.799  1.00 7.44  ? 123 ASP A N   1 
ATOM   962  C CA  . ASP A 1 124 ? -11.397 -0.882  -3.595  1.00 5.80  ? 123 ASP A CA  1 
ATOM   963  C C   . ASP A 1 124 ? -10.195 -0.412  -2.771  1.00 5.99  ? 123 ASP A C   1 
ATOM   964  O O   . ASP A 1 124 ? -10.113 -0.677  -1.569  1.00 8.90  ? 123 ASP A O   1 
ATOM   965  C CB  . ASP A 1 124 ? -12.119 0.316   -4.244  1.00 9.64  ? 123 ASP A CB  1 
ATOM   966  C CG  . ASP A 1 124 ? -12.856 1.190   -3.248  1.00 11.89 ? 123 ASP A CG  1 
ATOM   967  O OD1 . ASP A 1 124 ? -12.442 1.272   -2.075  1.00 13.47 ? 123 ASP A OD1 1 
ATOM   968  O OD2 . ASP A 1 124 ? -13.854 1.825   -3.658  1.00 17.91 ? 123 ASP A OD2 1 
ATOM   969  N N   . LEU A 1 125 ? -9.253  0.267   -3.417  1.00 8.01  ? 124 LEU A N   1 
ATOM   970  C CA  . LEU A 1 125 ? -8.062  0.734   -2.720  1.00 6.50  ? 124 LEU A CA  1 
ATOM   971  C C   . LEU A 1 125 ? -8.345  1.817   -1.693  1.00 6.52  ? 124 LEU A C   1 
ATOM   972  O O   . LEU A 1 125 ? -7.726  1.840   -0.633  1.00 7.72  ? 124 LEU A O   1 
ATOM   973  C CB  . LEU A 1 125 ? -7.011  1.219   -3.718  1.00 8.09  ? 124 LEU A CB  1 
ATOM   974  C CG  . LEU A 1 125 ? -6.398  0.137   -4.609  1.00 10.42 ? 124 LEU A CG  1 
ATOM   975  C CD1 . LEU A 1 125 ? -5.451  0.799   -5.590  1.00 9.36  ? 124 LEU A CD1 1 
ATOM   976  C CD2 . LEU A 1 125 ? -5.656  -0.902  -3.767  1.00 11.29 ? 124 LEU A CD2 1 
ATOM   977  N N   . LEU A 1 126 ? -9.274  2.719   -1.990  1.00 9.37  ? 125 LEU A N   1 
ATOM   978  C CA  . LEU A 1 126 ? -9.595  3.766   -1.029  1.00 8.20  ? 125 LEU A CA  1 
ATOM   979  C C   . LEU A 1 126 ? -10.140 3.132   0.250   1.00 7.05  ? 125 LEU A C   1 
ATOM   980  O O   . LEU A 1 126 ? -9.784  3.541   1.354   1.00 9.55  ? 125 LEU A O   1 
ATOM   981  C CB  . LEU A 1 126 ? -10.619 4.738   -1.617  1.00 9.77  ? 125 LEU A CB  1 
ATOM   982  C CG  . LEU A 1 126 ? -10.124 5.638   -2.750  1.00 10.59 ? 125 LEU A CG  1 
ATOM   983  C CD1 . LEU A 1 126 ? -11.296 6.438   -3.314  1.00 15.92 ? 125 LEU A CD1 1 
ATOM   984  C CD2 . LEU A 1 126 ? -9.032  6.568   -2.234  1.00 13.98 ? 125 LEU A CD2 1 
ATOM   985  N N   . GLY A 1 127 ? -10.989 2.118   0.094   1.00 9.20  ? 126 GLY A N   1 
ATOM   986  C CA  . GLY A 1 127 ? -11.559 1.440   1.248   1.00 7.13  ? 126 GLY A CA  1 
ATOM   987  C C   . GLY A 1 127 ? -10.510 0.672   2.026   1.00 8.46  ? 126 GLY A C   1 
ATOM   988  O O   . GLY A 1 127 ? -10.540 0.630   3.252   1.00 8.24  ? 126 GLY A O   1 
ATOM   989  N N   . LEU A 1 128 ? -9.586  0.052   1.299   1.00 7.21  ? 127 LEU A N   1 
ATOM   990  C CA  . LEU A 1 128 ? -8.502  -0.713  1.904   1.00 6.62  ? 127 LEU A CA  1 
ATOM   991  C C   . LEU A 1 128 ? -7.584  0.186   2.734   1.00 8.99  ? 127 LEU A C   1 
ATOM   992  O O   . LEU A 1 128 ? -7.178  -0.176  3.841   1.00 10.40 ? 127 LEU A O   1 
ATOM   993  C CB  . LEU A 1 128 ? -7.677  -1.402  0.811   1.00 6.73  ? 127 LEU A CB  1 
ATOM   994  C CG  . LEU A 1 128 ? -6.395  -2.084  1.299   1.00 7.78  ? 127 LEU A CG  1 
ATOM   995  C CD1 . LEU A 1 128 ? -6.762  -3.249  2.209   1.00 6.70  ? 127 LEU A CD1 1 
ATOM   996  C CD2 . LEU A 1 128 ? -5.576  -2.573  0.117   1.00 7.84  ? 127 LEU A CD2 1 
ATOM   997  N N   . ILE A 1 129 ? -7.252  1.359   2.203   1.00 7.11  ? 128 ILE A N   1 
ATOM   998  C CA  . ILE A 1 129 ? -6.373  2.267   2.927   1.00 5.14  ? 128 ILE A CA  1 
ATOM   999  C C   . ILE A 1 129 ? -7.071  2.809   4.173   1.00 9.18  ? 128 ILE A C   1 
ATOM   1000 O O   . ILE A 1 129 ? -6.440  2.992   5.213   1.00 7.81  ? 128 ILE A O   1 
ATOM   1001 C CB  . ILE A 1 129 ? -5.893  3.420   2.011   1.00 8.93  ? 128 ILE A CB  1 
ATOM   1002 C CG1 . ILE A 1 129 ? -5.018  2.838   0.892   1.00 10.73 ? 128 ILE A CG1 1 
ATOM   1003 C CG2 . ILE A 1 129 ? -5.096  4.439   2.820   1.00 8.36  ? 128 ILE A CG2 1 
ATOM   1004 C CD1 . ILE A 1 129 ? -4.704  3.807   -0.227  1.00 12.28 ? 128 ILE A CD1 1 
ATOM   1005 N N   . GLN A 1 130 ? -8.375  3.057   4.069   1.00 8.06  ? 129 GLN A N   1 
ATOM   1006 C CA  . GLN A 1 130 ? -9.143  3.548   5.210   1.00 10.83 ? 129 GLN A CA  1 
ATOM   1007 C C   . GLN A 1 130 ? -9.063  2.505   6.324   1.00 10.09 ? 129 GLN A C   1 
ATOM   1008 O O   . GLN A 1 130 ? -8.856  2.837   7.491   1.00 10.45 ? 129 GLN A O   1 
ATOM   1009 C CB  . GLN A 1 130 ? -10.600 3.773   4.801   1.00 15.18 ? 129 GLN A CB  1 
ATOM   1010 C CG  . GLN A 1 130 ? -11.488 4.318   5.908   1.00 25.31 ? 129 GLN A CG  1 
ATOM   1011 C CD  . GLN A 1 130 ? -12.907 4.577   5.434   1.00 35.52 ? 129 GLN A CD  1 
ATOM   1012 O OE1 . GLN A 1 130 ? -13.585 3.673   4.944   1.00 38.82 ? 129 GLN A OE1 1 
ATOM   1013 N NE2 . GLN A 1 130 ? -13.362 5.817   5.578   1.00 41.90 ? 129 GLN A NE2 1 
ATOM   1014 N N   . VAL A 1 131 ? -9.222  1.238   5.952   1.00 9.29  ? 130 VAL A N   1 
ATOM   1015 C CA  . VAL A 1 131 ? -9.143  0.142   6.914   1.00 6.99  ? 130 VAL A CA  1 
ATOM   1016 C C   . VAL A 1 131 ? -7.746  0.105   7.538   1.00 8.99  ? 130 VAL A C   1 
ATOM   1017 O O   . VAL A 1 131 ? -7.605  -0.009  8.755   1.00 7.88  ? 130 VAL A O   1 
ATOM   1018 C CB  . VAL A 1 131 ? -9.440  -1.219  6.235   1.00 10.80 ? 130 VAL A CB  1 
ATOM   1019 C CG1 . VAL A 1 131 ? -8.936  -2.373  7.105   1.00 11.75 ? 130 VAL A CG1 1 
ATOM   1020 C CG2 . VAL A 1 131 ? -10.935 -1.360  6.015   1.00 10.32 ? 130 VAL A CG2 1 
ATOM   1021 N N   . MET A 1 132 ? -6.713  0.201   6.707   1.00 7.80  ? 131 MET A N   1 
ATOM   1022 C CA  . MET A 1 132 ? -5.344  0.187   7.223   1.00 8.39  ? 131 MET A CA  1 
ATOM   1023 C C   . MET A 1 132 ? -5.109  1.269   8.268   1.00 7.98  ? 131 MET A C   1 
ATOM   1024 O O   . MET A 1 132 ? -4.487  1.020   9.300   1.00 9.21  ? 131 MET A O   1 
ATOM   1025 C CB  . MET A 1 132 ? -4.332  0.372   6.093   1.00 9.65  ? 131 MET A CB  1 
ATOM   1026 C CG  . MET A 1 132 ? -4.169  -0.838  5.211   1.00 8.78  ? 131 MET A CG  1 
ATOM   1027 S SD  . MET A 1 132 ? -2.921  -0.556  3.937   1.00 11.87 ? 131 MET A SD  1 
ATOM   1028 C CE  . MET A 1 132 ? -2.824  -2.201  3.210   1.00 10.18 ? 131 MET A CE  1 
ATOM   1029 N N   . ILE A 1 133 ? -5.591  2.475   7.995   1.00 8.62  ? 132 ILE A N   1 
ATOM   1030 C CA  . ILE A 1 133 ? -5.412  3.575   8.931   1.00 8.44  ? 132 ILE A CA  1 
ATOM   1031 C C   . ILE A 1 133 ? -6.056  3.248   10.278  1.00 8.91  ? 132 ILE A C   1 
ATOM   1032 O O   . ILE A 1 133 ? -5.483  3.532   11.332  1.00 10.04 ? 132 ILE A O   1 
ATOM   1033 C CB  . ILE A 1 133 ? -5.987  4.891   8.347   1.00 8.83  ? 132 ILE A CB  1 
ATOM   1034 C CG1 . ILE A 1 133 ? -5.109  5.353   7.174   1.00 10.15 ? 132 ILE A CG1 1 
ATOM   1035 C CG2 . ILE A 1 133 ? -6.042  5.968   9.422   1.00 10.39 ? 132 ILE A CG2 1 
ATOM   1036 C CD1 . ILE A 1 133 ? -5.668  6.543   6.409   1.00 11.14 ? 132 ILE A CD1 1 
ATOM   1037 N N   . VAL A 1 134 ? -7.234  2.626   10.251  1.00 9.29  ? 133 VAL A N   1 
ATOM   1038 C CA  . VAL A 1 134 ? -7.913  2.265   11.490  1.00 6.60  ? 133 VAL A CA  1 
ATOM   1039 C C   . VAL A 1 134 ? -7.204  1.121   12.204  1.00 8.82  ? 133 VAL A C   1 
ATOM   1040 O O   . VAL A 1 134 ? -6.909  1.212   13.397  1.00 10.42 ? 133 VAL A O   1 
ATOM   1041 C CB  . VAL A 1 134 ? -9.387  1.838   11.243  1.00 6.79  ? 133 VAL A CB  1 
ATOM   1042 C CG1 . VAL A 1 134 ? -9.979  1.256   12.524  1.00 11.66 ? 133 VAL A CG1 1 
ATOM   1043 C CG2 . VAL A 1 134 ? -10.207 3.035   10.783  1.00 8.82  ? 133 VAL A CG2 1 
ATOM   1044 N N   . VAL A 1 135 ? -6.930  0.046   11.471  1.00 8.95  ? 134 VAL A N   1 
ATOM   1045 C CA  . VAL A 1 135 ? -6.283  -1.123  12.052  1.00 8.31  ? 134 VAL A CA  1 
ATOM   1046 C C   . VAL A 1 135 ? -4.864  -0.857  12.539  1.00 9.06  ? 134 VAL A C   1 
ATOM   1047 O O   . VAL A 1 135 ? -4.493  -1.294  13.629  1.00 9.96  ? 134 VAL A O   1 
ATOM   1048 C CB  . VAL A 1 135 ? -6.288  -2.298  11.051  1.00 8.96  ? 134 VAL A CB  1 
ATOM   1049 C CG1 . VAL A 1 135 ? -5.505  -3.472  11.615  1.00 16.43 ? 134 VAL A CG1 1 
ATOM   1050 C CG2 . VAL A 1 135 ? -7.732  -2.718  10.772  1.00 12.40 ? 134 VAL A CG2 1 
ATOM   1051 N N   . PHE A 1 136 ? -4.071  -0.141  11.749  1.00 7.39  ? 135 PHE A N   1 
ATOM   1052 C CA  . PHE A 1 136 ? -2.702  0.167   12.157  1.00 9.03  ? 135 PHE A CA  1 
ATOM   1053 C C   . PHE A 1 136 ? -2.700  1.202   13.284  1.00 9.54  ? 135 PHE A C   1 
ATOM   1054 O O   . PHE A 1 136 ? -1.722  1.322   14.025  1.00 12.78 ? 135 PHE A O   1 
ATOM   1055 C CB  . PHE A 1 136 ? -1.877  0.692   10.974  1.00 9.18  ? 135 PHE A CB  1 
ATOM   1056 C CG  . PHE A 1 136 ? -1.620  -0.332  9.897   1.00 8.78  ? 135 PHE A CG  1 
ATOM   1057 C CD1 . PHE A 1 136 ? -1.584  -1.690  10.194  1.00 12.34 ? 135 PHE A CD1 1 
ATOM   1058 C CD2 . PHE A 1 136 ? -1.388  0.073   8.582   1.00 12.69 ? 135 PHE A CD2 1 
ATOM   1059 C CE1 . PHE A 1 136 ? -1.315  -2.634  9.197   1.00 13.00 ? 135 PHE A CE1 1 
ATOM   1060 C CE2 . PHE A 1 136 ? -1.115  -0.864  7.578   1.00 13.14 ? 135 PHE A CE2 1 
ATOM   1061 C CZ  . PHE A 1 136 ? -1.083  -2.220  7.890   1.00 12.10 ? 135 PHE A CZ  1 
ATOM   1062 N N   . GLY A 1 137 ? -3.792  1.951   13.402  1.00 8.89  ? 136 GLY A N   1 
ATOM   1063 C CA  . GLY A 1 137 ? -3.896  2.942   14.461  1.00 11.64 ? 136 GLY A CA  1 
ATOM   1064 C C   . GLY A 1 137 ? -4.019  2.248   15.804  1.00 12.72 ? 136 GLY A C   1 
ATOM   1065 O O   . GLY A 1 137 ? -3.659  2.801   16.844  1.00 14.89 ? 136 GLY A O   1 
ATOM   1066 N N   . ASP A 1 138 ? -4.542  1.028   15.777  1.00 10.96 ? 137 ASP A N   1 
ATOM   1067 C CA  . ASP A 1 138 ? -4.708  0.227   16.980  1.00 12.61 ? 137 ASP A CA  1 
ATOM   1068 C C   . ASP A 1 138 ? -3.445  -0.599  17.229  1.00 13.41 ? 137 ASP A C   1 
ATOM   1069 O O   . ASP A 1 138 ? -2.976  -0.708  18.365  1.00 14.40 ? 137 ASP A O   1 
ATOM   1070 C CB  . ASP A 1 138 ? -5.925  -0.686  16.830  1.00 15.65 ? 137 ASP A CB  1 
ATOM   1071 C CG  . ASP A 1 138 ? -6.101  -1.611  18.008  1.00 14.17 ? 137 ASP A CG  1 
ATOM   1072 O OD1 . ASP A 1 138 ? -5.770  -2.809  17.878  1.00 16.91 ? 137 ASP A OD1 1 
ATOM   1073 O OD2 . ASP A 1 138 ? -6.563  -1.132  19.063  1.00 18.53 ? 137 ASP A OD2 1 
ATOM   1074 N N   . GLU A 1 139 ? -2.897  -1.175  16.162  1.00 11.44 ? 138 GLU A N   1 
ATOM   1075 C CA  . GLU A 1 139 ? -1.678  -1.976  16.256  1.00 12.95 ? 138 GLU A CA  1 
ATOM   1076 C C   . GLU A 1 139 ? -0.710  -1.616  15.135  1.00 11.54 ? 138 GLU A C   1 
ATOM   1077 O O   . GLU A 1 139 ? -0.812  -2.130  14.020  1.00 12.59 ? 138 GLU A O   1 
ATOM   1078 C CB  . GLU A 1 139 ? -1.995  -3.474  16.181  1.00 18.91 ? 138 GLU A CB  1 
ATOM   1079 C CG  . GLU A 1 139 ? -2.708  -4.038  17.400  1.00 21.96 ? 138 GLU A CG  1 
ATOM   1080 C CD  . GLU A 1 139 ? -2.847  -5.553  17.350  1.00 28.70 ? 138 GLU A CD  1 
ATOM   1081 O OE1 . GLU A 1 139 ? -3.416  -6.131  18.300  1.00 33.02 ? 138 GLU A OE1 1 
ATOM   1082 O OE2 . GLU A 1 139 ? -2.386  -6.167  16.364  1.00 29.25 ? 138 GLU A OE2 1 
ATOM   1083 N N   . PRO A 1 140 ? 0.240   -0.713  15.414  1.00 13.92 ? 139 PRO A N   1 
ATOM   1084 C CA  . PRO A 1 140 ? 1.219   -0.305  14.401  1.00 12.99 ? 139 PRO A CA  1 
ATOM   1085 C C   . PRO A 1 140 ? 1.979   -1.506  13.832  1.00 13.86 ? 139 PRO A C   1 
ATOM   1086 O O   . PRO A 1 140 ? 2.342   -2.424  14.569  1.00 14.49 ? 139 PRO A O   1 
ATOM   1087 C CB  . PRO A 1 140 ? 2.129   0.646   15.170  1.00 15.05 ? 139 PRO A CB  1 
ATOM   1088 C CG  . PRO A 1 140 ? 1.179   1.294   16.131  1.00 11.80 ? 139 PRO A CG  1 
ATOM   1089 C CD  . PRO A 1 140 ? 0.358   0.117   16.627  1.00 8.50  ? 139 PRO A CD  1 
ATOM   1090 N N   . PRO A 1 141 ? 2.211   -1.516  12.508  1.00 10.95 ? 140 PRO A N   1 
ATOM   1091 C CA  . PRO A 1 141 ? 2.925   -2.605  11.836  1.00 10.47 ? 140 PRO A CA  1 
ATOM   1092 C C   . PRO A 1 141 ? 4.437   -2.430  11.910  1.00 13.68 ? 140 PRO A C   1 
ATOM   1093 O O   . PRO A 1 141 ? 5.193   -3.313  11.506  1.00 13.93 ? 140 PRO A O   1 
ATOM   1094 C CB  . PRO A 1 141 ? 2.399   -2.528  10.412  1.00 11.92 ? 140 PRO A CB  1 
ATOM   1095 C CG  . PRO A 1 141 ? 2.251   -1.050  10.213  1.00 9.55  ? 140 PRO A CG  1 
ATOM   1096 C CD  . PRO A 1 141 ? 1.647   -0.571  11.524  1.00 10.26 ? 140 PRO A CD  1 
ATOM   1097 N N   . VAL A 1 142 ? 4.862   -1.276  12.417  1.00 15.33 ? 141 VAL A N   1 
ATOM   1098 C CA  . VAL A 1 142 ? 6.276   -0.959  12.582  1.00 14.57 ? 141 VAL A CA  1 
ATOM   1099 C C   . VAL A 1 142 ? 6.478   -0.029  13.774  1.00 15.50 ? 141 VAL A C   1 
ATOM   1100 O O   . VAL A 1 142 ? 5.606   0.776   14.106  1.00 14.72 ? 141 VAL A O   1 
ATOM   1101 C CB  . VAL A 1 142 ? 6.874   -0.268  11.330  1.00 16.73 ? 141 VAL A CB  1 
ATOM   1102 C CG1 . VAL A 1 142 ? 7.110   -1.283  10.233  1.00 16.32 ? 141 VAL A CG1 1 
ATOM   1103 C CG2 . VAL A 1 142 ? 5.944   0.833   10.846  1.00 15.10 ? 141 VAL A CG2 1 
ATOM   1104 N N   . PHE A 1 143 ? 7.632   -0.162  14.418  1.00 14.51 ? 142 PHE A N   1 
ATOM   1105 C CA  . PHE A 1 143 ? 8.002   0.662   15.562  1.00 15.04 ? 142 PHE A CA  1 
ATOM   1106 C C   . PHE A 1 143 ? 9.434   1.135   15.336  1.00 17.35 ? 142 PHE A C   1 
ATOM   1107 O O   . PHE A 1 143 ? 10.219  0.458   14.668  1.00 18.93 ? 142 PHE A O   1 
ATOM   1108 C CB  . PHE A 1 143 ? 7.928   -0.150  16.861  1.00 15.15 ? 142 PHE A CB  1 
ATOM   1109 C CG  . PHE A 1 143 ? 6.532   -0.356  17.374  1.00 15.77 ? 142 PHE A CG  1 
ATOM   1110 C CD1 . PHE A 1 143 ? 5.900   0.630   18.126  1.00 18.86 ? 142 PHE A CD1 1 
ATOM   1111 C CD2 . PHE A 1 143 ? 5.842   -1.533  17.097  1.00 18.36 ? 142 PHE A CD2 1 
ATOM   1112 C CE1 . PHE A 1 143 ? 4.602   0.449   18.595  1.00 15.99 ? 142 PHE A CE1 1 
ATOM   1113 C CE2 . PHE A 1 143 ? 4.542   -1.724  17.558  1.00 16.49 ? 142 PHE A CE2 1 
ATOM   1114 C CZ  . PHE A 1 143 ? 3.921   -0.731  18.310  1.00 15.13 ? 142 PHE A CZ  1 
ATOM   1115 N N   . SER A 1 144 ? 9.771   2.300   15.878  1.00 16.42 ? 143 SER A N   1 
ATOM   1116 C CA  . SER A 1 144 ? 11.119  2.833   15.732  1.00 18.98 ? 143 SER A CA  1 
ATOM   1117 C C   . SER A 1 144 ? 12.111  1.991   16.522  1.00 24.48 ? 143 SER A C   1 
ATOM   1118 O O   . SER A 1 144 ? 11.736  1.306   17.474  1.00 22.84 ? 143 SER A O   1 
ATOM   1119 C CB  . SER A 1 144 ? 11.180  4.281   16.231  1.00 23.42 ? 143 SER A CB  1 
ATOM   1120 O OG  . SER A 1 144 ? 10.415  5.142   15.405  1.00 32.89 ? 143 SER A OG  1 
ATOM   1121 N N   . ARG A 1 145 ? 13.376  2.039   16.116  1.00 28.49 ? 144 ARG A N   1 
ATOM   1122 C CA  . ARG A 1 145 ? 14.427  1.300   16.806  1.00 36.85 ? 144 ARG A CA  1 
ATOM   1123 C C   . ARG A 1 145 ? 14.837  2.100   18.037  1.00 43.77 ? 144 ARG A C   1 
ATOM   1124 O O   . ARG A 1 145 ? 15.541  3.104   17.926  1.00 45.93 ? 144 ARG A O   1 
ATOM   1125 C CB  . ARG A 1 145 ? 15.647  1.126   15.901  1.00 34.05 ? 144 ARG A CB  1 
ATOM   1126 C CG  . ARG A 1 145 ? 15.451  0.205   14.714  1.00 33.68 ? 144 ARG A CG  1 
ATOM   1127 C CD  . ARG A 1 145 ? 16.686  0.240   13.829  1.00 32.74 ? 144 ARG A CD  1 
ATOM   1128 N NE  . ARG A 1 145 ? 16.627  -0.730  12.741  1.00 37.50 ? 144 ARG A NE  1 
ATOM   1129 C CZ  . ARG A 1 145 ? 16.719  -2.046  12.906  1.00 39.18 ? 144 ARG A CZ  1 
ATOM   1130 N NH1 . ARG A 1 145 ? 16.875  -2.557  14.120  1.00 37.26 ? 144 ARG A NH1 1 
ATOM   1131 N NH2 . ARG A 1 145 ? 16.656  -2.853  11.854  1.00 40.17 ? 144 ARG A NH2 1 
ATOM   1132 N N   . PRO A 1 146 ? 14.405  1.665   19.230  1.00 49.77 ? 145 PRO A N   1 
ATOM   1133 C CA  . PRO A 1 146 ? 14.756  2.379   20.459  1.00 54.84 ? 145 PRO A CA  1 
ATOM   1134 C C   . PRO A 1 146 ? 16.254  2.327   20.745  1.00 56.53 ? 145 PRO A C   1 
ATOM   1135 O O   . PRO A 1 146 ? 16.995  1.768   19.909  1.00 58.15 ? 145 PRO A O   1 
ATOM   1136 C CB  . PRO A 1 146 ? 13.931  1.656   21.516  1.00 55.46 ? 145 PRO A CB  1 
ATOM   1137 C CG  . PRO A 1 146 ? 13.913  0.252   21.007  1.00 56.25 ? 145 PRO A CG  1 
ATOM   1138 C CD  . PRO A 1 146 ? 13.628  0.451   19.535  1.00 54.19 ? 145 PRO A CD  1 
ATOM   1139 O OXT . PRO A 1 146 ? 16.667  2.847   21.800  1.00 59.95 ? 145 PRO A OXT 1 
ATOM   1140 N N   . PRO B 2 1   ? 5.427   12.731  4.513   1.00 41.92 ? 5   PRO B N   1 
ATOM   1141 C CA  . PRO B 2 1   ? 6.640   13.177  3.792   1.00 41.07 ? 5   PRO B CA  1 
ATOM   1142 C C   . PRO B 2 1   ? 7.776   12.188  4.022   1.00 38.79 ? 5   PRO B C   1 
ATOM   1143 O O   . PRO B 2 1   ? 8.336   11.627  3.077   1.00 38.89 ? 5   PRO B O   1 
ATOM   1144 C CB  . PRO B 2 1   ? 6.998   14.551  4.340   1.00 43.72 ? 5   PRO B CB  1 
ATOM   1145 C CG  . PRO B 2 1   ? 5.651   15.036  4.882   1.00 43.14 ? 5   PRO B CG  1 
ATOM   1146 C CD  . PRO B 2 1   ? 4.977   13.780  5.446   1.00 43.83 ? 5   PRO B CD  1 
ATOM   1147 N N   . GLU B 2 2   ? 8.106   11.978  5.291   1.00 35.00 ? 6   GLU B N   1 
ATOM   1148 C CA  . GLU B 2 2   ? 9.172   11.062  5.679   1.00 30.86 ? 6   GLU B CA  1 
ATOM   1149 C C   . GLU B 2 2   ? 8.611   9.928   6.537   1.00 21.15 ? 6   GLU B C   1 
ATOM   1150 O O   . GLU B 2 2   ? 7.864   10.175  7.479   1.00 20.04 ? 6   GLU B O   1 
ATOM   1151 C CB  . GLU B 2 2   ? 10.242  11.826  6.462   1.00 35.37 ? 6   GLU B CB  1 
ATOM   1152 C CG  . GLU B 2 2   ? 11.191  10.946  7.250   1.00 42.10 ? 6   GLU B CG  1 
ATOM   1153 C CD  . GLU B 2 2   ? 12.613  11.046  6.752   1.00 47.48 ? 6   GLU B CD  1 
ATOM   1154 O OE1 . GLU B 2 2   ? 12.825  10.845  5.537   1.00 49.71 ? 6   GLU B OE1 1 
ATOM   1155 O OE2 . GLU B 2 2   ? 13.514  11.318  7.573   1.00 48.54 ? 6   GLU B OE2 1 
ATOM   1156 N N   . PRO B 2 3   ? 8.962   8.670   6.218   1.00 21.45 ? 7   PRO B N   1 
ATOM   1157 C CA  . PRO B 2 3   ? 8.471   7.523   6.989   1.00 18.05 ? 7   PRO B CA  1 
ATOM   1158 C C   . PRO B 2 3   ? 8.810   7.660   8.471   1.00 18.17 ? 7   PRO B C   1 
ATOM   1159 O O   . PRO B 2 3   ? 9.948   7.958   8.828   1.00 17.86 ? 7   PRO B O   1 
ATOM   1160 C CB  . PRO B 2 3   ? 9.191   6.339   6.349   1.00 17.53 ? 7   PRO B CB  1 
ATOM   1161 C CG  . PRO B 2 3   ? 9.374   6.778   4.929   1.00 18.48 ? 7   PRO B CG  1 
ATOM   1162 C CD  . PRO B 2 3   ? 9.805   8.224   5.096   1.00 21.61 ? 7   PRO B CD  1 
ATOM   1163 N N   . THR B 2 4   ? 7.818   7.457   9.328   1.00 17.05 ? 8   THR B N   1 
ATOM   1164 C CA  . THR B 2 4   ? 8.034   7.536   10.767  1.00 14.70 ? 8   THR B CA  1 
ATOM   1165 C C   . THR B 2 4   ? 7.257   6.416   11.442  1.00 13.73 ? 8   THR B C   1 
ATOM   1166 O O   . THR B 2 4   ? 6.285   5.904   10.889  1.00 11.87 ? 8   THR B O   1 
ATOM   1167 C CB  . THR B 2 4   ? 7.563   8.890   11.355  1.00 15.13 ? 8   THR B CB  1 
ATOM   1168 O OG1 . THR B 2 4   ? 6.193   9.121   11.003  1.00 14.37 ? 8   THR B OG1 1 
ATOM   1169 C CG2 . THR B 2 4   ? 8.428   10.031  10.837  1.00 18.25 ? 8   THR B CG2 1 
ATOM   1170 N N   . ALA B 2 5   ? 7.693   6.040   12.638  1.00 12.98 ? 9   ALA B N   1 
ATOM   1171 C CA  . ALA B 2 5   ? 7.037   4.981   13.390  1.00 13.66 ? 9   ALA B CA  1 
ATOM   1172 C C   . ALA B 2 5   ? 7.074   5.328   14.872  1.00 14.19 ? 9   ALA B C   1 
ATOM   1173 O O   . ALA B 2 5   ? 7.977   6.026   15.330  1.00 13.52 ? 9   ALA B O   1 
ATOM   1174 C CB  . ALA B 2 5   ? 7.745   3.659   13.143  1.00 14.26 ? 9   ALA B CB  1 
ATOM   1175 N N   . PRO B 2 6   ? 6.084   4.850   15.639  1.00 13.55 ? 10  PRO B N   1 
ATOM   1176 C CA  . PRO B 2 6   ? 6.028   5.129   17.078  1.00 16.13 ? 10  PRO B CA  1 
ATOM   1177 C C   . PRO B 2 6   ? 7.044   4.313   17.870  1.00 20.13 ? 10  PRO B C   1 
ATOM   1178 O O   . PRO B 2 6   ? 7.551   3.303   17.393  1.00 17.30 ? 10  PRO B O   1 
ATOM   1179 C CB  . PRO B 2 6   ? 4.594   4.759   17.437  1.00 16.34 ? 10  PRO B CB  1 
ATOM   1180 C CG  . PRO B 2 6   ? 4.343   3.584   16.546  1.00 15.16 ? 10  PRO B CG  1 
ATOM   1181 C CD  . PRO B 2 6   ? 4.923   4.044   15.216  1.00 12.73 ? 10  PRO B CD  1 
ATOM   1182 N N   . PRO B 2 7   ? 7.366   4.752   19.095  1.00 21.24 ? 11  PRO B N   1 
ATOM   1183 C CA  . PRO B 2 7   ? 8.334   3.998   19.900  1.00 24.95 ? 11  PRO B CA  1 
ATOM   1184 C C   . PRO B 2 7   ? 7.666   2.764   20.510  1.00 26.78 ? 11  PRO B C   1 
ATOM   1185 O O   . PRO B 2 7   ? 6.446   2.728   20.638  1.00 31.62 ? 11  PRO B O   1 
ATOM   1186 C CB  . PRO B 2 7   ? 8.763   5.010   20.956  1.00 25.88 ? 11  PRO B CB  1 
ATOM   1187 C CG  . PRO B 2 7   ? 7.515   5.830   21.154  1.00 27.01 ? 11  PRO B CG  1 
ATOM   1188 C CD  . PRO B 2 7   ? 7.013   6.031   19.739  1.00 24.49 ? 11  PRO B CD  1 
ATOM   1189 N N   . GLU B 2 8   ? 8.452   1.754   20.874  1.00 33.12 ? 12  GLU B N   1 
ATOM   1190 C CA  . GLU B 2 8   ? 7.876   0.549   21.468  1.00 36.53 ? 12  GLU B CA  1 
ATOM   1191 C C   . GLU B 2 8   ? 6.966   0.934   22.629  1.00 39.11 ? 12  GLU B C   1 
ATOM   1192 O O   . GLU B 2 8   ? 7.419   1.516   23.613  1.00 39.82 ? 12  GLU B O   1 
ATOM   1193 C CB  . GLU B 2 8   ? 8.973   -0.400  21.963  1.00 36.50 ? 12  GLU B CB  1 
ATOM   1194 C CG  . GLU B 2 8   ? 9.710   -1.172  20.865  1.00 38.21 ? 12  GLU B CG  1 
ATOM   1195 C CD  . GLU B 2 8   ? 8.805   -2.106  20.069  1.00 41.78 ? 12  GLU B CD  1 
ATOM   1196 O OE1 . GLU B 2 8   ? 7.820   -2.627  20.638  1.00 40.13 ? 12  GLU B OE1 1 
ATOM   1197 O OE2 . GLU B 2 8   ? 9.092   -2.339  18.873  1.00 37.70 ? 12  GLU B OE2 1 
ATOM   1198 N N   . GLU B 2 9   ? 5.683   0.611   22.480  1.00 39.79 ? 13  GLU B N   1 
ATOM   1199 C CA  . GLU B 2 9   ? 4.629   0.884   23.461  1.00 42.90 ? 13  GLU B CA  1 
ATOM   1200 C C   . GLU B 2 9   ? 3.282   1.000   22.755  1.00 42.91 ? 13  GLU B C   1 
ATOM   1201 O O   . GLU B 2 9   ? 2.758   2.134   22.671  1.00 38.13 ? 13  GLU B O   1 
ATOM   1202 C CB  . GLU B 2 9   ? 4.885   2.180   24.244  1.00 46.96 ? 13  GLU B CB  1 
ATOM   1203 C CG  . GLU B 2 9   ? 5.699   1.997   25.516  1.00 51.90 ? 13  GLU B CG  1 
ATOM   1204 C CD  . GLU B 2 9   ? 5.208   0.839   26.348  1.00 53.69 ? 13  GLU B CD  1 
ATOM   1205 O OE1 . GLU B 2 9   ? 4.053   0.893   26.824  1.00 56.16 ? 13  GLU B OE1 1 
ATOM   1206 O OE2 . GLU B 2 9   ? 5.977   -0.131  26.519  1.00 54.20 ? 13  GLU B OE2 1 
ATOM   1207 O OXT . GLU B 2 9   ? 2.770   -0.040  22.290  1.00 45.04 ? 13  GLU B OXT 1 
HETATM 1208 O O   . HOH C 3 .   ? -9.481  5.397   -16.226 1.00 28.31 ? 45  HOH A O   1 
HETATM 1209 O O   . HOH C 3 .   ? 8.479   3.626   -12.178 1.00 22.66 ? 46  HOH A O   1 
HETATM 1210 O O   . HOH C 3 .   ? -8.979  -12.578 -1.487  1.00 24.87 ? 47  HOH A O   1 
HETATM 1211 O O   . HOH C 3 .   ? -5.850  -5.205  -14.420 1.00 6.83  ? 146 HOH A O   1 
HETATM 1212 O O   . HOH C 3 .   ? 14.832  -6.649  -13.000 1.00 41.80 ? 147 HOH A O   1 
HETATM 1213 O O   . HOH C 3 .   ? -13.232 -6.299  0.982   1.00 7.77  ? 148 HOH A O   1 
HETATM 1214 O O   . HOH C 3 .   ? 9.808   -15.950 -16.844 1.00 10.22 ? 149 HOH A O   1 
HETATM 1215 O O   . HOH C 3 .   ? 5.555   13.527  18.669  1.00 42.86 ? 150 HOH A O   1 
HETATM 1216 O O   . HOH C 3 .   ? -13.696 -9.407  -7.543  1.00 11.42 ? 151 HOH A O   1 
HETATM 1217 O O   . HOH C 3 .   ? 8.558   -5.877  3.653   1.00 39.78 ? 152 HOH A O   1 
HETATM 1218 O O   . HOH C 3 .   ? -10.864 -0.319  -7.808  1.00 10.26 ? 153 HOH A O   1 
HETATM 1219 O O   . HOH C 3 .   ? -17.079 8.086   -5.175  1.00 40.84 ? 154 HOH A O   1 
HETATM 1220 O O   . HOH C 3 .   ? -14.269 2.403   -6.709  1.00 32.72 ? 155 HOH A O   1 
HETATM 1221 O O   . HOH C 3 .   ? -16.601 -6.312  -0.875  1.00 12.81 ? 156 HOH A O   1 
HETATM 1222 O O   . HOH C 3 .   ? 8.897   -2.724  -2.908  1.00 28.84 ? 157 HOH A O   1 
HETATM 1223 O O   . HOH C 3 .   ? -14.469 -6.220  3.622   1.00 9.65  ? 158 HOH A O   1 
HETATM 1224 O O   . HOH C 3 .   ? -1.367  -8.440  1.258   1.00 10.46 ? 159 HOH A O   1 
HETATM 1225 O O   . HOH C 3 .   ? 18.462  3.009   13.628  1.00 46.36 ? 160 HOH A O   1 
HETATM 1226 O O   . HOH C 3 .   ? -4.355  -7.029  -7.361  1.00 9.26  ? 161 HOH A O   1 
HETATM 1227 O O   . HOH C 3 .   ? 11.157  -9.359  -6.267  1.00 41.08 ? 162 HOH A O   1 
HETATM 1228 O O   . HOH C 3 .   ? -14.447 -4.900  -16.098 1.00 14.43 ? 163 HOH A O   1 
HETATM 1229 O O   . HOH C 3 .   ? -13.399 -6.388  6.208   1.00 8.87  ? 164 HOH A O   1 
HETATM 1230 O O   . HOH C 3 .   ? -0.735  -7.570  -22.420 1.00 42.43 ? 165 HOH A O   1 
HETATM 1231 O O   . HOH C 3 .   ? 9.848   -9.623  10.832  1.00 47.47 ? 166 HOH A O   1 
HETATM 1232 O O   . HOH C 3 .   ? -15.191 -8.442  6.955   1.00 9.75  ? 167 HOH A O   1 
HETATM 1233 O O   . HOH C 3 .   ? -8.196  -7.674  -20.922 1.00 13.41 ? 168 HOH A O   1 
HETATM 1234 O O   . HOH C 3 .   ? 1.928   -3.427  -17.661 1.00 11.69 ? 169 HOH A O   1 
HETATM 1235 O O   . HOH C 3 .   ? 0.079   -1.209  20.674  1.00 33.21 ? 170 HOH A O   1 
HETATM 1236 O O   . HOH C 3 .   ? -12.770 -2.006  -7.029  1.00 14.37 ? 171 HOH A O   1 
HETATM 1237 O O   . HOH C 3 .   ? -5.444  18.014  -5.045  1.00 36.30 ? 172 HOH A O   1 
HETATM 1238 O O   . HOH C 3 .   ? -18.853 -7.146  -2.263  1.00 15.47 ? 173 HOH A O   1 
HETATM 1239 O O   . HOH C 3 .   ? -17.403 5.709   -8.888  1.00 42.27 ? 174 HOH A O   1 
HETATM 1240 O O   . HOH C 3 .   ? -9.906  11.379  -7.785  1.00 38.06 ? 175 HOH A O   1 
HETATM 1241 O O   . HOH C 3 .   ? 1.895   9.726   5.309   1.00 13.85 ? 176 HOH A O   1 
HETATM 1242 O O   . HOH C 3 .   ? 3.142   6.935   23.871  1.00 38.86 ? 177 HOH A O   1 
HETATM 1243 O O   . HOH C 3 .   ? -12.960 0.993   -20.043 1.00 16.97 ? 178 HOH A O   1 
HETATM 1244 O O   . HOH C 3 .   ? -16.505 -2.915  -13.307 1.00 14.16 ? 179 HOH A O   1 
HETATM 1245 O O   . HOH C 3 .   ? 14.731  -12.806 -12.495 1.00 15.33 ? 180 HOH A O   1 
HETATM 1246 O O   . HOH C 3 .   ? -14.878 -0.083  -7.391  1.00 20.20 ? 181 HOH A O   1 
HETATM 1247 O O   . HOH C 3 .   ? 7.567   5.972   -10.956 1.00 20.41 ? 182 HOH A O   1 
HETATM 1248 O O   . HOH C 3 .   ? 2.485   8.199   19.706  1.00 17.16 ? 183 HOH A O   1 
HETATM 1249 O O   . HOH C 3 .   ? 11.623  -4.487  3.760   1.00 34.44 ? 184 HOH A O   1 
HETATM 1250 O O   . HOH C 3 .   ? 16.403  3.398   5.093   1.00 20.72 ? 185 HOH A O   1 
HETATM 1251 O O   . HOH C 3 .   ? -2.608  -11.291 2.954   1.00 16.59 ? 186 HOH A O   1 
HETATM 1252 O O   . HOH C 3 .   ? -12.192 -11.445 -5.431  1.00 44.77 ? 187 HOH A O   1 
HETATM 1253 O O   . HOH C 3 .   ? -18.887 -6.236  -4.764  1.00 16.21 ? 188 HOH A O   1 
HETATM 1254 O O   . HOH C 3 .   ? -19.492 -8.489  -7.186  1.00 19.01 ? 189 HOH A O   1 
HETATM 1255 O O   . HOH C 3 .   ? -13.065 1.118   4.172   1.00 18.79 ? 190 HOH A O   1 
HETATM 1256 O O   . HOH C 3 .   ? -0.200  9.703   1.576   1.00 14.58 ? 191 HOH A O   1 
HETATM 1257 O O   . HOH C 3 .   ? -9.881  -12.613 -5.385  1.00 22.77 ? 192 HOH A O   1 
HETATM 1258 O O   . HOH C 3 .   ? 10.632  2.447   3.103   1.00 20.94 ? 193 HOH A O   1 
HETATM 1259 O O   . HOH C 3 .   ? 4.717   -13.937 3.330   1.00 20.77 ? 194 HOH A O   1 
HETATM 1260 O O   . HOH C 3 .   ? -3.559  -9.832  -0.721  1.00 18.59 ? 195 HOH A O   1 
HETATM 1261 O O   . HOH C 3 .   ? -9.322  6.141   1.583   1.00 18.33 ? 196 HOH A O   1 
HETATM 1262 O O   . HOH C 3 .   ? 7.869   -13.327 -10.685 1.00 14.07 ? 197 HOH A O   1 
HETATM 1263 O O   . HOH C 3 .   ? -9.646  5.520   8.186   1.00 20.18 ? 198 HOH A O   1 
HETATM 1264 O O   . HOH C 3 .   ? 8.705   -3.794  16.082  1.00 21.40 ? 199 HOH A O   1 
HETATM 1265 O O   . HOH C 3 .   ? -4.863  9.569   9.018   1.00 23.12 ? 200 HOH A O   1 
HETATM 1266 O O   . HOH C 3 .   ? 6.427   -9.371  17.159  1.00 19.75 ? 201 HOH A O   1 
HETATM 1267 O O   . HOH C 3 .   ? -4.420  -11.243 -4.659  1.00 22.89 ? 202 HOH A O   1 
HETATM 1268 O O   . HOH C 3 .   ? -6.658  5.128   13.255  1.00 23.19 ? 203 HOH A O   1 
HETATM 1269 O O   . HOH C 3 .   ? -9.432  -11.748 -13.533 1.00 25.04 ? 204 HOH A O   1 
HETATM 1270 O O   . HOH C 3 .   ? 1.111   -6.120  16.399  1.00 22.07 ? 205 HOH A O   1 
HETATM 1271 O O   . HOH C 3 .   ? -6.491  1.524   19.782  1.00 23.56 ? 206 HOH A O   1 
HETATM 1272 O O   . HOH C 3 .   ? 11.761  5.395   13.180  1.00 28.47 ? 207 HOH A O   1 
HETATM 1273 O O   . HOH C 3 .   ? -0.838  -8.778  16.969  1.00 20.54 ? 208 HOH A O   1 
HETATM 1274 O O   . HOH C 3 .   ? 0.575   11.629  3.911   1.00 29.43 ? 209 HOH A O   1 
HETATM 1275 O O   . HOH C 3 .   ? 1.846   -5.697  13.884  1.00 19.07 ? 210 HOH A O   1 
HETATM 1276 O O   . HOH C 3 .   ? 2.387   13.825  14.470  1.00 23.46 ? 211 HOH A O   1 
HETATM 1277 O O   . HOH C 3 .   ? -19.571 -9.866  -2.362  1.00 31.64 ? 212 HOH A O   1 
HETATM 1278 O O   . HOH C 3 .   ? -1.217  -6.510  13.795  1.00 21.02 ? 213 HOH A O   1 
HETATM 1279 O O   . HOH C 3 .   ? -1.357  5.925   25.359  1.00 30.18 ? 214 HOH A O   1 
HETATM 1280 O O   . HOH C 3 .   ? 7.142   7.109   -2.554  1.00 26.46 ? 215 HOH A O   1 
HETATM 1281 O O   . HOH C 3 .   ? 3.482   -5.638  -16.750 1.00 26.20 ? 216 HOH A O   1 
HETATM 1282 O O   . HOH C 3 .   ? -16.310 -11.951 -0.743  1.00 24.93 ? 217 HOH A O   1 
HETATM 1283 O O   . HOH C 3 .   ? -1.984  -2.004  -23.664 1.00 20.78 ? 218 HOH A O   1 
HETATM 1284 O O   . HOH C 3 .   ? 11.503  -1.747  3.596   1.00 21.59 ? 219 HOH A O   1 
HETATM 1285 O O   . HOH C 3 .   ? 9.187   -6.445  16.635  1.00 26.64 ? 220 HOH A O   1 
HETATM 1286 O O   . HOH C 3 .   ? -5.561  5.352   16.593  1.00 24.78 ? 221 HOH A O   1 
HETATM 1287 O O   . HOH C 3 .   ? -3.875  2.446   19.628  1.00 24.06 ? 222 HOH A O   1 
HETATM 1288 O O   . HOH C 3 .   ? 12.485  -5.081  10.125  1.00 24.85 ? 223 HOH A O   1 
HETATM 1289 O O   . HOH C 3 .   ? 7.561   -5.134  -1.501  1.00 27.48 ? 224 HOH A O   1 
HETATM 1290 O O   . HOH C 3 .   ? -4.467  9.018   18.359  1.00 28.45 ? 225 HOH A O   1 
HETATM 1291 O O   . HOH C 3 .   ? -11.454 0.523   -10.244 1.00 24.78 ? 226 HOH A O   1 
HETATM 1292 O O   . HOH C 3 .   ? -14.472 2.132   -0.449  1.00 21.55 ? 227 HOH A O   1 
HETATM 1293 O O   . HOH C 3 .   ? 9.140   -1.217  -5.994  1.00 24.24 ? 228 HOH A O   1 
HETATM 1294 O O   . HOH C 3 .   ? 13.423  6.872   8.169   1.00 32.51 ? 229 HOH A O   1 
HETATM 1295 O O   . HOH C 3 .   ? 7.277   2.688   1.433   1.00 18.77 ? 230 HOH A O   1 
HETATM 1296 O O   . HOH C 3 .   ? 8.315   -8.569  15.384  1.00 23.48 ? 231 HOH A O   1 
HETATM 1297 O O   . HOH C 3 .   ? -4.626  -2.859  20.964  1.00 35.93 ? 232 HOH A O   1 
HETATM 1298 O O   . HOH C 3 .   ? 10.472  -15.293 6.422   1.00 37.37 ? 233 HOH A O   1 
HETATM 1299 O O   . HOH C 3 .   ? -2.786  -5.726  -22.431 1.00 26.77 ? 234 HOH A O   1 
HETATM 1300 O O   . HOH C 3 .   ? 8.117   5.324   1.984   1.00 34.39 ? 235 HOH A O   1 
HETATM 1301 O O   . HOH C 3 .   ? 1.586   -3.432  17.014  1.00 21.45 ? 236 HOH A O   1 
HETATM 1302 O O   . HOH C 3 .   ? -3.038  1.028   -20.442 1.00 24.77 ? 237 HOH A O   1 
HETATM 1303 O O   . HOH C 3 .   ? -7.234  -14.484 -10.927 1.00 31.81 ? 238 HOH A O   1 
HETATM 1304 O O   . HOH C 3 .   ? -10.077 3.291   -22.723 1.00 32.37 ? 239 HOH A O   1 
HETATM 1305 O O   . HOH C 3 .   ? -1.368  14.688  20.994  1.00 27.43 ? 240 HOH A O   1 
HETATM 1306 O O   . HOH C 3 .   ? 11.503  -15.747 -7.581  1.00 24.71 ? 241 HOH A O   1 
HETATM 1307 O O   . HOH C 3 .   ? 7.447   6.386   -15.745 1.00 33.15 ? 242 HOH A O   1 
HETATM 1308 O O   . HOH C 3 .   ? -0.231  -4.371  12.545  1.00 22.64 ? 243 HOH A O   1 
HETATM 1309 O O   . HOH C 3 .   ? 2.173   -8.434  17.607  1.00 24.61 ? 244 HOH A O   1 
HETATM 1310 O O   . HOH C 3 .   ? -9.357  10.820  -4.678  1.00 28.25 ? 245 HOH A O   1 
HETATM 1311 O O   . HOH C 3 .   ? -7.349  -5.797  14.532  1.00 30.52 ? 246 HOH A O   1 
HETATM 1312 O O   . HOH C 3 .   ? 3.587   -12.537 -3.336  1.00 24.36 ? 247 HOH A O   1 
HETATM 1313 O O   . HOH C 3 .   ? -12.463 5.036   -20.068 1.00 31.05 ? 248 HOH A O   1 
HETATM 1314 O O   . HOH C 3 .   ? 14.794  -2.184  9.241   1.00 26.21 ? 249 HOH A O   1 
HETATM 1315 O O   . HOH C 3 .   ? 2.011   13.445  7.615   1.00 40.25 ? 250 HOH A O   1 
HETATM 1316 O O   . HOH C 3 .   ? -5.504  -11.480 0.328   1.00 25.72 ? 251 HOH A O   1 
HETATM 1317 O O   . HOH C 3 .   ? -0.019  2.335   -23.123 1.00 39.31 ? 252 HOH A O   1 
HETATM 1318 O O   . HOH C 3 .   ? -9.839  8.681   -10.947 1.00 32.71 ? 253 HOH A O   1 
HETATM 1319 O O   . HOH C 3 .   ? -5.657  -3.685  15.044  1.00 22.75 ? 254 HOH A O   1 
HETATM 1320 O O   . HOH C 3 .   ? -6.974  -14.589 1.516   1.00 31.50 ? 255 HOH A O   1 
HETATM 1321 O O   . HOH C 3 .   ? -21.080 -2.195  -4.459  1.00 32.02 ? 256 HOH A O   1 
HETATM 1322 O O   . HOH C 3 .   ? 14.854  -9.178  0.075   1.00 33.60 ? 257 HOH A O   1 
HETATM 1323 O O   . HOH C 3 .   ? -13.406 -10.957 -13.640 1.00 27.28 ? 258 HOH A O   1 
HETATM 1324 O O   . HOH C 3 .   ? -21.192 -9.293  -5.105  1.00 24.20 ? 259 HOH A O   1 
HETATM 1325 O O   . HOH C 3 .   ? -5.897  3.051   -19.605 1.00 46.01 ? 260 HOH A O   1 
HETATM 1326 O O   . HOH C 3 .   ? 6.603   10.122  18.379  1.00 32.68 ? 261 HOH A O   1 
HETATM 1327 O O   . HOH C 3 .   ? -2.187  12.478  15.855  1.00 32.55 ? 262 HOH A O   1 
HETATM 1328 O O   . HOH C 3 .   ? 13.694  2.193   2.882   1.00 38.21 ? 263 HOH A O   1 
HETATM 1329 O O   . HOH C 3 .   ? -14.328 -12.975 -4.239  1.00 47.59 ? 264 HOH A O   1 
HETATM 1330 O O   . HOH C 3 .   ? -0.586  -12.767 -0.713  1.00 31.18 ? 265 HOH A O   1 
HETATM 1331 O O   . HOH C 3 .   ? 13.393  -9.698  -9.923  1.00 45.56 ? 266 HOH A O   1 
HETATM 1332 O O   . HOH C 3 .   ? -6.561  -10.974 19.715  1.00 33.79 ? 267 HOH A O   1 
HETATM 1333 O O   . HOH C 3 .   ? -14.717 4.293   -2.232  1.00 42.28 ? 268 HOH A O   1 
HETATM 1334 O O   . HOH C 3 .   ? 14.796  -12.114 -8.219  1.00 42.24 ? 269 HOH A O   1 
HETATM 1335 O O   . HOH C 3 .   ? 15.612  -1.346  18.434  1.00 55.00 ? 270 HOH A O   1 
HETATM 1336 O O   . HOH C 3 .   ? 4.037   -9.034  -15.244 1.00 19.29 ? 271 HOH A O   1 
HETATM 1337 O O   . HOH C 3 .   ? 6.037   10.047  -2.722  1.00 30.53 ? 272 HOH A O   1 
HETATM 1338 O O   . HOH C 3 .   ? -8.623  -13.859 -14.908 1.00 33.95 ? 273 HOH A O   1 
HETATM 1339 O O   . HOH C 3 .   ? 10.374  3.839   -5.847  1.00 39.40 ? 274 HOH A O   1 
HETATM 1340 O O   . HOH C 3 .   ? -8.148  8.992   5.020   1.00 31.34 ? 275 HOH A O   1 
HETATM 1341 O O   . HOH C 3 .   ? 5.512   -12.612 0.906   1.00 31.06 ? 276 HOH A O   1 
HETATM 1342 O O   . HOH C 3 .   ? -7.706  -6.909  16.924  1.00 28.58 ? 277 HOH A O   1 
HETATM 1343 O O   . HOH C 3 .   ? 0.894   11.110  -5.098  1.00 33.89 ? 278 HOH A O   1 
HETATM 1344 O O   . HOH C 3 .   ? 9.941   4.081   -22.455 1.00 45.07 ? 279 HOH A O   1 
HETATM 1345 O O   . HOH C 3 .   ? -1.781  13.608  1.456   1.00 26.36 ? 280 HOH A O   1 
HETATM 1346 O O   . HOH C 3 .   ? 18.558  0.184   17.999  1.00 32.17 ? 281 HOH A O   1 
HETATM 1347 O O   . HOH C 3 .   ? -17.604 -12.415 2.575   1.00 32.57 ? 282 HOH A O   1 
HETATM 1348 O O   . HOH C 3 .   ? 9.133   1.405   -5.131  1.00 47.26 ? 283 HOH A O   1 
HETATM 1349 O O   . HOH C 3 .   ? -1.906  -4.680  20.296  1.00 53.56 ? 284 HOH A O   1 
HETATM 1350 O O   . HOH C 3 .   ? -10.038 13.615  -4.560  1.00 61.53 ? 285 HOH A O   1 
HETATM 1351 O O   . HOH C 3 .   ? 0.980   6.081   -22.469 1.00 37.18 ? 286 HOH A O   1 
HETATM 1352 O O   . HOH C 3 .   ? -3.844  5.136   19.818  1.00 35.54 ? 287 HOH A O   1 
HETATM 1353 O O   . HOH C 3 .   ? 11.705  -1.623  17.781  1.00 34.72 ? 288 HOH A O   1 
HETATM 1354 O O   . HOH D 3 .   ? 5.471   11.469  12.143  1.00 22.40 ? 37  HOH B O   1 
HETATM 1355 O O   . HOH D 3 .   ? 10.381  7.573   13.237  1.00 21.52 ? 50  HOH B O   1 
HETATM 1356 O O   . HOH D 3 .   ? 9.266   7.580   17.252  1.00 30.11 ? 78  HOH B O   1 
HETATM 1357 O O   . HOH D 3 .   ? 4.758   4.344   21.537  1.00 29.22 ? 118 HOH B O   1 
HETATM 1358 O O   . HOH D 3 .   ? 12.311  7.381   17.495  1.00 35.61 ? 123 HOH B O   1 
HETATM 1359 O O   . HOH D 3 .   ? 3.000   -2.630  21.289  1.00 39.52 ? 145 HOH B O   1 
HETATM 1360 O O   . HOH D 3 .   ? 7.878   11.471  0.396   1.00 43.51 ? 148 HOH B O   1 
HETATM 1361 O O   . HOH D 3 .   ? 5.713   5.148   24.097  1.00 43.08 ? 164 HOH B O   1 
HETATM 1362 O O   . HOH D 3 .   ? 7.190   -1.745  24.446  1.00 53.22 ? 168 HOH B O   1 
HETATM 1363 O O   . HOH D 3 .   ? 11.735  8.881   10.996  1.00 33.63 ? 173 HOH B O   1 
# 
loop_
_pdbx_poly_seq_scheme.asym_id 
_pdbx_poly_seq_scheme.entity_id 
_pdbx_poly_seq_scheme.seq_id 
_pdbx_poly_seq_scheme.mon_id 
_pdbx_poly_seq_scheme.ndb_seq_num 
_pdbx_poly_seq_scheme.pdb_seq_num 
_pdbx_poly_seq_scheme.auth_seq_num 
_pdbx_poly_seq_scheme.pdb_mon_id 
_pdbx_poly_seq_scheme.auth_mon_id 
_pdbx_poly_seq_scheme.pdb_strand_id 
_pdbx_poly_seq_scheme.pdb_ins_code 
_pdbx_poly_seq_scheme.hetero 
A 1 1   GLY 1   -3  ?   ?   ?   A . n 
A 1 2   ALA 2   -2  ?   ?   ?   A . n 
A 1 3   MET 3   -1  ?   ?   ?   A . n 
A 1 4   GLY 4   0   ?   ?   ?   A . n 
A 1 5   SER 5   1   1   SER SER A . n 
A 1 6   ALA 6   2   2   ALA ALA A . n 
A 1 7   VAL 7   3   3   VAL VAL A . n 
A 1 8   SER 8   4   4   SER SER A . n 
A 1 9   GLU 9   5   5   GLU GLU A . n 
A 1 10  SER 10  6   6   SER SER A . n 
A 1 11  GLN 11  7   7   GLN GLN A . n 
A 1 12  LEU 12  8   8   LEU LEU A . n 
A 1 13  LYS 13  9   9   LYS LYS A . n 
A 1 14  LYS 14  10  10  LYS LYS A . n 
A 1 15  MET 15  11  11  MET MET A . n 
A 1 16  VAL 16  12  12  VAL VAL A . n 
A 1 17  SER 17  13  13  SER SER A . n 
A 1 18  LYS 18  14  14  LYS LYS A . n 
A 1 19  TYR 19  15  15  TYR TYR A . n 
A 1 20  LYS 20  16  16  LYS LYS A . n 
A 1 21  TYR 21  17  17  TYR TYR A . n 
A 1 22  ARG 22  18  18  ARG ARG A . n 
A 1 23  ASP 23  19  19  ASP ASP A . n 
A 1 24  LEU 24  20  20  LEU LEU A . n 
A 1 25  THR 25  21  21  THR THR A . n 
A 1 26  VAL 26  22  22  VAL VAL A . n 
A 1 27  ARG 27  23  23  ARG ARG A . n 
A 1 28  GLU 28  24  24  GLU GLU A . n 
A 1 29  THR 29  25  25  THR THR A . n 
A 1 30  VAL 30  26  26  VAL VAL A . n 
A 1 31  ASN 31  27  27  ASN ASN A . n 
A 1 32  VAL 32  28  28  VAL VAL A . n 
A 1 33  ILE 33  29  29  ILE ILE A . n 
A 1 34  THR 34  30  30  THR THR A . n 
A 1 35  LEU 35  31  31  LEU LEU A . n 
A 1 36  TYR 36  32  32  TYR TYR A . n 
A 1 37  LYS 37  33  33  LYS LYS A . n 
A 1 38  ASP 38  34  34  ASP ASP A . n 
A 1 39  LEU 39  35  35  LEU LEU A . n 
A 1 40  LYS 40  36  36  LYS LYS A . n 
A 1 41  PRO 41  37  37  PRO PRO A . n 
A 1 42  VAL 42  38  38  VAL VAL A . n 
A 1 43  LEU 43  39  39  LEU LEU A . n 
A 1 44  ASP 44  40  40  ASP ASP A . n 
A 1 45  SER 45  41  41  SER SER A . n 
A 1 46  TYR 46  42  42  TYR TYR A . n 
A 1 47  GLY 47  43  43  GLY GLY A . n 
A 1 48  THR 48  44  44  THR THR A . n 
A 1 49  GLY 49  48  48  GLY GLY A . n 
A 1 50  SER 50  49  49  SER SER A . n 
A 1 51  ARG 51  50  50  ARG ARG A . n 
A 1 52  GLU 52  51  51  GLU GLU A . n 
A 1 53  LEU 53  52  52  LEU LEU A . n 
A 1 54  MET 54  53  53  MET MET A . n 
A 1 55  ASN 55  54  54  ASN ASN A . n 
A 1 56  LEU 56  55  55  LEU LEU A . n 
A 1 57  THR 57  56  56  THR THR A . n 
A 1 58  GLY 58  57  57  GLY GLY A . n 
A 1 59  THR 59  58  58  THR THR A . n 
A 1 60  ILE 60  59  59  ILE ILE A . n 
A 1 61  PRO 61  60  60  PRO PRO A . n 
A 1 62  VAL 62  61  61  VAL VAL A . n 
A 1 63  PRO 63  62  62  PRO PRO A . n 
A 1 64  TYR 64  63  63  TYR TYR A . n 
A 1 65  ARG 65  64  64  ARG ARG A . n 
A 1 66  GLY 66  65  65  GLY GLY A . n 
A 1 67  ASN 67  66  66  ASN ASN A . n 
A 1 68  THR 68  67  67  THR THR A . n 
A 1 69  TYR 69  68  68  TYR TYR A . n 
A 1 70  ASN 70  69  69  ASN ASN A . n 
A 1 71  ILE 71  70  70  ILE ILE A . n 
A 1 72  PRO 72  71  71  PRO PRO A . n 
A 1 73  ILE 73  72  72  ILE ILE A . n 
A 1 74  CYS 74  73  73  CYS CYS A . n 
A 1 75  LEU 75  74  74  LEU LEU A . n 
A 1 76  TRP 76  75  75  TRP TRP A . n 
A 1 77  LEU 77  76  76  LEU LEU A . n 
A 1 78  LEU 78  77  77  LEU LEU A . n 
A 1 79  ASP 79  78  78  ASP ASP A . n 
A 1 80  THR 80  79  79  THR THR A . n 
A 1 81  TYR 81  80  80  TYR TYR A . n 
A 1 82  PRO 82  81  81  PRO PRO A . n 
A 1 83  TYR 83  82  82  TYR TYR A . n 
A 1 84  ASN 84  83  83  ASN ASN A . n 
A 1 85  PRO 85  84  84  PRO PRO A . n 
A 1 86  PRO 86  85  85  PRO PRO A . n 
A 1 87  ILE 87  86  86  ILE ILE A . n 
A 1 88  CYS 88  87  87  CYS CYS A . n 
A 1 89  PHE 89  88  88  PHE PHE A . n 
A 1 90  VAL 90  89  89  VAL VAL A . n 
A 1 91  LYS 91  90  90  LYS LYS A . n 
A 1 92  PRO 92  91  91  PRO PRO A . n 
A 1 93  THR 93  92  92  THR THR A . n 
A 1 94  SER 94  93  93  SER SER A . n 
A 1 95  SER 95  94  94  SER SER A . n 
A 1 96  MET 96  95  95  MET MET A . n 
A 1 97  THR 97  96  96  THR THR A . n 
A 1 98  ILE 98  97  97  ILE ILE A . n 
A 1 99  LYS 99  98  98  LYS LYS A . n 
A 1 100 THR 100 99  99  THR THR A . n 
A 1 101 GLY 101 100 100 GLY GLY A . n 
A 1 102 LYS 102 101 101 LYS LYS A . n 
A 1 103 HIS 103 102 102 HIS HIS A . n 
A 1 104 VAL 104 103 103 VAL VAL A . n 
A 1 105 ASP 105 104 104 ASP ASP A . n 
A 1 106 ALA 106 105 105 ALA ALA A . n 
A 1 107 ASN 107 106 106 ASN ASN A . n 
A 1 108 GLY 108 107 107 GLY GLY A . n 
A 1 109 LYS 109 108 108 LYS LYS A . n 
A 1 110 ILE 110 109 109 ILE ILE A . n 
A 1 111 TYR 111 110 110 TYR TYR A . n 
A 1 112 LEU 112 111 111 LEU LEU A . n 
A 1 113 PRO 113 112 112 PRO PRO A . n 
A 1 114 TYR 114 113 113 TYR TYR A . n 
A 1 115 LEU 115 114 114 LEU LEU A . n 
A 1 116 HIS 116 115 115 HIS HIS A . n 
A 1 117 GLU 117 116 116 GLU GLU A . n 
A 1 118 TRP 118 117 117 TRP TRP A . n 
A 1 119 LYS 119 118 118 LYS LYS A . n 
A 1 120 HIS 120 119 119 HIS HIS A . n 
A 1 121 PRO 121 120 120 PRO PRO A . n 
A 1 122 GLN 122 121 121 GLN GLN A . n 
A 1 123 SER 123 122 122 SER SER A . n 
A 1 124 ASP 124 123 123 ASP ASP A . n 
A 1 125 LEU 125 124 124 LEU LEU A . n 
A 1 126 LEU 126 125 125 LEU LEU A . n 
A 1 127 GLY 127 126 126 GLY GLY A . n 
A 1 128 LEU 128 127 127 LEU LEU A . n 
A 1 129 ILE 129 128 128 ILE ILE A . n 
A 1 130 GLN 130 129 129 GLN GLN A . n 
A 1 131 VAL 131 130 130 VAL VAL A . n 
A 1 132 MET 132 131 131 MET MET A . n 
A 1 133 ILE 133 132 132 ILE ILE A . n 
A 1 134 VAL 134 133 133 VAL VAL A . n 
A 1 135 VAL 135 134 134 VAL VAL A . n 
A 1 136 PHE 136 135 135 PHE PHE A . n 
A 1 137 GLY 137 136 136 GLY GLY A . n 
A 1 138 ASP 138 137 137 ASP ASP A . n 
A 1 139 GLU 139 138 138 GLU GLU A . n 
A 1 140 PRO 140 139 139 PRO PRO A . n 
A 1 141 PRO 141 140 140 PRO PRO A . n 
A 1 142 VAL 142 141 141 VAL VAL A . n 
A 1 143 PHE 143 142 142 PHE PHE A . n 
A 1 144 SER 144 143 143 SER SER A . n 
A 1 145 ARG 145 144 144 ARG ARG A . n 
A 1 146 PRO 146 145 145 PRO PRO A . n 
B 2 1   PRO 1   5   5   PRO PRO B . n 
B 2 2   GLU 2   6   6   GLU GLU B . n 
B 2 3   PRO 3   7   7   PRO PRO B . n 
B 2 4   THR 4   8   8   THR THR B . n 
B 2 5   ALA 5   9   9   ALA ALA B . n 
B 2 6   PRO 6   10  10  PRO PRO B . n 
B 2 7   PRO 7   11  11  PRO PRO B . n 
B 2 8   GLU 8   12  12  GLU GLU B . n 
B 2 9   GLU 9   13  13  GLU GLU B . n 
# 
loop_
_pdbx_nonpoly_scheme.asym_id 
_pdbx_nonpoly_scheme.entity_id 
_pdbx_nonpoly_scheme.mon_id 
_pdbx_nonpoly_scheme.ndb_seq_num 
_pdbx_nonpoly_scheme.pdb_seq_num 
_pdbx_nonpoly_scheme.auth_seq_num 
_pdbx_nonpoly_scheme.pdb_mon_id 
_pdbx_nonpoly_scheme.auth_mon_id 
_pdbx_nonpoly_scheme.pdb_strand_id 
_pdbx_nonpoly_scheme.pdb_ins_code 
C 3 HOH 1   45  45  HOH TIP A . 
C 3 HOH 2   46  46  HOH TIP A . 
C 3 HOH 3   47  47  HOH TIP A . 
C 3 HOH 4   146 1   HOH TIP A . 
C 3 HOH 5   147 147 HOH TIP A . 
C 3 HOH 6   148 2   HOH TIP A . 
C 3 HOH 7   149 3   HOH TIP A . 
C 3 HOH 8   150 150 HOH TIP A . 
C 3 HOH 9   151 4   HOH TIP A . 
C 3 HOH 10  152 152 HOH TIP A . 
C 3 HOH 11  153 5   HOH TIP A . 
C 3 HOH 12  154 154 HOH TIP A . 
C 3 HOH 13  155 155 HOH TIP A . 
C 3 HOH 14  156 6   HOH TIP A . 
C 3 HOH 15  157 157 HOH TIP A . 
C 3 HOH 16  158 7   HOH TIP A . 
C 3 HOH 17  159 8   HOH TIP A . 
C 3 HOH 18  160 160 HOH TIP A . 
C 3 HOH 19  161 9   HOH TIP A . 
C 3 HOH 20  162 162 HOH TIP A . 
C 3 HOH 21  163 10  HOH TIP A . 
C 3 HOH 22  164 11  HOH TIP A . 
C 3 HOH 23  165 165 HOH TIP A . 
C 3 HOH 24  166 166 HOH TIP A . 
C 3 HOH 25  167 12  HOH TIP A . 
C 3 HOH 26  168 13  HOH TIP A . 
C 3 HOH 27  169 14  HOH TIP A . 
C 3 HOH 28  170 170 HOH TIP A . 
C 3 HOH 29  171 15  HOH TIP A . 
C 3 HOH 30  172 172 HOH TIP A . 
C 3 HOH 31  173 16  HOH TIP A . 
C 3 HOH 32  174 174 HOH TIP A . 
C 3 HOH 33  175 175 HOH TIP A . 
C 3 HOH 34  176 17  HOH TIP A . 
C 3 HOH 35  177 177 HOH TIP A . 
C 3 HOH 36  178 18  HOH TIP A . 
C 3 HOH 37  179 19  HOH TIP A . 
C 3 HOH 38  180 20  HOH TIP A . 
C 3 HOH 39  181 21  HOH TIP A . 
C 3 HOH 40  182 22  HOH TIP A . 
C 3 HOH 41  183 23  HOH TIP A . 
C 3 HOH 42  184 184 HOH TIP A . 
C 3 HOH 43  185 24  HOH TIP A . 
C 3 HOH 44  186 25  HOH TIP A . 
C 3 HOH 45  187 187 HOH TIP A . 
C 3 HOH 46  188 26  HOH TIP A . 
C 3 HOH 47  189 27  HOH TIP A . 
C 3 HOH 48  190 28  HOH TIP A . 
C 3 HOH 49  191 29  HOH TIP A . 
C 3 HOH 50  192 30  HOH TIP A . 
C 3 HOH 51  193 31  HOH TIP A . 
C 3 HOH 52  194 32  HOH TIP A . 
C 3 HOH 53  195 33  HOH TIP A . 
C 3 HOH 54  196 34  HOH TIP A . 
C 3 HOH 55  197 35  HOH TIP A . 
C 3 HOH 56  198 36  HOH TIP A . 
C 3 HOH 57  199 38  HOH TIP A . 
C 3 HOH 58  200 39  HOH TIP A . 
C 3 HOH 59  201 40  HOH TIP A . 
C 3 HOH 60  202 41  HOH TIP A . 
C 3 HOH 61  203 42  HOH TIP A . 
C 3 HOH 62  204 43  HOH TIP A . 
C 3 HOH 63  205 44  HOH TIP A . 
C 3 HOH 64  206 48  HOH TIP A . 
C 3 HOH 65  207 51  HOH TIP A . 
C 3 HOH 66  208 52  HOH TIP A . 
C 3 HOH 67  209 53  HOH TIP A . 
C 3 HOH 68  210 54  HOH TIP A . 
C 3 HOH 69  211 55  HOH TIP A . 
C 3 HOH 70  212 56  HOH TIP A . 
C 3 HOH 71  213 57  HOH TIP A . 
C 3 HOH 72  214 58  HOH TIP A . 
C 3 HOH 73  215 59  HOH TIP A . 
C 3 HOH 74  216 60  HOH TIP A . 
C 3 HOH 75  217 61  HOH TIP A . 
C 3 HOH 76  218 62  HOH TIP A . 
C 3 HOH 77  219 63  HOH TIP A . 
C 3 HOH 78  220 64  HOH TIP A . 
C 3 HOH 79  221 65  HOH TIP A . 
C 3 HOH 80  222 66  HOH TIP A . 
C 3 HOH 81  223 67  HOH TIP A . 
C 3 HOH 82  224 68  HOH TIP A . 
C 3 HOH 83  225 69  HOH TIP A . 
C 3 HOH 84  226 70  HOH TIP A . 
C 3 HOH 85  227 71  HOH TIP A . 
C 3 HOH 86  228 72  HOH TIP A . 
C 3 HOH 87  229 73  HOH TIP A . 
C 3 HOH 88  230 74  HOH TIP A . 
C 3 HOH 89  231 75  HOH TIP A . 
C 3 HOH 90  232 76  HOH TIP A . 
C 3 HOH 91  233 77  HOH TIP A . 
C 3 HOH 92  234 79  HOH TIP A . 
C 3 HOH 93  235 80  HOH TIP A . 
C 3 HOH 94  236 81  HOH TIP A . 
C 3 HOH 95  237 82  HOH TIP A . 
C 3 HOH 96  238 83  HOH TIP A . 
C 3 HOH 97  239 84  HOH TIP A . 
C 3 HOH 98  240 85  HOH TIP A . 
C 3 HOH 99  241 86  HOH TIP A . 
C 3 HOH 100 242 87  HOH TIP A . 
C 3 HOH 101 243 88  HOH TIP A . 
C 3 HOH 102 244 89  HOH TIP A . 
C 3 HOH 103 245 90  HOH TIP A . 
C 3 HOH 104 246 91  HOH TIP A . 
C 3 HOH 105 247 92  HOH TIP A . 
C 3 HOH 106 248 93  HOH TIP A . 
C 3 HOH 107 249 94  HOH TIP A . 
C 3 HOH 108 250 95  HOH TIP A . 
C 3 HOH 109 251 96  HOH TIP A . 
C 3 HOH 110 252 97  HOH TIP A . 
C 3 HOH 111 253 98  HOH TIP A . 
C 3 HOH 112 254 99  HOH TIP A . 
C 3 HOH 113 255 100 HOH TIP A . 
C 3 HOH 114 256 101 HOH TIP A . 
C 3 HOH 115 257 102 HOH TIP A . 
C 3 HOH 116 258 104 HOH TIP A . 
C 3 HOH 117 259 105 HOH TIP A . 
C 3 HOH 118 260 106 HOH TIP A . 
C 3 HOH 119 261 107 HOH TIP A . 
C 3 HOH 120 262 108 HOH TIP A . 
C 3 HOH 121 263 110 HOH TIP A . 
C 3 HOH 122 264 111 HOH TIP A . 
C 3 HOH 123 265 112 HOH TIP A . 
C 3 HOH 124 266 113 HOH TIP A . 
C 3 HOH 125 267 114 HOH TIP A . 
C 3 HOH 126 268 115 HOH TIP A . 
C 3 HOH 127 269 116 HOH TIP A . 
C 3 HOH 128 270 117 HOH TIP A . 
C 3 HOH 129 271 119 HOH TIP A . 
C 3 HOH 130 272 120 HOH TIP A . 
C 3 HOH 131 273 122 HOH TIP A . 
C 3 HOH 132 274 125 HOH TIP A . 
C 3 HOH 133 275 126 HOH TIP A . 
C 3 HOH 134 276 128 HOH TIP A . 
C 3 HOH 135 277 129 HOH TIP A . 
C 3 HOH 136 278 131 HOH TIP A . 
C 3 HOH 137 279 132 HOH TIP A . 
C 3 HOH 138 280 133 HOH TIP A . 
C 3 HOH 139 281 135 HOH TIP A . 
C 3 HOH 140 282 136 HOH TIP A . 
C 3 HOH 141 283 137 HOH TIP A . 
C 3 HOH 142 284 139 HOH TIP A . 
C 3 HOH 143 285 140 HOH TIP A . 
C 3 HOH 144 286 141 HOH TIP A . 
C 3 HOH 145 287 142 HOH TIP A . 
C 3 HOH 146 288 156 HOH TIP A . 
D 3 HOH 1   37  37  HOH TIP B . 
D 3 HOH 2   50  50  HOH TIP B . 
D 3 HOH 3   78  78  HOH TIP B . 
D 3 HOH 4   118 118 HOH TIP B . 
D 3 HOH 5   123 123 HOH TIP B . 
D 3 HOH 6   145 145 HOH TIP B . 
D 3 HOH 7   148 148 HOH TIP B . 
D 3 HOH 8   164 164 HOH TIP B . 
D 3 HOH 9   168 168 HOH TIP B . 
D 3 HOH 10  173 173 HOH TIP B . 
# 
_pdbx_struct_assembly.id                   1 
_pdbx_struct_assembly.details              author_and_software_defined_assembly 
_pdbx_struct_assembly.method_details       PISA 
_pdbx_struct_assembly.oligomeric_details   dimeric 
_pdbx_struct_assembly.oligomeric_count     2 
# 
_pdbx_struct_assembly_gen.assembly_id       1 
_pdbx_struct_assembly_gen.oper_expression   1 
_pdbx_struct_assembly_gen.asym_id_list      A,B,C,D 
# 
loop_
_pdbx_struct_assembly_prop.biol_id 
_pdbx_struct_assembly_prop.type 
_pdbx_struct_assembly_prop.value 
_pdbx_struct_assembly_prop.details 
1 'ABSA (A^2)' 1160 ? 
1 MORE         -5   ? 
1 'SSA (A^2)'  8570 ? 
# 
_pdbx_struct_oper_list.id                   1 
_pdbx_struct_oper_list.type                 'identity operation' 
_pdbx_struct_oper_list.name                 1_555 
_pdbx_struct_oper_list.symmetry_operation   x,y,z 
_pdbx_struct_oper_list.matrix[1][1]         1.0000000000 
_pdbx_struct_oper_list.matrix[1][2]         0.0000000000 
_pdbx_struct_oper_list.matrix[1][3]         0.0000000000 
_pdbx_struct_oper_list.vector[1]            0.0000000000 
_pdbx_struct_oper_list.matrix[2][1]         0.0000000000 
_pdbx_struct_oper_list.matrix[2][2]         1.0000000000 
_pdbx_struct_oper_list.matrix[2][3]         0.0000000000 
_pdbx_struct_oper_list.vector[2]            0.0000000000 
_pdbx_struct_oper_list.matrix[3][1]         0.0000000000 
_pdbx_struct_oper_list.matrix[3][2]         0.0000000000 
_pdbx_struct_oper_list.matrix[3][3]         1.0000000000 
_pdbx_struct_oper_list.vector[3]            0.0000000000 
# 
loop_
_pdbx_audit_revision_history.ordinal 
_pdbx_audit_revision_history.data_content_type 
_pdbx_audit_revision_history.major_revision 
_pdbx_audit_revision_history.minor_revision 
_pdbx_audit_revision_history.revision_date 
1 'Structure model' 1 0 2010-12-01 
2 'Structure model' 1 1 2011-07-13 
3 'Structure model' 1 2 2023-09-06 
# 
_pdbx_audit_revision_details.ordinal             1 
_pdbx_audit_revision_details.revision_ordinal    1 
_pdbx_audit_revision_details.data_content_type   'Structure model' 
_pdbx_audit_revision_details.provider            repository 
_pdbx_audit_revision_details.type                'Initial release' 
_pdbx_audit_revision_details.description         ? 
_pdbx_audit_revision_details.details             ? 
# 
loop_
_pdbx_audit_revision_group.ordinal 
_pdbx_audit_revision_group.revision_ordinal 
_pdbx_audit_revision_group.data_content_type 
_pdbx_audit_revision_group.group 
1 2 'Structure model' 'Version format compliance' 
2 3 'Structure model' 'Data collection'           
3 3 'Structure model' 'Database references'       
4 3 'Structure model' 'Refinement description'    
# 
loop_
_pdbx_audit_revision_category.ordinal 
_pdbx_audit_revision_category.revision_ordinal 
_pdbx_audit_revision_category.data_content_type 
_pdbx_audit_revision_category.category 
1 3 'Structure model' chem_comp_atom                
2 3 'Structure model' chem_comp_bond                
3 3 'Structure model' database_2                    
4 3 'Structure model' pdbx_initial_refinement_model 
5 3 'Structure model' struct_ref_seq_dif            
# 
loop_
_pdbx_audit_revision_item.ordinal 
_pdbx_audit_revision_item.revision_ordinal 
_pdbx_audit_revision_item.data_content_type 
_pdbx_audit_revision_item.item 
1 3 'Structure model' '_database_2.pdbx_DOI'                
2 3 'Structure model' '_database_2.pdbx_database_accession' 
3 3 'Structure model' '_struct_ref_seq_dif.details'         
# 
loop_
_software.name 
_software.classification 
_software.version 
_software.citation_id 
_software.pdbx_ordinal 
HKL-2000 'data collection' .   ? 1 
MOLREP   phasing           .   ? 2 
CNS      refinement        1.1 ? 3 
HKL-2000 'data reduction'  .   ? 4 
HKL-2000 'data scaling'    .   ? 5 
# 
_pdbx_entry_details.entry_id                 3OBU 
_pdbx_entry_details.nonpolymer_details       ? 
_pdbx_entry_details.sequence_details         'ENGINEERED MUTATION 43VFNDGS48 -> GTG' 
_pdbx_entry_details.compound_details         ? 
_pdbx_entry_details.source_details           ? 
_pdbx_entry_details.has_ligand_of_interest   ? 
# 
loop_
_pdbx_unobs_or_zero_occ_residues.id 
_pdbx_unobs_or_zero_occ_residues.PDB_model_num 
_pdbx_unobs_or_zero_occ_residues.polymer_flag 
_pdbx_unobs_or_zero_occ_residues.occupancy_flag 
_pdbx_unobs_or_zero_occ_residues.auth_asym_id 
_pdbx_unobs_or_zero_occ_residues.auth_comp_id 
_pdbx_unobs_or_zero_occ_residues.auth_seq_id 
_pdbx_unobs_or_zero_occ_residues.PDB_ins_code 
_pdbx_unobs_or_zero_occ_residues.label_asym_id 
_pdbx_unobs_or_zero_occ_residues.label_comp_id 
_pdbx_unobs_or_zero_occ_residues.label_seq_id 
1 1 Y 1 A GLY -3 ? A GLY 1 
2 1 Y 1 A ALA -2 ? A ALA 2 
3 1 Y 1 A MET -1 ? A MET 3 
4 1 Y 1 A GLY 0  ? A GLY 4 
# 
loop_
_chem_comp_atom.comp_id 
_chem_comp_atom.atom_id 
_chem_comp_atom.type_symbol 
_chem_comp_atom.pdbx_aromatic_flag 
_chem_comp_atom.pdbx_stereo_config 
_chem_comp_atom.pdbx_ordinal 
ALA N    N N N 1   
ALA CA   C N S 2   
ALA C    C N N 3   
ALA O    O N N 4   
ALA CB   C N N 5   
ALA OXT  O N N 6   
ALA H    H N N 7   
ALA H2   H N N 8   
ALA HA   H N N 9   
ALA HB1  H N N 10  
ALA HB2  H N N 11  
ALA HB3  H N N 12  
ALA HXT  H N N 13  
ARG N    N N N 14  
ARG CA   C N S 15  
ARG C    C N N 16  
ARG O    O N N 17  
ARG CB   C N N 18  
ARG CG   C N N 19  
ARG CD   C N N 20  
ARG NE   N N N 21  
ARG CZ   C N N 22  
ARG NH1  N N N 23  
ARG NH2  N N N 24  
ARG OXT  O N N 25  
ARG H    H N N 26  
ARG H2   H N N 27  
ARG HA   H N N 28  
ARG HB2  H N N 29  
ARG HB3  H N N 30  
ARG HG2  H N N 31  
ARG HG3  H N N 32  
ARG HD2  H N N 33  
ARG HD3  H N N 34  
ARG HE   H N N 35  
ARG HH11 H N N 36  
ARG HH12 H N N 37  
ARG HH21 H N N 38  
ARG HH22 H N N 39  
ARG HXT  H N N 40  
ASN N    N N N 41  
ASN CA   C N S 42  
ASN C    C N N 43  
ASN O    O N N 44  
ASN CB   C N N 45  
ASN CG   C N N 46  
ASN OD1  O N N 47  
ASN ND2  N N N 48  
ASN OXT  O N N 49  
ASN H    H N N 50  
ASN H2   H N N 51  
ASN HA   H N N 52  
ASN HB2  H N N 53  
ASN HB3  H N N 54  
ASN HD21 H N N 55  
ASN HD22 H N N 56  
ASN HXT  H N N 57  
ASP N    N N N 58  
ASP CA   C N S 59  
ASP C    C N N 60  
ASP O    O N N 61  
ASP CB   C N N 62  
ASP CG   C N N 63  
ASP OD1  O N N 64  
ASP OD2  O N N 65  
ASP OXT  O N N 66  
ASP H    H N N 67  
ASP H2   H N N 68  
ASP HA   H N N 69  
ASP HB2  H N N 70  
ASP HB3  H N N 71  
ASP HD2  H N N 72  
ASP HXT  H N N 73  
CYS N    N N N 74  
CYS CA   C N R 75  
CYS C    C N N 76  
CYS O    O N N 77  
CYS CB   C N N 78  
CYS SG   S N N 79  
CYS OXT  O N N 80  
CYS H    H N N 81  
CYS H2   H N N 82  
CYS HA   H N N 83  
CYS HB2  H N N 84  
CYS HB3  H N N 85  
CYS HG   H N N 86  
CYS HXT  H N N 87  
GLN N    N N N 88  
GLN CA   C N S 89  
GLN C    C N N 90  
GLN O    O N N 91  
GLN CB   C N N 92  
GLN CG   C N N 93  
GLN CD   C N N 94  
GLN OE1  O N N 95  
GLN NE2  N N N 96  
GLN OXT  O N N 97  
GLN H    H N N 98  
GLN H2   H N N 99  
GLN HA   H N N 100 
GLN HB2  H N N 101 
GLN HB3  H N N 102 
GLN HG2  H N N 103 
GLN HG3  H N N 104 
GLN HE21 H N N 105 
GLN HE22 H N N 106 
GLN HXT  H N N 107 
GLU N    N N N 108 
GLU CA   C N S 109 
GLU C    C N N 110 
GLU O    O N N 111 
GLU CB   C N N 112 
GLU CG   C N N 113 
GLU CD   C N N 114 
GLU OE1  O N N 115 
GLU OE2  O N N 116 
GLU OXT  O N N 117 
GLU H    H N N 118 
GLU H2   H N N 119 
GLU HA   H N N 120 
GLU HB2  H N N 121 
GLU HB3  H N N 122 
GLU HG2  H N N 123 
GLU HG3  H N N 124 
GLU HE2  H N N 125 
GLU HXT  H N N 126 
GLY N    N N N 127 
GLY CA   C N N 128 
GLY C    C N N 129 
GLY O    O N N 130 
GLY OXT  O N N 131 
GLY H    H N N 132 
GLY H2   H N N 133 
GLY HA2  H N N 134 
GLY HA3  H N N 135 
GLY HXT  H N N 136 
HIS N    N N N 137 
HIS CA   C N S 138 
HIS C    C N N 139 
HIS O    O N N 140 
HIS CB   C N N 141 
HIS CG   C Y N 142 
HIS ND1  N Y N 143 
HIS CD2  C Y N 144 
HIS CE1  C Y N 145 
HIS NE2  N Y N 146 
HIS OXT  O N N 147 
HIS H    H N N 148 
HIS H2   H N N 149 
HIS HA   H N N 150 
HIS HB2  H N N 151 
HIS HB3  H N N 152 
HIS HD1  H N N 153 
HIS HD2  H N N 154 
HIS HE1  H N N 155 
HIS HE2  H N N 156 
HIS HXT  H N N 157 
HOH O    O N N 158 
HOH H1   H N N 159 
HOH H2   H N N 160 
ILE N    N N N 161 
ILE CA   C N S 162 
ILE C    C N N 163 
ILE O    O N N 164 
ILE CB   C N S 165 
ILE CG1  C N N 166 
ILE CG2  C N N 167 
ILE CD1  C N N 168 
ILE OXT  O N N 169 
ILE H    H N N 170 
ILE H2   H N N 171 
ILE HA   H N N 172 
ILE HB   H N N 173 
ILE HG12 H N N 174 
ILE HG13 H N N 175 
ILE HG21 H N N 176 
ILE HG22 H N N 177 
ILE HG23 H N N 178 
ILE HD11 H N N 179 
ILE HD12 H N N 180 
ILE HD13 H N N 181 
ILE HXT  H N N 182 
LEU N    N N N 183 
LEU CA   C N S 184 
LEU C    C N N 185 
LEU O    O N N 186 
LEU CB   C N N 187 
LEU CG   C N N 188 
LEU CD1  C N N 189 
LEU CD2  C N N 190 
LEU OXT  O N N 191 
LEU H    H N N 192 
LEU H2   H N N 193 
LEU HA   H N N 194 
LEU HB2  H N N 195 
LEU HB3  H N N 196 
LEU HG   H N N 197 
LEU HD11 H N N 198 
LEU HD12 H N N 199 
LEU HD13 H N N 200 
LEU HD21 H N N 201 
LEU HD22 H N N 202 
LEU HD23 H N N 203 
LEU HXT  H N N 204 
LYS N    N N N 205 
LYS CA   C N S 206 
LYS C    C N N 207 
LYS O    O N N 208 
LYS CB   C N N 209 
LYS CG   C N N 210 
LYS CD   C N N 211 
LYS CE   C N N 212 
LYS NZ   N N N 213 
LYS OXT  O N N 214 
LYS H    H N N 215 
LYS H2   H N N 216 
LYS HA   H N N 217 
LYS HB2  H N N 218 
LYS HB3  H N N 219 
LYS HG2  H N N 220 
LYS HG3  H N N 221 
LYS HD2  H N N 222 
LYS HD3  H N N 223 
LYS HE2  H N N 224 
LYS HE3  H N N 225 
LYS HZ1  H N N 226 
LYS HZ2  H N N 227 
LYS HZ3  H N N 228 
LYS HXT  H N N 229 
MET N    N N N 230 
MET CA   C N S 231 
MET C    C N N 232 
MET O    O N N 233 
MET CB   C N N 234 
MET CG   C N N 235 
MET SD   S N N 236 
MET CE   C N N 237 
MET OXT  O N N 238 
MET H    H N N 239 
MET H2   H N N 240 
MET HA   H N N 241 
MET HB2  H N N 242 
MET HB3  H N N 243 
MET HG2  H N N 244 
MET HG3  H N N 245 
MET HE1  H N N 246 
MET HE2  H N N 247 
MET HE3  H N N 248 
MET HXT  H N N 249 
PHE N    N N N 250 
PHE CA   C N S 251 
PHE C    C N N 252 
PHE O    O N N 253 
PHE CB   C N N 254 
PHE CG   C Y N 255 
PHE CD1  C Y N 256 
PHE CD2  C Y N 257 
PHE CE1  C Y N 258 
PHE CE2  C Y N 259 
PHE CZ   C Y N 260 
PHE OXT  O N N 261 
PHE H    H N N 262 
PHE H2   H N N 263 
PHE HA   H N N 264 
PHE HB2  H N N 265 
PHE HB3  H N N 266 
PHE HD1  H N N 267 
PHE HD2  H N N 268 
PHE HE1  H N N 269 
PHE HE2  H N N 270 
PHE HZ   H N N 271 
PHE HXT  H N N 272 
PRO N    N N N 273 
PRO CA   C N S 274 
PRO C    C N N 275 
PRO O    O N N 276 
PRO CB   C N N 277 
PRO CG   C N N 278 
PRO CD   C N N 279 
PRO OXT  O N N 280 
PRO H    H N N 281 
PRO HA   H N N 282 
PRO HB2  H N N 283 
PRO HB3  H N N 284 
PRO HG2  H N N 285 
PRO HG3  H N N 286 
PRO HD2  H N N 287 
PRO HD3  H N N 288 
PRO HXT  H N N 289 
SER N    N N N 290 
SER CA   C N S 291 
SER C    C N N 292 
SER O    O N N 293 
SER CB   C N N 294 
SER OG   O N N 295 
SER OXT  O N N 296 
SER H    H N N 297 
SER H2   H N N 298 
SER HA   H N N 299 
SER HB2  H N N 300 
SER HB3  H N N 301 
SER HG   H N N 302 
SER HXT  H N N 303 
THR N    N N N 304 
THR CA   C N S 305 
THR C    C N N 306 
THR O    O N N 307 
THR CB   C N R 308 
THR OG1  O N N 309 
THR CG2  C N N 310 
THR OXT  O N N 311 
THR H    H N N 312 
THR H2   H N N 313 
THR HA   H N N 314 
THR HB   H N N 315 
THR HG1  H N N 316 
THR HG21 H N N 317 
THR HG22 H N N 318 
THR HG23 H N N 319 
THR HXT  H N N 320 
TRP N    N N N 321 
TRP CA   C N S 322 
TRP C    C N N 323 
TRP O    O N N 324 
TRP CB   C N N 325 
TRP CG   C Y N 326 
TRP CD1  C Y N 327 
TRP CD2  C Y N 328 
TRP NE1  N Y N 329 
TRP CE2  C Y N 330 
TRP CE3  C Y N 331 
TRP CZ2  C Y N 332 
TRP CZ3  C Y N 333 
TRP CH2  C Y N 334 
TRP OXT  O N N 335 
TRP H    H N N 336 
TRP H2   H N N 337 
TRP HA   H N N 338 
TRP HB2  H N N 339 
TRP HB3  H N N 340 
TRP HD1  H N N 341 
TRP HE1  H N N 342 
TRP HE3  H N N 343 
TRP HZ2  H N N 344 
TRP HZ3  H N N 345 
TRP HH2  H N N 346 
TRP HXT  H N N 347 
TYR N    N N N 348 
TYR CA   C N S 349 
TYR C    C N N 350 
TYR O    O N N 351 
TYR CB   C N N 352 
TYR CG   C Y N 353 
TYR CD1  C Y N 354 
TYR CD2  C Y N 355 
TYR CE1  C Y N 356 
TYR CE2  C Y N 357 
TYR CZ   C Y N 358 
TYR OH   O N N 359 
TYR OXT  O N N 360 
TYR H    H N N 361 
TYR H2   H N N 362 
TYR HA   H N N 363 
TYR HB2  H N N 364 
TYR HB3  H N N 365 
TYR HD1  H N N 366 
TYR HD2  H N N 367 
TYR HE1  H N N 368 
TYR HE2  H N N 369 
TYR HH   H N N 370 
TYR HXT  H N N 371 
VAL N    N N N 372 
VAL CA   C N S 373 
VAL C    C N N 374 
VAL O    O N N 375 
VAL CB   C N N 376 
VAL CG1  C N N 377 
VAL CG2  C N N 378 
VAL OXT  O N N 379 
VAL H    H N N 380 
VAL H2   H N N 381 
VAL HA   H N N 382 
VAL HB   H N N 383 
VAL HG11 H N N 384 
VAL HG12 H N N 385 
VAL HG13 H N N 386 
VAL HG21 H N N 387 
VAL HG22 H N N 388 
VAL HG23 H N N 389 
VAL HXT  H N N 390 
# 
loop_
_chem_comp_bond.comp_id 
_chem_comp_bond.atom_id_1 
_chem_comp_bond.atom_id_2 
_chem_comp_bond.value_order 
_chem_comp_bond.pdbx_aromatic_flag 
_chem_comp_bond.pdbx_stereo_config 
_chem_comp_bond.pdbx_ordinal 
ALA N   CA   sing N N 1   
ALA N   H    sing N N 2   
ALA N   H2   sing N N 3   
ALA CA  C    sing N N 4   
ALA CA  CB   sing N N 5   
ALA CA  HA   sing N N 6   
ALA C   O    doub N N 7   
ALA C   OXT  sing N N 8   
ALA CB  HB1  sing N N 9   
ALA CB  HB2  sing N N 10  
ALA CB  HB3  sing N N 11  
ALA OXT HXT  sing N N 12  
ARG N   CA   sing N N 13  
ARG N   H    sing N N 14  
ARG N   H2   sing N N 15  
ARG CA  C    sing N N 16  
ARG CA  CB   sing N N 17  
ARG CA  HA   sing N N 18  
ARG C   O    doub N N 19  
ARG C   OXT  sing N N 20  
ARG CB  CG   sing N N 21  
ARG CB  HB2  sing N N 22  
ARG CB  HB3  sing N N 23  
ARG CG  CD   sing N N 24  
ARG CG  HG2  sing N N 25  
ARG CG  HG3  sing N N 26  
ARG CD  NE   sing N N 27  
ARG CD  HD2  sing N N 28  
ARG CD  HD3  sing N N 29  
ARG NE  CZ   sing N N 30  
ARG NE  HE   sing N N 31  
ARG CZ  NH1  sing N N 32  
ARG CZ  NH2  doub N N 33  
ARG NH1 HH11 sing N N 34  
ARG NH1 HH12 sing N N 35  
ARG NH2 HH21 sing N N 36  
ARG NH2 HH22 sing N N 37  
ARG OXT HXT  sing N N 38  
ASN N   CA   sing N N 39  
ASN N   H    sing N N 40  
ASN N   H2   sing N N 41  
ASN CA  C    sing N N 42  
ASN CA  CB   sing N N 43  
ASN CA  HA   sing N N 44  
ASN C   O    doub N N 45  
ASN C   OXT  sing N N 46  
ASN CB  CG   sing N N 47  
ASN CB  HB2  sing N N 48  
ASN CB  HB3  sing N N 49  
ASN CG  OD1  doub N N 50  
ASN CG  ND2  sing N N 51  
ASN ND2 HD21 sing N N 52  
ASN ND2 HD22 sing N N 53  
ASN OXT HXT  sing N N 54  
ASP N   CA   sing N N 55  
ASP N   H    sing N N 56  
ASP N   H2   sing N N 57  
ASP CA  C    sing N N 58  
ASP CA  CB   sing N N 59  
ASP CA  HA   sing N N 60  
ASP C   O    doub N N 61  
ASP C   OXT  sing N N 62  
ASP CB  CG   sing N N 63  
ASP CB  HB2  sing N N 64  
ASP CB  HB3  sing N N 65  
ASP CG  OD1  doub N N 66  
ASP CG  OD2  sing N N 67  
ASP OD2 HD2  sing N N 68  
ASP OXT HXT  sing N N 69  
CYS N   CA   sing N N 70  
CYS N   H    sing N N 71  
CYS N   H2   sing N N 72  
CYS CA  C    sing N N 73  
CYS CA  CB   sing N N 74  
CYS CA  HA   sing N N 75  
CYS C   O    doub N N 76  
CYS C   OXT  sing N N 77  
CYS CB  SG   sing N N 78  
CYS CB  HB2  sing N N 79  
CYS CB  HB3  sing N N 80  
CYS SG  HG   sing N N 81  
CYS OXT HXT  sing N N 82  
GLN N   CA   sing N N 83  
GLN N   H    sing N N 84  
GLN N   H2   sing N N 85  
GLN CA  C    sing N N 86  
GLN CA  CB   sing N N 87  
GLN CA  HA   sing N N 88  
GLN C   O    doub N N 89  
GLN C   OXT  sing N N 90  
GLN CB  CG   sing N N 91  
GLN CB  HB2  sing N N 92  
GLN CB  HB3  sing N N 93  
GLN CG  CD   sing N N 94  
GLN CG  HG2  sing N N 95  
GLN CG  HG3  sing N N 96  
GLN CD  OE1  doub N N 97  
GLN CD  NE2  sing N N 98  
GLN NE2 HE21 sing N N 99  
GLN NE2 HE22 sing N N 100 
GLN OXT HXT  sing N N 101 
GLU N   CA   sing N N 102 
GLU N   H    sing N N 103 
GLU N   H2   sing N N 104 
GLU CA  C    sing N N 105 
GLU CA  CB   sing N N 106 
GLU CA  HA   sing N N 107 
GLU C   O    doub N N 108 
GLU C   OXT  sing N N 109 
GLU CB  CG   sing N N 110 
GLU CB  HB2  sing N N 111 
GLU CB  HB3  sing N N 112 
GLU CG  CD   sing N N 113 
GLU CG  HG2  sing N N 114 
GLU CG  HG3  sing N N 115 
GLU CD  OE1  doub N N 116 
GLU CD  OE2  sing N N 117 
GLU OE2 HE2  sing N N 118 
GLU OXT HXT  sing N N 119 
GLY N   CA   sing N N 120 
GLY N   H    sing N N 121 
GLY N   H2   sing N N 122 
GLY CA  C    sing N N 123 
GLY CA  HA2  sing N N 124 
GLY CA  HA3  sing N N 125 
GLY C   O    doub N N 126 
GLY C   OXT  sing N N 127 
GLY OXT HXT  sing N N 128 
HIS N   CA   sing N N 129 
HIS N   H    sing N N 130 
HIS N   H2   sing N N 131 
HIS CA  C    sing N N 132 
HIS CA  CB   sing N N 133 
HIS CA  HA   sing N N 134 
HIS C   O    doub N N 135 
HIS C   OXT  sing N N 136 
HIS CB  CG   sing N N 137 
HIS CB  HB2  sing N N 138 
HIS CB  HB3  sing N N 139 
HIS CG  ND1  sing Y N 140 
HIS CG  CD2  doub Y N 141 
HIS ND1 CE1  doub Y N 142 
HIS ND1 HD1  sing N N 143 
HIS CD2 NE2  sing Y N 144 
HIS CD2 HD2  sing N N 145 
HIS CE1 NE2  sing Y N 146 
HIS CE1 HE1  sing N N 147 
HIS NE2 HE2  sing N N 148 
HIS OXT HXT  sing N N 149 
HOH O   H1   sing N N 150 
HOH O   H2   sing N N 151 
ILE N   CA   sing N N 152 
ILE N   H    sing N N 153 
ILE N   H2   sing N N 154 
ILE CA  C    sing N N 155 
ILE CA  CB   sing N N 156 
ILE CA  HA   sing N N 157 
ILE C   O    doub N N 158 
ILE C   OXT  sing N N 159 
ILE CB  CG1  sing N N 160 
ILE CB  CG2  sing N N 161 
ILE CB  HB   sing N N 162 
ILE CG1 CD1  sing N N 163 
ILE CG1 HG12 sing N N 164 
ILE CG1 HG13 sing N N 165 
ILE CG2 HG21 sing N N 166 
ILE CG2 HG22 sing N N 167 
ILE CG2 HG23 sing N N 168 
ILE CD1 HD11 sing N N 169 
ILE CD1 HD12 sing N N 170 
ILE CD1 HD13 sing N N 171 
ILE OXT HXT  sing N N 172 
LEU N   CA   sing N N 173 
LEU N   H    sing N N 174 
LEU N   H2   sing N N 175 
LEU CA  C    sing N N 176 
LEU CA  CB   sing N N 177 
LEU CA  HA   sing N N 178 
LEU C   O    doub N N 179 
LEU C   OXT  sing N N 180 
LEU CB  CG   sing N N 181 
LEU CB  HB2  sing N N 182 
LEU CB  HB3  sing N N 183 
LEU CG  CD1  sing N N 184 
LEU CG  CD2  sing N N 185 
LEU CG  HG   sing N N 186 
LEU CD1 HD11 sing N N 187 
LEU CD1 HD12 sing N N 188 
LEU CD1 HD13 sing N N 189 
LEU CD2 HD21 sing N N 190 
LEU CD2 HD22 sing N N 191 
LEU CD2 HD23 sing N N 192 
LEU OXT HXT  sing N N 193 
LYS N   CA   sing N N 194 
LYS N   H    sing N N 195 
LYS N   H2   sing N N 196 
LYS CA  C    sing N N 197 
LYS CA  CB   sing N N 198 
LYS CA  HA   sing N N 199 
LYS C   O    doub N N 200 
LYS C   OXT  sing N N 201 
LYS CB  CG   sing N N 202 
LYS CB  HB2  sing N N 203 
LYS CB  HB3  sing N N 204 
LYS CG  CD   sing N N 205 
LYS CG  HG2  sing N N 206 
LYS CG  HG3  sing N N 207 
LYS CD  CE   sing N N 208 
LYS CD  HD2  sing N N 209 
LYS CD  HD3  sing N N 210 
LYS CE  NZ   sing N N 211 
LYS CE  HE2  sing N N 212 
LYS CE  HE3  sing N N 213 
LYS NZ  HZ1  sing N N 214 
LYS NZ  HZ2  sing N N 215 
LYS NZ  HZ3  sing N N 216 
LYS OXT HXT  sing N N 217 
MET N   CA   sing N N 218 
MET N   H    sing N N 219 
MET N   H2   sing N N 220 
MET CA  C    sing N N 221 
MET CA  CB   sing N N 222 
MET CA  HA   sing N N 223 
MET C   O    doub N N 224 
MET C   OXT  sing N N 225 
MET CB  CG   sing N N 226 
MET CB  HB2  sing N N 227 
MET CB  HB3  sing N N 228 
MET CG  SD   sing N N 229 
MET CG  HG2  sing N N 230 
MET CG  HG3  sing N N 231 
MET SD  CE   sing N N 232 
MET CE  HE1  sing N N 233 
MET CE  HE2  sing N N 234 
MET CE  HE3  sing N N 235 
MET OXT HXT  sing N N 236 
PHE N   CA   sing N N 237 
PHE N   H    sing N N 238 
PHE N   H2   sing N N 239 
PHE CA  C    sing N N 240 
PHE CA  CB   sing N N 241 
PHE CA  HA   sing N N 242 
PHE C   O    doub N N 243 
PHE C   OXT  sing N N 244 
PHE CB  CG   sing N N 245 
PHE CB  HB2  sing N N 246 
PHE CB  HB3  sing N N 247 
PHE CG  CD1  doub Y N 248 
PHE CG  CD2  sing Y N 249 
PHE CD1 CE1  sing Y N 250 
PHE CD1 HD1  sing N N 251 
PHE CD2 CE2  doub Y N 252 
PHE CD2 HD2  sing N N 253 
PHE CE1 CZ   doub Y N 254 
PHE CE1 HE1  sing N N 255 
PHE CE2 CZ   sing Y N 256 
PHE CE2 HE2  sing N N 257 
PHE CZ  HZ   sing N N 258 
PHE OXT HXT  sing N N 259 
PRO N   CA   sing N N 260 
PRO N   CD   sing N N 261 
PRO N   H    sing N N 262 
PRO CA  C    sing N N 263 
PRO CA  CB   sing N N 264 
PRO CA  HA   sing N N 265 
PRO C   O    doub N N 266 
PRO C   OXT  sing N N 267 
PRO CB  CG   sing N N 268 
PRO CB  HB2  sing N N 269 
PRO CB  HB3  sing N N 270 
PRO CG  CD   sing N N 271 
PRO CG  HG2  sing N N 272 
PRO CG  HG3  sing N N 273 
PRO CD  HD2  sing N N 274 
PRO CD  HD3  sing N N 275 
PRO OXT HXT  sing N N 276 
SER N   CA   sing N N 277 
SER N   H    sing N N 278 
SER N   H2   sing N N 279 
SER CA  C    sing N N 280 
SER CA  CB   sing N N 281 
SER CA  HA   sing N N 282 
SER C   O    doub N N 283 
SER C   OXT  sing N N 284 
SER CB  OG   sing N N 285 
SER CB  HB2  sing N N 286 
SER CB  HB3  sing N N 287 
SER OG  HG   sing N N 288 
SER OXT HXT  sing N N 289 
THR N   CA   sing N N 290 
THR N   H    sing N N 291 
THR N   H2   sing N N 292 
THR CA  C    sing N N 293 
THR CA  CB   sing N N 294 
THR CA  HA   sing N N 295 
THR C   O    doub N N 296 
THR C   OXT  sing N N 297 
THR CB  OG1  sing N N 298 
THR CB  CG2  sing N N 299 
THR CB  HB   sing N N 300 
THR OG1 HG1  sing N N 301 
THR CG2 HG21 sing N N 302 
THR CG2 HG22 sing N N 303 
THR CG2 HG23 sing N N 304 
THR OXT HXT  sing N N 305 
TRP N   CA   sing N N 306 
TRP N   H    sing N N 307 
TRP N   H2   sing N N 308 
TRP CA  C    sing N N 309 
TRP CA  CB   sing N N 310 
TRP CA  HA   sing N N 311 
TRP C   O    doub N N 312 
TRP C   OXT  sing N N 313 
TRP CB  CG   sing N N 314 
TRP CB  HB2  sing N N 315 
TRP CB  HB3  sing N N 316 
TRP CG  CD1  doub Y N 317 
TRP CG  CD2  sing Y N 318 
TRP CD1 NE1  sing Y N 319 
TRP CD1 HD1  sing N N 320 
TRP CD2 CE2  doub Y N 321 
TRP CD2 CE3  sing Y N 322 
TRP NE1 CE2  sing Y N 323 
TRP NE1 HE1  sing N N 324 
TRP CE2 CZ2  sing Y N 325 
TRP CE3 CZ3  doub Y N 326 
TRP CE3 HE3  sing N N 327 
TRP CZ2 CH2  doub Y N 328 
TRP CZ2 HZ2  sing N N 329 
TRP CZ3 CH2  sing Y N 330 
TRP CZ3 HZ3  sing N N 331 
TRP CH2 HH2  sing N N 332 
TRP OXT HXT  sing N N 333 
TYR N   CA   sing N N 334 
TYR N   H    sing N N 335 
TYR N   H2   sing N N 336 
TYR CA  C    sing N N 337 
TYR CA  CB   sing N N 338 
TYR CA  HA   sing N N 339 
TYR C   O    doub N N 340 
TYR C   OXT  sing N N 341 
TYR CB  CG   sing N N 342 
TYR CB  HB2  sing N N 343 
TYR CB  HB3  sing N N 344 
TYR CG  CD1  doub Y N 345 
TYR CG  CD2  sing Y N 346 
TYR CD1 CE1  sing Y N 347 
TYR CD1 HD1  sing N N 348 
TYR CD2 CE2  doub Y N 349 
TYR CD2 HD2  sing N N 350 
TYR CE1 CZ   doub Y N 351 
TYR CE1 HE1  sing N N 352 
TYR CE2 CZ   sing Y N 353 
TYR CE2 HE2  sing N N 354 
TYR CZ  OH   sing N N 355 
TYR OH  HH   sing N N 356 
TYR OXT HXT  sing N N 357 
VAL N   CA   sing N N 358 
VAL N   H    sing N N 359 
VAL N   H2   sing N N 360 
VAL CA  C    sing N N 361 
VAL CA  CB   sing N N 362 
VAL CA  HA   sing N N 363 
VAL C   O    doub N N 364 
VAL C   OXT  sing N N 365 
VAL CB  CG1  sing N N 366 
VAL CB  CG2  sing N N 367 
VAL CB  HB   sing N N 368 
VAL CG1 HG11 sing N N 369 
VAL CG1 HG12 sing N N 370 
VAL CG1 HG13 sing N N 371 
VAL CG2 HG21 sing N N 372 
VAL CG2 HG22 sing N N 373 
VAL CG2 HG23 sing N N 374 
VAL OXT HXT  sing N N 375 
# 
_pdbx_entity_nonpoly.entity_id   3 
_pdbx_entity_nonpoly.name        water 
_pdbx_entity_nonpoly.comp_id     HOH 
# 
_pdbx_initial_refinement_model.id               1 
_pdbx_initial_refinement_model.entity_id_list   ? 
_pdbx_initial_refinement_model.type             'experimental model' 
_pdbx_initial_refinement_model.source_name      PDB 
_pdbx_initial_refinement_model.accession_code   2F0R 
_pdbx_initial_refinement_model.details          'PDB ENTRY 2F0R' 
# 
